data_3D6K
#
_entry.id   3D6K
#
_cell.length_a   89.248
_cell.length_b   56.081
_cell.length_c   173.592
_cell.angle_alpha   90.00
_cell.angle_beta   102.47
_cell.angle_gamma   90.00
#
_symmetry.space_group_name_H-M   'P 1 21 1'
#
loop_
_entity.id
_entity.type
_entity.pdbx_description
1 polymer 'Putative aminotransferase'
2 non-polymer 'SULFATE ION'
3 non-polymer 'CHLORIDE ION'
4 non-polymer 1,2-ETHANEDIOL
5 water water
#
_entity_poly.entity_id   1
_entity_poly.type   'polypeptide(L)'
_entity_poly.pdbx_seq_one_letter_code
;SNA(MSE)SLKDYDAARLAQVREEVTAKYAELKAKNLSLDLTRGKPSAEQLDLSNDLLSLPGGDFRTKDGVDCRNYGGLL
GIADIRELWAEALGLPADLVVAQDGSSLNI(MSE)FDLISWSYTWGNNDSSRPWSAEEKVKWLCPVPGYDRHFTITEHFG
FE(MSE)INVP(MSE)TDEGPD(MSE)GVVRELVKDPQVKG(MSE)WTVPVFGNPTGVTFSEQTCRELAE(MSE)STAAP
DFRIVWDNAYALHTLSDEFPIVHNVIEFAQAAGNPNRFWF(MSE)SSTSKITHAGSGVSFFASSKENIEWYASHANVRGI
GPNKLNQLAHAQFFGDVAGLKAH(MSE)LKHAASLAPKFERVLEILDSRLSEYGVAKWTSPTGGYFISVDVVPGTASRVV
ELAKEAGIALTGAGSSFPLHNDPNNENIRLAPSLPPVAELEVA(MSE)DGFATCVL(MSE)AALEV
;
_entity_poly.pdbx_strand_id   A,B,C,D
#
# COMPACT_ATOMS: atom_id res chain seq x y z
N ARG A 18 42.74 -32.07 1.99
CA ARG A 18 41.52 -32.87 1.97
C ARG A 18 41.11 -33.43 3.32
N GLU A 19 41.68 -34.52 3.83
CA GLU A 19 41.09 -34.90 5.11
C GLU A 19 41.63 -34.02 6.26
N GLU A 20 42.73 -33.29 5.94
CA GLU A 20 43.32 -32.32 6.87
C GLU A 20 42.51 -31.02 6.88
N VAL A 21 41.87 -30.74 5.76
CA VAL A 21 40.93 -29.62 5.63
C VAL A 21 39.58 -30.02 6.24
N THR A 22 39.24 -31.31 6.07
CA THR A 22 38.02 -31.88 6.64
C THR A 22 38.08 -31.74 8.16
N ALA A 23 39.30 -32.01 8.72
CA ALA A 23 39.54 -31.90 10.16
C ALA A 23 39.51 -30.43 10.59
N LYS A 24 40.22 -29.59 9.84
CA LYS A 24 40.30 -28.15 10.14
C LYS A 24 38.90 -27.50 10.36
N TYR A 25 37.90 -27.97 9.57
CA TYR A 25 36.52 -27.50 9.75
C TYR A 25 35.96 -27.91 11.09
N ALA A 26 36.13 -29.20 11.42
CA ALA A 26 35.63 -29.77 12.65
C ALA A 26 36.26 -29.04 13.84
N GLU A 27 37.58 -28.83 13.75
CA GLU A 27 38.32 -28.07 14.76
C GLU A 27 37.71 -26.68 14.93
N LEU A 28 37.43 -26.04 13.81
CA LEU A 28 36.77 -24.72 13.79
C LEU A 28 35.41 -24.80 14.48
N LYS A 29 34.63 -25.80 14.09
CA LYS A 29 33.31 -26.08 14.70
C LYS A 29 33.36 -26.30 16.22
N ALA A 30 34.33 -27.11 16.67
CA ALA A 30 34.50 -27.39 18.10
C ALA A 30 34.85 -26.16 18.93
N LYS A 31 35.38 -25.14 18.26
CA LYS A 31 35.86 -23.93 18.95
C LYS A 31 34.73 -23.05 19.51
N ASN A 32 33.49 -23.40 19.18
CA ASN A 32 32.31 -22.68 19.64
C ASN A 32 32.41 -21.18 19.38
N LEU A 33 32.79 -20.85 18.15
CA LEU A 33 33.11 -19.49 17.76
C LEU A 33 31.88 -18.56 17.67
N SER A 34 32.15 -17.27 17.78
CA SER A 34 31.14 -16.25 17.60
C SER A 34 31.84 -14.97 17.14
N LEU A 35 32.29 -15.00 15.89
CA LEU A 35 33.03 -13.90 15.30
C LEU A 35 32.25 -13.37 14.11
N ASP A 36 32.73 -12.25 13.57
CA ASP A 36 31.96 -11.49 12.62
C ASP A 36 32.94 -10.76 11.67
N LEU A 37 32.77 -10.97 10.37
CA LEU A 37 33.53 -10.24 9.35
C LEU A 37 32.62 -9.40 8.45
N THR A 38 31.50 -8.94 9.04
CA THR A 38 30.37 -8.28 8.36
C THR A 38 30.38 -6.74 8.41
N ARG A 39 31.03 -6.21 9.44
CA ARG A 39 30.80 -4.81 9.84
C ARG A 39 31.84 -3.85 9.26
N GLY A 40 31.46 -3.12 8.22
CA GLY A 40 32.31 -2.06 7.61
C GLY A 40 32.29 -0.77 8.45
N LYS A 41 32.71 -0.87 9.70
CA LYS A 41 32.60 0.16 10.73
C LYS A 41 33.99 0.32 11.31
N PRO A 42 34.35 1.51 11.81
CA PRO A 42 35.62 1.63 12.55
C PRO A 42 35.60 0.86 13.85
N SER A 43 36.76 0.28 14.23
CA SER A 43 36.96 -0.30 15.55
C SER A 43 36.91 0.78 16.62
N ALA A 44 36.79 0.36 17.89
CA ALA A 44 36.71 1.29 19.01
C ALA A 44 38.02 2.09 19.19
N GLU A 45 39.16 1.44 18.91
CA GLU A 45 40.46 2.09 18.88
C GLU A 45 40.46 3.28 17.90
N GLN A 46 39.94 3.07 16.69
CA GLN A 46 39.81 4.15 15.72
C GLN A 46 38.83 5.24 16.19
N LEU A 47 37.69 4.83 16.72
CA LEU A 47 36.72 5.76 17.28
C LEU A 47 37.36 6.67 18.33
N ASP A 48 38.18 6.10 19.20
CA ASP A 48 38.84 6.83 20.29
C ASP A 48 39.68 8.01 19.77
N LEU A 49 40.23 7.87 18.56
CA LEU A 49 41.00 8.95 17.93
C LEU A 49 40.22 10.28 17.83
N SER A 50 38.89 10.22 17.81
CA SER A 50 38.10 11.44 17.68
C SER A 50 37.38 11.82 18.94
N ASN A 51 37.84 11.30 20.08
CA ASN A 51 37.21 11.60 21.36
C ASN A 51 37.19 13.10 21.70
N ASP A 52 38.26 13.86 21.38
CA ASP A 52 38.27 15.33 21.66
C ASP A 52 37.12 16.08 20.97
N LEU A 53 36.70 15.61 19.80
CA LEU A 53 35.58 16.21 19.09
C LEU A 53 34.26 16.22 19.88
N LEU A 54 34.04 15.17 20.67
CA LEU A 54 32.83 15.02 21.48
C LEU A 54 32.61 16.19 22.44
N SER A 55 33.68 16.92 22.75
CA SER A 55 33.61 18.11 23.61
C SER A 55 33.61 19.46 22.90
N LEU A 56 33.60 19.45 21.56
CA LEU A 56 33.61 20.71 20.81
C LEU A 56 32.19 21.01 20.29
N PRO A 57 31.87 22.29 19.96
CA PRO A 57 32.67 23.51 19.98
C PRO A 57 32.93 24.11 21.37
N GLY A 58 32.10 23.74 22.34
CA GLY A 58 32.22 24.27 23.68
C GLY A 58 31.78 25.72 23.66
N GLY A 59 32.56 26.57 24.32
CA GLY A 59 32.27 28.01 24.38
C GLY A 59 32.70 28.75 23.13
N ASP A 60 33.39 28.05 22.24
CA ASP A 60 33.82 28.61 20.97
C ASP A 60 32.81 28.26 19.88
N PHE A 61 31.61 28.83 20.00
CA PHE A 61 30.48 28.47 19.14
C PHE A 61 30.31 29.33 17.89
N ARG A 62 31.30 30.19 17.61
CA ARG A 62 31.20 31.07 16.46
C ARG A 62 32.15 30.59 15.36
N THR A 63 31.76 30.76 14.10
CA THR A 63 32.69 30.48 12.99
C THR A 63 33.89 31.42 13.14
N LYS A 64 34.96 31.16 12.39
CA LYS A 64 36.13 32.06 12.41
C LYS A 64 35.72 33.51 12.12
N ASP A 65 34.67 33.65 11.32
CA ASP A 65 34.15 34.97 10.92
C ASP A 65 33.07 35.55 11.84
N GLY A 66 32.83 34.88 12.97
CA GLY A 66 32.04 35.44 14.07
C GLY A 66 30.54 35.23 14.05
N VAL A 67 30.03 34.47 13.07
CA VAL A 67 28.59 34.16 13.03
C VAL A 67 28.21 33.05 14.04
N ASP A 68 27.06 33.26 14.70
CA ASP A 68 26.61 32.35 15.74
C ASP A 68 26.02 31.05 15.18
N CYS A 69 26.74 29.96 15.39
CA CYS A 69 26.33 28.64 14.87
C CYS A 69 25.22 27.98 15.67
N ARG A 70 24.86 28.57 16.80
CA ARG A 70 23.74 28.06 17.63
C ARG A 70 22.37 28.39 17.07
N ASN A 71 22.30 29.38 16.18
CA ASN A 71 21.00 29.80 15.65
C ASN A 71 20.69 29.37 14.21
N TYR A 72 19.43 29.53 13.82
CA TYR A 72 18.96 29.14 12.51
C TYR A 72 19.69 29.89 11.39
N GLY A 73 19.70 29.31 10.19
CA GLY A 73 20.19 29.99 9.00
C GLY A 73 21.33 29.25 8.32
N GLY A 74 21.42 29.36 6.99
CA GLY A 74 22.57 28.80 6.27
C GLY A 74 22.34 27.41 5.69
N LEU A 75 21.96 27.38 4.42
CA LEU A 75 21.50 26.16 3.79
C LEU A 75 22.61 25.15 3.48
N LEU A 76 23.80 25.62 3.09
CA LEU A 76 24.78 24.78 2.42
C LEU A 76 26.05 24.48 3.24
N GLY A 77 26.01 24.76 4.54
CA GLY A 77 27.15 24.51 5.42
C GLY A 77 27.96 25.75 5.75
N ILE A 78 28.81 25.66 6.77
CA ILE A 78 29.61 26.83 7.16
C ILE A 78 30.90 26.93 6.32
N ALA A 79 31.39 28.15 6.08
CA ALA A 79 32.65 28.31 5.32
C ALA A 79 33.79 27.51 5.92
N ASP A 80 33.85 27.47 7.25
CA ASP A 80 34.94 26.82 7.95
C ASP A 80 35.13 25.36 7.59
N ILE A 81 34.02 24.59 7.48
CA ILE A 81 34.20 23.19 7.09
C ILE A 81 34.28 23.05 5.57
N ARG A 82 33.51 23.87 4.85
CA ARG A 82 33.46 23.79 3.38
C ARG A 82 34.85 24.07 2.77
N GLU A 83 35.51 25.11 3.28
CA GLU A 83 36.83 25.48 2.79
C GLU A 83 37.87 24.43 3.11
N LEU A 84 37.80 23.87 4.31
CA LEU A 84 38.80 22.89 4.77
C LEU A 84 38.72 21.66 3.87
N TRP A 85 37.51 21.18 3.73
CA TRP A 85 37.20 19.98 2.94
C TRP A 85 37.43 20.16 1.45
N ALA A 86 37.04 21.31 0.89
CA ALA A 86 37.36 21.60 -0.52
C ALA A 86 38.87 21.53 -0.73
N GLU A 87 39.63 22.10 0.22
CA GLU A 87 41.09 22.05 0.12
C GLU A 87 41.61 20.61 0.21
N ALA A 88 41.04 19.78 1.09
CA ALA A 88 41.44 18.36 1.18
C ALA A 88 41.14 17.61 -0.12
N LEU A 89 39.99 17.92 -0.74
CA LEU A 89 39.63 17.31 -2.04
C LEU A 89 40.26 17.97 -3.26
N GLY A 90 40.96 19.07 -3.06
CA GLY A 90 41.52 19.85 -4.17
C GLY A 90 40.46 20.47 -5.08
N LEU A 91 39.31 20.80 -4.50
CA LEU A 91 38.18 21.40 -5.22
C LEU A 91 38.00 22.86 -4.80
N PRO A 92 37.37 23.68 -5.67
CA PRO A 92 37.09 25.07 -5.30
C PRO A 92 36.01 25.12 -4.24
N ALA A 93 36.20 25.95 -3.22
CA ALA A 93 35.34 25.97 -2.05
C ALA A 93 33.89 26.23 -2.37
N ASP A 94 33.62 27.09 -3.33
CA ASP A 94 32.24 27.45 -3.60
C ASP A 94 31.49 26.35 -4.38
N LEU A 95 32.22 25.31 -4.78
CA LEU A 95 31.60 24.13 -5.38
C LEU A 95 31.31 22.98 -4.39
N VAL A 96 31.61 23.20 -3.12
CA VAL A 96 31.46 22.18 -2.08
C VAL A 96 30.40 22.66 -1.11
N VAL A 97 29.49 21.76 -0.73
CA VAL A 97 28.38 22.04 0.18
C VAL A 97 28.50 21.04 1.35
N ALA A 98 28.24 21.46 2.58
CA ALA A 98 28.34 20.53 3.73
C ALA A 98 26.99 20.36 4.37
N GLN A 99 26.57 19.11 4.60
CA GLN A 99 25.23 18.85 5.10
C GLN A 99 25.30 18.07 6.43
N ASP A 100 24.24 17.39 6.84
CA ASP A 100 24.26 16.67 8.13
C ASP A 100 25.20 15.48 8.07
N GLY A 101 24.81 14.34 8.62
CA GLY A 101 25.79 13.27 8.81
C GLY A 101 25.77 12.02 7.95
N SER A 102 25.10 12.04 6.82
CA SER A 102 25.04 10.86 5.93
C SER A 102 25.07 11.32 4.46
N SER A 103 26.13 10.99 3.73
CA SER A 103 26.17 11.30 2.31
C SER A 103 25.16 10.44 1.56
N LEU A 104 24.83 9.26 2.11
CA LEU A 104 23.76 8.44 1.50
C LEU A 104 22.49 9.23 1.43
N ASN A 105 22.13 9.95 2.52
CA ASN A 105 20.91 10.76 2.60
C ASN A 105 20.89 11.72 1.39
N ILE A 106 22.06 12.30 1.09
CA ILE A 106 22.16 13.23 -0.03
C ILE A 106 22.06 12.56 -1.40
N PHE A 108 20.44 9.84 -2.01
CA PHE A 108 18.98 9.53 -2.10
C PHE A 108 18.16 10.75 -2.54
N ASP A 109 18.47 11.91 -1.96
CA ASP A 109 17.73 13.13 -2.25
C ASP A 109 18.05 13.58 -3.69
N LEU A 110 19.29 13.39 -4.15
CA LEU A 110 19.66 13.74 -5.54
C LEU A 110 18.80 12.96 -6.55
N ILE A 111 18.70 11.65 -6.35
CA ILE A 111 17.86 10.76 -7.17
C ILE A 111 16.36 11.06 -6.98
N SER A 112 15.94 11.19 -5.74
CA SER A 112 14.55 11.47 -5.42
C SER A 112 14.04 12.73 -6.13
N TRP A 113 14.83 13.78 -6.08
CA TRP A 113 14.41 15.03 -6.67
C TRP A 113 14.51 15.01 -8.17
N SER A 114 15.48 14.30 -8.75
CA SER A 114 15.48 14.08 -10.21
C SER A 114 14.25 13.26 -10.67
N TYR A 115 13.87 12.26 -9.85
CA TYR A 115 12.71 11.43 -10.16
C TYR A 115 11.41 12.24 -10.05
N THR A 116 11.35 13.12 -9.05
CA THR A 116 10.13 13.87 -8.77
C THR A 116 9.95 15.05 -9.72
N TRP A 117 11.04 15.80 -9.96
CA TRP A 117 10.99 17.09 -10.63
C TRP A 117 11.96 17.14 -11.80
N GLY A 118 12.73 16.08 -12.02
CA GLY A 118 13.87 16.18 -12.95
C GLY A 118 14.95 17.07 -12.40
N ASN A 119 16.20 16.80 -12.81
CA ASN A 119 17.31 17.63 -12.45
C ASN A 119 17.39 18.80 -13.42
N ASN A 120 18.37 19.67 -13.20
CA ASN A 120 18.52 20.89 -13.98
C ASN A 120 18.74 20.69 -15.50
N ASP A 121 19.01 19.46 -15.94
CA ASP A 121 19.22 19.19 -17.39
C ASP A 121 18.06 18.35 -17.97
N SER A 122 17.11 17.97 -17.13
CA SER A 122 15.99 17.08 -17.55
C SER A 122 14.94 17.88 -18.33
N SER A 123 14.31 17.25 -19.32
CA SER A 123 13.15 17.86 -19.96
C SER A 123 11.85 17.53 -19.21
N ARG A 124 11.89 16.53 -18.34
CA ARG A 124 10.77 16.05 -17.55
C ARG A 124 11.30 15.17 -16.41
N PRO A 125 10.54 15.07 -15.31
CA PRO A 125 10.94 14.23 -14.21
C PRO A 125 11.20 12.77 -14.68
N TRP A 126 12.15 12.09 -14.04
CA TRP A 126 12.42 10.69 -14.30
C TRP A 126 11.23 9.79 -14.02
N SER A 127 10.28 10.26 -13.20
CA SER A 127 9.07 9.48 -12.94
C SER A 127 8.20 9.34 -14.17
N ALA A 128 8.41 10.22 -15.17
CA ALA A 128 7.57 10.27 -16.35
C ALA A 128 8.09 9.31 -17.41
N GLU A 129 9.26 8.72 -17.21
CA GLU A 129 9.80 7.79 -18.20
C GLU A 129 9.11 6.45 -18.05
N GLU A 130 9.00 5.72 -19.16
CA GLU A 130 8.53 4.35 -19.18
C GLU A 130 9.48 3.47 -18.36
N LYS A 131 10.77 3.68 -18.58
CA LYS A 131 11.78 2.91 -17.89
C LYS A 131 12.96 3.84 -17.65
N VAL A 132 13.60 3.68 -16.50
CA VAL A 132 14.89 4.32 -16.20
C VAL A 132 15.94 3.20 -16.01
N LYS A 133 17.04 3.33 -16.72
CA LYS A 133 18.12 2.40 -16.59
C LYS A 133 19.25 3.05 -15.83
N TRP A 134 19.98 2.25 -15.04
CA TRP A 134 21.03 2.75 -14.17
C TRP A 134 22.22 1.81 -14.21
N LEU A 135 23.40 2.35 -14.48
CA LEU A 135 24.62 1.52 -14.57
C LEU A 135 25.22 1.23 -13.20
N CYS A 136 25.56 -0.05 -13.00
CA CYS A 136 26.06 -0.56 -11.74
C CYS A 136 27.38 -1.33 -11.95
N PRO A 137 28.54 -0.63 -11.88
CA PRO A 137 29.83 -1.33 -11.84
C PRO A 137 29.84 -2.33 -10.68
N VAL A 138 30.42 -3.50 -10.88
CA VAL A 138 30.11 -4.63 -10.04
C VAL A 138 31.41 -5.46 -9.97
N PRO A 139 31.77 -6.00 -8.77
CA PRO A 139 31.14 -5.86 -7.44
C PRO A 139 31.11 -4.40 -6.94
N GLY A 140 29.95 -3.99 -6.42
CA GLY A 140 29.78 -2.65 -5.92
C GLY A 140 29.08 -2.64 -4.58
N TYR A 141 28.40 -1.54 -4.29
CA TYR A 141 27.99 -1.23 -2.92
C TYR A 141 26.50 -1.38 -2.78
N ASP A 142 26.08 -2.30 -1.90
CA ASP A 142 24.70 -2.64 -1.67
C ASP A 142 23.77 -1.46 -1.38
N ARG A 143 24.19 -0.51 -0.54
CA ARG A 143 23.33 0.62 -0.20
C ARG A 143 23.09 1.55 -1.42
N HIS A 144 24.03 1.57 -2.37
CA HIS A 144 23.80 2.21 -3.69
C HIS A 144 22.65 1.49 -4.40
N PHE A 145 22.85 0.19 -4.67
CA PHE A 145 21.89 -0.62 -5.43
C PHE A 145 20.53 -0.66 -4.76
N THR A 146 20.53 -0.69 -3.44
CA THR A 146 19.26 -0.56 -2.73
C THR A 146 18.45 0.69 -3.08
N ILE A 147 19.11 1.84 -3.18
CA ILE A 147 18.46 3.11 -3.61
C ILE A 147 17.79 3.01 -5.01
N THR A 148 18.53 2.56 -6.02
CA THR A 148 17.92 2.48 -7.36
C THR A 148 16.87 1.37 -7.47
N GLU A 149 17.05 0.29 -6.69
CA GLU A 149 16.05 -0.76 -6.62
C GLU A 149 14.76 -0.18 -6.04
N HIS A 150 14.91 0.59 -4.97
CA HIS A 150 13.80 1.28 -4.31
C HIS A 150 13.08 2.18 -5.25
N PHE A 151 13.82 2.89 -6.12
CA PHE A 151 13.21 3.70 -7.19
C PHE A 151 12.69 2.91 -8.40
N GLY A 152 13.06 1.63 -8.49
CA GLY A 152 12.48 0.72 -9.52
C GLY A 152 13.17 0.97 -10.85
N PHE A 153 14.41 1.42 -10.81
CA PHE A 153 15.22 1.58 -12.03
C PHE A 153 15.75 0.22 -12.35
N GLU A 154 15.80 -0.12 -13.65
CA GLU A 154 16.36 -1.36 -14.13
C GLU A 154 17.89 -1.23 -14.09
N ILE A 156 21.81 -2.19 -14.65
CA ILE A 156 22.63 -2.90 -15.64
C ILE A 156 24.03 -3.06 -15.07
N ASN A 157 24.48 -4.29 -14.93
CA ASN A 157 25.77 -4.55 -14.34
C ASN A 157 26.88 -4.21 -15.33
N VAL A 158 27.88 -3.49 -14.83
CA VAL A 158 29.06 -3.28 -15.63
C VAL A 158 30.33 -3.85 -14.95
N PRO A 159 31.15 -4.58 -15.72
CA PRO A 159 32.38 -5.20 -15.23
C PRO A 159 33.39 -4.18 -14.72
N THR A 161 37.36 -3.27 -13.80
CA THR A 161 38.73 -3.55 -14.13
C THR A 161 39.60 -2.92 -13.06
N ASP A 162 40.89 -3.23 -13.11
CA ASP A 162 41.91 -2.67 -12.22
C ASP A 162 42.03 -1.14 -12.23
N GLU A 163 41.37 -0.49 -13.18
CA GLU A 163 41.36 0.98 -13.25
C GLU A 163 39.98 1.59 -13.30
N GLY A 164 38.96 0.81 -12.95
CA GLY A 164 37.58 1.24 -12.94
C GLY A 164 36.66 0.46 -13.86
N PRO A 165 35.45 1.01 -14.10
CA PRO A 165 34.48 0.28 -14.92
C PRO A 165 34.99 0.11 -16.33
N ASP A 166 34.77 -1.07 -16.91
CA ASP A 166 35.04 -1.38 -18.30
C ASP A 166 34.41 -0.29 -19.19
N GLY A 168 34.63 0.39 -22.49
CA GLY A 168 34.03 -0.03 -23.75
C GLY A 168 32.56 -0.32 -23.54
N VAL A 169 32.27 -1.04 -22.45
CA VAL A 169 30.91 -1.30 -22.00
C VAL A 169 30.16 0.00 -21.67
N VAL A 170 30.74 0.85 -20.83
CA VAL A 170 30.01 2.06 -20.39
C VAL A 170 29.62 2.97 -21.57
N ARG A 171 30.57 3.21 -22.45
CA ARG A 171 30.34 4.04 -23.63
C ARG A 171 29.21 3.52 -24.50
N GLU A 172 29.20 2.21 -24.73
CA GLU A 172 28.12 1.57 -25.46
C GLU A 172 26.77 1.71 -24.73
N LEU A 173 26.73 1.43 -23.43
CA LEU A 173 25.48 1.43 -22.65
C LEU A 173 24.81 2.80 -22.59
N VAL A 174 25.65 3.80 -22.39
CA VAL A 174 25.30 5.20 -22.25
C VAL A 174 24.60 5.83 -23.52
N LYS A 175 24.81 5.19 -24.67
CA LYS A 175 24.07 5.45 -25.92
C LYS A 175 22.60 5.03 -25.93
N ASP A 176 22.16 4.34 -24.88
CA ASP A 176 20.75 4.10 -24.60
C ASP A 176 20.11 5.31 -23.86
N PRO A 177 19.16 5.95 -24.52
CA PRO A 177 18.53 7.16 -23.95
C PRO A 177 17.87 6.91 -22.61
N GLN A 178 17.48 5.67 -22.31
CA GLN A 178 16.86 5.38 -21.02
C GLN A 178 17.80 5.30 -19.82
N VAL A 179 19.10 5.21 -20.10
CA VAL A 179 20.14 5.14 -19.06
C VAL A 179 20.29 6.55 -18.48
N LYS A 180 19.76 6.75 -17.26
CA LYS A 180 19.85 8.06 -16.60
C LYS A 180 21.07 8.29 -15.71
N GLY A 181 21.77 7.24 -15.31
CA GLY A 181 22.88 7.44 -14.35
C GLY A 181 23.79 6.24 -14.13
N TRP A 183 26.38 4.46 -10.66
CA TRP A 183 26.97 4.47 -9.35
C TRP A 183 28.45 4.19 -9.51
N THR A 184 29.25 4.78 -8.63
CA THR A 184 30.68 4.71 -8.78
C THR A 184 31.25 4.94 -7.36
N VAL A 185 32.24 4.14 -6.97
CA VAL A 185 33.11 4.47 -5.80
C VAL A 185 34.54 4.54 -6.30
N PRO A 186 34.96 5.74 -6.71
CA PRO A 186 36.11 5.93 -7.57
C PRO A 186 37.47 5.74 -6.93
N VAL A 187 37.57 5.85 -5.62
CA VAL A 187 38.86 5.69 -4.94
C VAL A 187 38.71 4.63 -3.87
N PHE A 188 39.66 3.69 -3.83
CA PHE A 188 39.62 2.59 -2.86
C PHE A 188 38.20 2.00 -2.73
N GLY A 189 37.55 1.66 -3.85
CA GLY A 189 36.14 1.30 -3.88
C GLY A 189 35.67 0.10 -3.06
N ASN A 190 34.53 0.29 -2.40
CA ASN A 190 33.77 -0.79 -1.76
C ASN A 190 33.19 -1.70 -2.82
N PRO A 191 33.55 -2.98 -2.86
CA PRO A 191 34.47 -3.77 -2.06
C PRO A 191 35.79 -4.12 -2.75
N THR A 192 36.00 -3.68 -4.00
CA THR A 192 37.19 -4.15 -4.74
C THR A 192 38.45 -3.38 -4.39
N GLY A 193 38.30 -2.20 -3.80
CA GLY A 193 39.43 -1.30 -3.46
C GLY A 193 40.17 -0.74 -4.69
N VAL A 194 39.54 -0.90 -5.86
CA VAL A 194 40.00 -0.34 -7.11
C VAL A 194 39.86 1.16 -7.03
N THR A 195 40.90 1.89 -7.42
CA THR A 195 40.68 3.32 -7.69
C THR A 195 40.79 3.62 -9.18
N PHE A 196 39.86 4.41 -9.68
CA PHE A 196 39.76 4.65 -11.11
C PHE A 196 40.98 5.45 -11.52
N SER A 197 41.62 5.00 -12.60
CA SER A 197 42.71 5.74 -13.19
C SER A 197 42.22 7.09 -13.73
N GLU A 198 43.17 8.02 -13.81
CA GLU A 198 42.97 9.32 -14.43
C GLU A 198 42.31 9.19 -15.80
N GLN A 199 42.83 8.30 -16.64
CA GLN A 199 42.22 8.05 -17.94
C GLN A 199 40.73 7.76 -17.89
N THR A 200 40.34 6.82 -17.01
CA THR A 200 38.96 6.43 -16.83
C THR A 200 38.10 7.59 -16.32
N CYS A 201 38.63 8.31 -15.35
CA CYS A 201 38.03 9.57 -14.89
C CYS A 201 37.83 10.53 -16.06
N ARG A 202 38.88 10.75 -16.85
CA ARG A 202 38.78 11.61 -18.04
C ARG A 202 37.74 11.06 -19.02
N GLU A 203 37.84 9.78 -19.36
CA GLU A 203 36.89 9.18 -20.31
C GLU A 203 35.44 9.25 -19.86
N LEU A 204 35.21 9.08 -18.55
CA LEU A 204 33.85 9.20 -17.99
C LEU A 204 33.26 10.62 -18.14
N ALA A 205 34.14 11.61 -18.06
CA ALA A 205 33.80 13.03 -18.15
C ALA A 205 33.57 13.45 -19.60
N GLU A 206 34.31 12.83 -20.51
CA GLU A 206 34.27 13.16 -21.95
C GLU A 206 33.23 12.47 -22.84
N SER A 208 29.92 10.97 -24.67
CA SER A 208 28.58 11.48 -24.97
C SER A 208 27.60 10.48 -24.48
N THR A 209 26.55 10.95 -23.81
CA THR A 209 25.48 10.08 -23.35
C THR A 209 24.24 10.44 -24.16
N ALA A 210 23.37 9.48 -24.44
CA ALA A 210 22.13 9.80 -25.15
C ALA A 210 21.16 10.58 -24.28
N ALA A 211 21.23 10.36 -22.95
CA ALA A 211 20.37 11.12 -22.04
C ALA A 211 21.08 12.44 -21.71
N PRO A 212 20.38 13.58 -21.87
CA PRO A 212 21.01 14.91 -21.64
C PRO A 212 21.17 15.22 -20.16
N ASP A 213 20.48 14.46 -19.33
CA ASP A 213 20.40 14.72 -17.91
C ASP A 213 21.04 13.55 -17.10
N PHE A 214 21.90 12.80 -17.81
CA PHE A 214 22.72 11.74 -17.26
C PHE A 214 23.56 12.25 -16.11
N ARG A 215 23.64 11.46 -15.01
CA ARG A 215 24.40 11.81 -13.80
C ARG A 215 25.24 10.65 -13.31
N ILE A 216 26.46 10.98 -12.93
CA ILE A 216 27.31 9.99 -12.29
C ILE A 216 27.35 10.34 -10.81
N VAL A 217 26.97 9.39 -9.97
CA VAL A 217 27.20 9.51 -8.53
C VAL A 217 28.66 9.07 -8.33
N TRP A 218 29.50 10.08 -8.08
CA TRP A 218 30.92 9.94 -7.88
C TRP A 218 31.05 9.85 -6.36
N ASP A 219 30.76 8.68 -5.82
CA ASP A 219 30.72 8.55 -4.37
C ASP A 219 32.11 8.29 -3.80
N ASN A 220 32.87 9.36 -3.63
CA ASN A 220 34.25 9.26 -3.17
C ASN A 220 34.35 9.06 -1.66
N ALA A 221 33.76 7.95 -1.18
CA ALA A 221 33.64 7.71 0.26
C ALA A 221 34.99 7.50 0.96
N TYR A 222 35.98 7.05 0.18
CA TYR A 222 37.28 6.70 0.68
C TYR A 222 38.41 7.59 0.10
N ALA A 223 38.08 8.85 -0.21
CA ALA A 223 38.96 9.78 -0.93
C ALA A 223 40.28 10.03 -0.25
N LEU A 224 40.32 9.96 1.09
CA LEU A 224 41.56 10.16 1.87
C LEU A 224 42.02 8.94 2.67
N HIS A 225 41.42 7.79 2.40
CA HIS A 225 41.40 6.69 3.34
C HIS A 225 42.41 5.61 3.05
N THR A 226 43.69 6.00 3.09
CA THR A 226 44.77 5.15 2.67
C THR A 226 45.15 4.16 3.79
N LEU A 227 45.79 3.07 3.40
CA LEU A 227 46.38 2.13 4.36
C LEU A 227 47.90 2.29 4.43
N SER A 228 48.42 3.13 3.53
CA SER A 228 49.86 3.47 3.52
C SER A 228 50.15 4.84 4.12
N ASP A 229 51.34 5.37 3.83
CA ASP A 229 51.67 6.76 4.12
C ASP A 229 51.39 7.62 2.89
N GLU A 230 50.90 6.99 1.82
CA GLU A 230 50.61 7.66 0.55
C GLU A 230 49.13 7.89 0.37
N PHE A 231 48.77 9.14 0.06
CA PHE A 231 47.37 9.51 -0.18
C PHE A 231 47.04 9.47 -1.66
N PRO A 232 45.86 8.93 -2.02
CA PRO A 232 45.54 8.81 -3.44
C PRO A 232 45.27 10.18 -4.05
N ILE A 233 45.58 10.28 -5.33
CA ILE A 233 45.23 11.46 -6.07
C ILE A 233 43.71 11.54 -6.27
N VAL A 234 43.13 12.67 -5.86
CA VAL A 234 41.72 12.94 -6.05
C VAL A 234 41.56 13.73 -7.35
N HIS A 235 41.11 13.05 -8.40
CA HIS A 235 40.91 13.71 -9.70
C HIS A 235 39.71 14.62 -9.59
N ASN A 236 39.88 15.88 -9.96
CA ASN A 236 38.80 16.86 -10.01
C ASN A 236 37.91 16.66 -11.20
N VAL A 237 37.11 15.61 -11.17
CA VAL A 237 36.18 15.34 -12.26
C VAL A 237 35.18 16.47 -12.53
N ILE A 238 34.92 17.32 -11.54
CA ILE A 238 34.14 18.53 -11.82
C ILE A 238 34.89 19.44 -12.82
N GLU A 239 36.20 19.52 -12.72
CA GLU A 239 36.96 20.27 -13.71
C GLU A 239 37.04 19.53 -15.05
N PHE A 240 37.26 18.21 -15.02
CA PHE A 240 37.25 17.41 -16.24
C PHE A 240 35.90 17.59 -16.97
N ALA A 241 34.79 17.49 -16.23
CA ALA A 241 33.46 17.61 -16.82
C ALA A 241 33.30 18.93 -17.62
N GLN A 242 33.58 20.06 -16.96
CA GLN A 242 33.54 21.40 -17.58
C GLN A 242 34.43 21.57 -18.81
N ALA A 243 35.68 21.14 -18.71
CA ALA A 243 36.61 21.11 -19.83
C ALA A 243 36.07 20.30 -21.00
N ALA A 244 35.35 19.21 -20.70
CA ALA A 244 34.74 18.33 -21.70
C ALA A 244 33.40 18.83 -22.24
N GLY A 245 32.84 19.91 -21.68
CA GLY A 245 31.51 20.39 -22.10
C GLY A 245 30.35 19.57 -21.56
N ASN A 246 30.64 18.76 -20.53
CA ASN A 246 29.62 18.00 -19.85
C ASN A 246 29.61 18.41 -18.37
N PRO A 247 29.49 19.73 -18.11
CA PRO A 247 29.86 20.27 -16.79
C PRO A 247 29.02 19.74 -15.64
N ASN A 248 27.78 19.32 -15.94
CA ASN A 248 26.81 18.97 -14.89
C ASN A 248 26.71 17.49 -14.54
N ARG A 249 27.62 16.70 -15.10
CA ARG A 249 27.54 15.24 -15.06
C ARG A 249 27.75 14.59 -13.68
N PHE A 250 28.77 15.05 -12.95
CA PHE A 250 29.15 14.44 -11.68
C PHE A 250 28.48 15.09 -10.48
N TRP A 251 27.92 14.21 -9.64
CA TRP A 251 27.56 14.53 -8.26
C TRP A 251 28.66 13.87 -7.37
N PHE A 252 29.51 14.72 -6.79
CA PHE A 252 30.75 14.31 -6.12
C PHE A 252 30.44 14.23 -4.61
N SER A 254 31.26 12.82 -0.59
CA SER A 254 32.29 12.44 0.37
C SER A 254 31.70 12.64 1.77
N SER A 255 32.40 12.15 2.78
CA SER A 255 31.94 12.33 4.17
C SER A 255 32.99 11.98 5.24
N THR A 256 32.70 12.38 6.48
CA THR A 256 33.65 12.08 7.57
C THR A 256 33.24 10.82 8.33
N SER A 257 32.34 10.02 7.74
CA SER A 257 31.76 8.89 8.50
C SER A 257 32.77 7.92 9.12
N LYS A 258 33.79 7.55 8.34
CA LYS A 258 34.85 6.66 8.82
C LYS A 258 36.11 7.46 9.17
N ILE A 259 35.92 8.76 9.37
CA ILE A 259 36.99 9.68 9.76
C ILE A 259 36.77 10.10 11.21
N THR A 260 35.53 10.45 11.54
CA THR A 260 35.26 10.80 12.91
C THR A 260 34.36 9.74 13.56
N HIS A 261 33.07 10.00 13.65
CA HIS A 261 32.12 9.09 14.26
C HIS A 261 31.10 8.68 13.21
N ALA A 262 31.08 7.36 12.92
CA ALA A 262 30.18 6.80 11.92
C ALA A 262 28.73 7.12 12.26
N GLY A 263 28.13 8.04 11.53
CA GLY A 263 26.71 8.38 11.71
C GLY A 263 26.43 9.74 12.34
N SER A 264 27.44 10.29 13.00
CA SER A 264 27.33 11.56 13.70
C SER A 264 28.35 12.52 13.12
N GLY A 265 28.71 12.25 11.86
CA GLY A 265 29.67 13.08 11.16
C GLY A 265 29.04 14.12 10.25
N VAL A 266 29.84 14.55 9.29
CA VAL A 266 29.35 15.47 8.28
C VAL A 266 29.61 14.96 6.83
N SER A 267 28.64 15.19 6.00
CA SER A 267 28.67 14.76 4.62
C SER A 267 28.82 15.95 3.69
N PHE A 268 29.38 15.66 2.51
CA PHE A 268 29.70 16.70 1.53
C PHE A 268 29.18 16.34 0.16
N PHE A 269 28.69 17.37 -0.52
CA PHE A 269 28.17 17.27 -1.88
C PHE A 269 28.93 18.32 -2.71
N ALA A 270 29.74 17.87 -3.67
CA ALA A 270 30.35 18.81 -4.62
C ALA A 270 29.80 18.62 -6.03
N SER A 271 29.70 19.71 -6.78
CA SER A 271 29.25 19.65 -8.16
C SER A 271 29.46 20.97 -8.92
N SER A 272 28.99 21.01 -10.17
CA SER A 272 28.85 22.29 -10.87
C SER A 272 28.02 23.23 -10.00
N LYS A 273 28.23 24.54 -10.17
CA LYS A 273 27.41 25.58 -9.55
C LYS A 273 25.93 25.42 -9.96
N GLU A 274 25.67 25.04 -11.22
CA GLU A 274 24.30 24.85 -11.70
C GLU A 274 23.61 23.68 -10.96
N ASN A 275 24.33 22.57 -10.76
CA ASN A 275 23.81 21.42 -9.98
C ASN A 275 23.57 21.73 -8.49
N ILE A 276 24.43 22.56 -7.90
CA ILE A 276 24.29 23.00 -6.50
C ILE A 276 23.09 23.93 -6.34
N GLU A 277 22.92 24.85 -7.29
CA GLU A 277 21.75 25.76 -7.32
C GLU A 277 20.44 25.00 -7.43
N TRP A 278 20.42 24.00 -8.30
CA TRP A 278 19.28 23.10 -8.39
C TRP A 278 19.07 22.28 -7.07
N TYR A 279 20.14 21.71 -6.52
CA TYR A 279 20.03 21.01 -5.21
C TYR A 279 19.44 21.97 -4.16
N ALA A 280 20.05 23.15 -4.07
CA ALA A 280 19.64 24.16 -3.14
C ALA A 280 18.19 24.52 -3.26
N SER A 281 17.64 24.57 -4.48
CA SER A 281 16.25 24.99 -4.70
C SER A 281 15.24 23.99 -4.08
N HIS A 282 15.63 22.72 -4.01
CA HIS A 282 14.86 21.70 -3.27
C HIS A 282 15.19 21.58 -1.78
N ALA A 283 16.49 21.56 -1.47
CA ALA A 283 16.93 21.55 -0.09
C ALA A 283 16.29 22.70 0.72
N ASN A 284 16.17 23.85 0.07
CA ASN A 284 15.60 25.04 0.69
C ASN A 284 14.17 24.85 1.14
N VAL A 285 13.49 23.94 0.48
CA VAL A 285 12.10 23.61 0.76
C VAL A 285 12.03 22.60 1.92
N ARG A 286 12.94 21.61 1.90
CA ARG A 286 13.00 20.58 2.90
C ARG A 286 13.35 21.11 4.32
N GLY A 287 14.17 22.16 4.40
CA GLY A 287 14.65 22.64 5.69
C GLY A 287 15.32 24.01 5.65
N ILE A 288 15.70 24.50 6.81
CA ILE A 288 16.43 25.76 6.93
C ILE A 288 17.94 25.51 6.80
N GLY A 289 18.37 24.26 7.00
CA GLY A 289 19.77 23.90 6.79
C GLY A 289 20.29 22.91 7.81
N PRO A 290 21.55 22.46 7.66
CA PRO A 290 22.14 21.37 8.45
C PRO A 290 22.60 21.77 9.87
N ASN A 291 23.13 20.79 10.59
CA ASN A 291 23.75 20.97 11.91
C ASN A 291 25.07 21.73 11.83
N LYS A 292 25.04 23.05 12.07
CA LYS A 292 26.23 23.91 11.99
C LYS A 292 27.22 23.75 13.16
N LEU A 293 26.71 23.46 14.36
CA LEU A 293 27.60 23.24 15.50
C LEU A 293 28.41 21.99 15.29
N ASN A 294 27.81 20.99 14.66
CA ASN A 294 28.54 19.76 14.38
C ASN A 294 29.64 19.99 13.34
N GLN A 295 29.33 20.76 12.30
CA GLN A 295 30.30 21.20 11.28
C GLN A 295 31.43 22.01 11.85
N LEU A 296 31.09 22.89 12.79
CA LEU A 296 32.05 23.75 13.45
C LEU A 296 33.00 22.94 14.33
N ALA A 297 32.45 21.95 15.04
CA ALA A 297 33.21 21.06 15.90
C ALA A 297 34.26 20.28 15.10
N HIS A 298 33.84 19.80 13.94
CA HIS A 298 34.68 19.06 12.99
C HIS A 298 35.81 19.94 12.41
N ALA A 299 35.45 21.15 12.00
CA ALA A 299 36.43 22.14 11.53
C ALA A 299 37.47 22.49 12.60
N GLN A 300 37.01 22.63 13.83
CA GLN A 300 37.92 22.89 14.97
C GLN A 300 38.84 21.71 15.25
N PHE A 301 38.25 20.51 15.24
CA PHE A 301 38.96 19.26 15.52
C PHE A 301 40.09 19.01 14.55
N PHE A 302 39.80 19.15 13.26
CA PHE A 302 40.77 18.96 12.18
C PHE A 302 41.69 20.15 12.16
N GLY A 303 41.09 21.35 12.22
CA GLY A 303 41.87 22.60 12.21
C GLY A 303 42.34 23.01 10.81
N ASP A 304 43.02 22.10 10.12
CA ASP A 304 43.49 22.35 8.77
C ASP A 304 43.64 21.02 8.05
N VAL A 305 43.97 21.06 6.75
CA VAL A 305 44.16 19.82 5.98
C VAL A 305 45.34 19.02 6.56
N ALA A 306 46.37 19.72 6.98
CA ALA A 306 47.50 19.08 7.70
C ALA A 306 46.99 18.20 8.86
N GLY A 307 46.04 18.73 9.64
CA GLY A 307 45.49 18.00 10.79
C GLY A 307 44.62 16.82 10.40
N LEU A 308 43.80 17.04 9.36
CA LEU A 308 42.97 15.99 8.82
C LEU A 308 43.80 14.84 8.33
N LYS A 309 44.84 15.15 7.57
CA LYS A 309 45.67 14.11 6.96
C LYS A 309 46.48 13.34 8.01
N ALA A 310 46.86 14.01 9.09
CA ALA A 310 47.51 13.32 10.23
C ALA A 310 46.52 12.39 10.93
N HIS A 311 45.27 12.80 10.98
CA HIS A 311 44.21 11.96 11.52
C HIS A 311 44.00 10.71 10.67
N LEU A 313 46.18 9.30 8.95
CA LEU A 313 47.36 8.51 9.23
C LEU A 313 47.21 7.67 10.49
N LYS A 314 46.55 8.22 11.52
CA LYS A 314 46.30 7.42 12.72
C LYS A 314 45.32 6.30 12.39
N HIS A 315 44.29 6.59 11.58
CA HIS A 315 43.39 5.53 11.10
C HIS A 315 44.19 4.43 10.39
N ALA A 316 44.99 4.84 9.41
CA ALA A 316 45.87 3.95 8.66
C ALA A 316 46.70 3.02 9.55
N ALA A 317 47.27 3.53 10.66
CA ALA A 317 48.09 2.70 11.56
C ALA A 317 47.29 1.64 12.33
N SER A 318 46.02 1.93 12.57
CA SER A 318 45.14 0.95 13.20
C SER A 318 44.74 -0.16 12.21
N LEU A 319 44.29 0.27 11.04
CA LEU A 319 43.81 -0.59 9.95
C LEU A 319 44.88 -1.43 9.21
N ALA A 320 46.03 -0.86 8.89
CA ALA A 320 47.02 -1.57 8.05
C ALA A 320 47.49 -2.96 8.54
N PRO A 321 47.70 -3.13 9.86
CA PRO A 321 48.07 -4.45 10.35
C PRO A 321 46.96 -5.49 10.18
N LYS A 322 45.70 -5.04 10.27
CA LYS A 322 44.56 -5.93 10.11
C LYS A 322 44.51 -6.50 8.69
N PHE A 323 44.63 -5.60 7.71
CA PHE A 323 44.63 -5.97 6.30
C PHE A 323 45.84 -6.87 5.99
N GLU A 324 47.02 -6.43 6.43
CA GLU A 324 48.24 -7.20 6.28
C GLU A 324 48.04 -8.64 6.72
N ARG A 325 47.43 -8.82 7.90
CA ARG A 325 47.24 -10.14 8.51
C ARG A 325 46.27 -11.01 7.73
N VAL A 326 45.13 -10.43 7.37
CA VAL A 326 44.11 -11.05 6.53
C VAL A 326 44.69 -11.53 5.19
N LEU A 327 45.35 -10.64 4.46
CA LEU A 327 45.96 -10.98 3.18
C LEU A 327 46.98 -12.12 3.28
N GLU A 328 47.79 -12.14 4.33
CA GLU A 328 48.77 -13.23 4.45
C GLU A 328 48.18 -14.56 4.96
N ILE A 329 47.05 -14.50 5.68
CA ILE A 329 46.27 -15.71 5.99
C ILE A 329 45.56 -16.23 4.73
N LEU A 330 44.92 -15.33 3.97
CA LEU A 330 44.36 -15.72 2.68
C LEU A 330 45.48 -16.44 1.90
N ASP A 331 46.58 -15.72 1.65
CA ASP A 331 47.69 -16.21 0.85
C ASP A 331 48.31 -17.50 1.39
N SER A 332 48.43 -17.61 2.71
CA SER A 332 49.09 -18.78 3.30
C SER A 332 48.13 -19.97 3.35
N ARG A 333 46.83 -19.72 3.25
CA ARG A 333 45.87 -20.83 3.35
C ARG A 333 45.28 -21.36 2.04
N LEU A 334 45.02 -20.48 1.10
CA LEU A 334 44.20 -20.80 -0.07
C LEU A 334 44.97 -20.75 -1.40
N SER A 335 46.26 -20.42 -1.36
CA SER A 335 46.96 -20.13 -2.59
C SER A 335 47.36 -21.37 -3.39
N GLU A 336 47.90 -22.36 -2.69
CA GLU A 336 48.51 -23.53 -3.32
C GLU A 336 47.50 -24.63 -3.67
N TYR A 337 46.22 -24.24 -3.68
CA TYR A 337 45.11 -25.13 -4.01
C TYR A 337 44.19 -24.37 -4.98
N GLY A 338 44.47 -23.09 -5.17
CA GLY A 338 43.83 -22.23 -6.17
C GLY A 338 42.30 -22.15 -6.15
N VAL A 339 41.73 -22.15 -4.95
CA VAL A 339 40.27 -22.09 -4.76
C VAL A 339 39.71 -20.66 -4.64
N ALA A 340 40.59 -19.70 -4.41
CA ALA A 340 40.13 -18.31 -4.28
C ALA A 340 41.03 -17.28 -4.95
N LYS A 341 40.44 -16.13 -5.20
CA LYS A 341 41.15 -14.99 -5.70
C LYS A 341 40.59 -13.83 -4.87
N TRP A 342 41.47 -12.96 -4.40
CA TRP A 342 41.03 -11.81 -3.62
C TRP A 342 41.75 -10.56 -4.04
N THR A 343 41.11 -9.41 -3.80
CA THR A 343 41.78 -8.13 -3.96
C THR A 343 42.83 -7.95 -2.85
N SER A 344 43.87 -7.15 -3.13
CA SER A 344 44.79 -6.66 -2.10
C SER A 344 44.70 -5.12 -2.09
N PRO A 345 43.66 -4.56 -1.41
CA PRO A 345 43.43 -3.11 -1.36
C PRO A 345 44.55 -2.38 -0.62
N THR A 346 44.83 -1.13 -0.98
CA THR A 346 45.88 -0.30 -0.33
C THR A 346 45.22 0.95 0.31
N GLY A 347 43.91 0.85 0.52
CA GLY A 347 43.07 1.88 1.13
C GLY A 347 41.63 1.38 1.21
N GLY A 348 40.75 2.15 1.84
CA GLY A 348 39.35 1.76 1.97
C GLY A 348 39.17 0.70 3.06
N TYR A 349 38.04 -0.01 3.01
CA TYR A 349 37.55 -0.79 4.16
C TYR A 349 37.31 -2.28 3.92
N PHE A 350 37.55 -2.75 2.70
CA PHE A 350 37.05 -4.06 2.34
C PHE A 350 38.08 -4.83 1.56
N ILE A 351 37.98 -6.16 1.64
CA ILE A 351 38.62 -7.04 0.69
C ILE A 351 37.49 -7.79 -0.04
N SER A 352 37.67 -7.98 -1.35
CA SER A 352 36.69 -8.68 -2.14
C SER A 352 37.27 -10.03 -2.55
N VAL A 353 36.58 -11.13 -2.21
CA VAL A 353 37.05 -12.48 -2.50
C VAL A 353 36.12 -13.13 -3.51
N ASP A 354 36.71 -13.75 -4.54
CA ASP A 354 35.96 -14.47 -5.53
C ASP A 354 36.36 -15.93 -5.41
N VAL A 355 35.47 -16.73 -4.82
CA VAL A 355 35.74 -18.15 -4.65
C VAL A 355 35.27 -18.92 -5.89
N VAL A 356 35.42 -20.25 -5.86
CA VAL A 356 35.01 -21.08 -6.98
C VAL A 356 33.52 -20.88 -7.24
N PRO A 357 33.17 -20.56 -8.50
CA PRO A 357 31.78 -20.24 -8.82
C PRO A 357 30.84 -21.34 -8.36
N GLY A 358 29.68 -20.96 -7.85
CA GLY A 358 28.69 -21.89 -7.41
C GLY A 358 28.70 -22.13 -5.93
N THR A 359 29.78 -21.72 -5.25
CA THR A 359 29.99 -22.05 -3.83
C THR A 359 29.88 -20.89 -2.83
N ALA A 360 30.00 -19.64 -3.29
CA ALA A 360 30.04 -18.49 -2.34
C ALA A 360 28.97 -18.59 -1.28
N SER A 361 27.74 -18.78 -1.74
CA SER A 361 26.57 -18.85 -0.85
C SER A 361 26.71 -19.98 0.19
N ARG A 362 27.37 -21.06 -0.22
CA ARG A 362 27.65 -22.23 0.63
C ARG A 362 28.81 -21.96 1.62
N VAL A 363 29.76 -21.14 1.19
CA VAL A 363 30.87 -20.73 2.05
C VAL A 363 30.34 -19.91 3.21
N VAL A 364 29.42 -18.98 2.91
CA VAL A 364 28.74 -18.17 3.92
C VAL A 364 27.93 -19.04 4.91
N GLU A 365 27.27 -20.09 4.39
CA GLU A 365 26.53 -21.07 5.22
C GLU A 365 27.46 -21.91 6.12
N LEU A 366 28.52 -22.45 5.53
CA LEU A 366 29.48 -23.27 6.26
C LEU A 366 30.20 -22.45 7.31
N ALA A 367 30.56 -21.22 6.96
CA ALA A 367 31.22 -20.33 7.90
C ALA A 367 30.30 -20.11 9.09
N LYS A 368 29.04 -19.78 8.82
CA LYS A 368 28.08 -19.50 9.88
C LYS A 368 27.84 -20.74 10.78
N GLU A 369 27.85 -21.92 10.17
CA GLU A 369 27.69 -23.15 10.93
C GLU A 369 28.92 -23.40 11.82
N ALA A 370 30.00 -22.68 11.54
CA ALA A 370 31.18 -22.65 12.41
C ALA A 370 31.27 -21.35 13.23
N GLY A 371 30.17 -20.60 13.32
CA GLY A 371 30.10 -19.42 14.18
C GLY A 371 30.88 -18.19 13.71
N ILE A 372 31.13 -18.09 12.40
CA ILE A 372 31.79 -16.93 11.85
C ILE A 372 30.79 -16.28 10.89
N ALA A 373 30.42 -15.05 11.20
CA ALA A 373 29.46 -14.35 10.36
C ALA A 373 30.15 -13.68 9.15
N LEU A 374 29.69 -14.00 7.94
CA LEU A 374 30.19 -13.34 6.73
C LEU A 374 29.05 -12.62 6.03
N THR A 375 29.33 -11.55 5.28
CA THR A 375 28.25 -10.87 4.51
C THR A 375 27.72 -11.78 3.40
N GLY A 376 26.39 -11.76 3.22
CA GLY A 376 25.70 -12.79 2.45
C GLY A 376 26.13 -12.71 1.01
N ALA A 377 26.23 -13.86 0.35
CA ALA A 377 26.66 -13.89 -1.02
C ALA A 377 25.70 -13.00 -1.86
N GLY A 378 26.27 -12.31 -2.84
CA GLY A 378 25.48 -11.51 -3.75
C GLY A 378 25.17 -10.09 -3.30
N SER A 379 25.58 -9.70 -2.09
CA SER A 379 25.36 -8.32 -1.60
C SER A 379 26.11 -7.23 -2.38
N SER A 380 27.17 -7.60 -3.07
CA SER A 380 27.89 -6.62 -3.91
C SER A 380 27.34 -6.56 -5.32
N PHE A 381 26.15 -7.16 -5.54
CA PHE A 381 25.47 -7.13 -6.82
C PHE A 381 24.05 -6.57 -6.71
N PRO A 382 23.55 -5.93 -7.79
CA PRO A 382 22.16 -5.48 -7.77
C PRO A 382 21.18 -6.65 -7.47
N LEU A 383 20.14 -6.33 -6.70
CA LEU A 383 19.13 -7.29 -6.23
C LEU A 383 19.76 -8.48 -5.51
N HIS A 384 20.97 -8.26 -4.98
CA HIS A 384 21.67 -9.26 -4.20
C HIS A 384 21.85 -10.52 -5.05
N ASN A 385 22.13 -10.29 -6.33
CA ASN A 385 22.20 -11.33 -7.37
C ASN A 385 23.54 -11.48 -8.07
N ASP A 386 24.36 -12.43 -7.63
CA ASP A 386 25.69 -12.68 -8.23
C ASP A 386 25.56 -13.88 -9.17
N PRO A 387 25.64 -13.65 -10.50
CA PRO A 387 25.32 -14.67 -11.50
C PRO A 387 26.30 -15.85 -11.44
N ASN A 388 27.44 -15.68 -10.77
CA ASN A 388 28.38 -16.79 -10.64
C ASN A 388 28.45 -17.43 -9.26
N ASN A 389 27.67 -16.88 -8.32
CA ASN A 389 27.65 -17.32 -6.93
C ASN A 389 29.09 -17.48 -6.45
N GLU A 390 29.91 -16.44 -6.65
CA GLU A 390 31.35 -16.51 -6.37
C GLU A 390 31.89 -15.45 -5.39
N ASN A 391 31.19 -14.33 -5.29
CA ASN A 391 31.68 -13.16 -4.53
C ASN A 391 31.29 -13.14 -3.03
N ILE A 392 32.29 -12.89 -2.19
CA ILE A 392 32.12 -12.58 -0.77
C ILE A 392 32.95 -11.33 -0.39
N ARG A 393 32.30 -10.37 0.28
CA ARG A 393 32.98 -9.23 0.87
C ARG A 393 33.45 -9.53 2.30
N LEU A 394 34.69 -9.16 2.58
CA LEU A 394 35.28 -9.26 3.92
C LEU A 394 35.49 -7.87 4.46
N ALA A 395 35.07 -7.67 5.71
CA ALA A 395 35.27 -6.42 6.43
C ALA A 395 36.22 -6.60 7.66
N PRO A 396 37.52 -6.29 7.50
CA PRO A 396 38.40 -6.52 8.64
C PRO A 396 38.59 -5.36 9.65
N SER A 397 37.91 -4.22 9.47
CA SER A 397 38.22 -3.03 10.26
C SER A 397 37.89 -3.12 11.76
N LEU A 398 36.73 -3.69 12.07
CA LEU A 398 36.20 -3.66 13.42
C LEU A 398 36.99 -4.55 14.41
N PRO A 399 37.10 -5.86 14.15
CA PRO A 399 37.60 -6.68 15.23
C PRO A 399 39.11 -6.56 15.41
N PRO A 400 39.60 -6.72 16.65
CA PRO A 400 41.04 -6.69 16.92
C PRO A 400 41.80 -7.80 16.22
N VAL A 401 43.02 -7.48 15.76
CA VAL A 401 43.84 -8.43 14.98
C VAL A 401 43.83 -9.89 15.48
N ALA A 402 43.74 -10.09 16.81
CA ALA A 402 43.71 -11.45 17.39
C ALA A 402 42.46 -12.25 17.02
N GLU A 403 41.30 -11.60 17.02
CA GLU A 403 40.05 -12.21 16.58
C GLU A 403 40.05 -12.49 15.07
N LEU A 404 40.31 -11.44 14.29
CA LEU A 404 40.51 -11.54 12.86
C LEU A 404 41.32 -12.76 12.48
N GLU A 405 42.40 -12.97 13.22
CA GLU A 405 43.34 -14.06 13.02
C GLU A 405 42.59 -15.40 12.94
N VAL A 406 41.70 -15.63 13.91
CA VAL A 406 40.89 -16.85 13.98
C VAL A 406 39.80 -16.84 12.90
N ALA A 407 39.00 -15.77 12.86
CA ALA A 407 37.86 -15.65 11.93
C ALA A 407 38.27 -15.86 10.47
N ASP A 409 41.15 -17.33 9.53
CA ASP A 409 41.68 -18.69 9.42
C ASP A 409 40.49 -19.64 9.18
N GLY A 410 39.38 -19.36 9.86
CA GLY A 410 38.13 -20.09 9.64
C GLY A 410 37.46 -19.85 8.30
N PHE A 411 37.52 -18.62 7.82
CA PHE A 411 37.05 -18.29 6.47
C PHE A 411 37.76 -19.16 5.46
N ALA A 412 39.07 -19.28 5.64
CA ALA A 412 39.90 -20.03 4.73
C ALA A 412 39.46 -21.48 4.75
N THR A 413 39.09 -21.98 5.92
CA THR A 413 38.62 -23.36 6.05
C THR A 413 37.34 -23.58 5.23
N CYS A 414 36.45 -22.59 5.25
CA CYS A 414 35.10 -22.74 4.69
C CYS A 414 35.06 -22.67 3.19
N VAL A 415 35.85 -21.75 2.60
CA VAL A 415 36.00 -21.71 1.16
C VAL A 415 36.59 -23.03 0.63
N LEU A 416 37.47 -23.64 1.41
CA LEU A 416 38.04 -24.95 1.08
C LEU A 416 37.05 -26.11 1.24
N ALA A 418 33.77 -25.89 0.97
CA ALA A 418 32.77 -25.70 -0.08
C ALA A 418 33.29 -26.09 -1.45
N ALA A 419 34.55 -25.73 -1.74
CA ALA A 419 35.18 -26.11 -3.01
C ALA A 419 35.32 -27.62 -3.19
N LEU A 420 35.59 -28.30 -2.08
CA LEU A 420 35.79 -29.77 -2.05
C LEU A 420 34.48 -30.51 -2.21
N GLU A 421 33.40 -29.87 -1.77
CA GLU A 421 32.05 -30.40 -1.92
C GLU A 421 31.55 -30.31 -3.36
N VAL A 422 32.27 -29.54 -4.18
CA VAL A 422 31.87 -29.34 -5.58
C VAL A 422 33.12 -29.28 -6.48
N LEU B 14 -8.75 61.24 17.76
CA LEU B 14 -9.03 60.12 16.81
C LEU B 14 -8.57 60.46 15.38
N ALA B 15 -8.88 61.69 14.94
CA ALA B 15 -8.35 62.21 13.68
C ALA B 15 -7.27 63.28 13.91
N GLN B 16 -7.47 63.97 15.16
CA GLN B 16 -6.46 64.91 15.69
C GLN B 16 -5.06 64.30 15.77
N VAL B 17 -5.00 62.97 15.68
CA VAL B 17 -3.76 62.23 15.87
C VAL B 17 -2.87 62.26 14.61
N ARG B 18 -3.39 62.93 13.56
CA ARG B 18 -2.67 63.03 12.27
C ARG B 18 -1.32 63.75 12.36
N GLU B 19 -1.30 64.87 13.11
CA GLU B 19 -0.11 65.74 13.24
C GLU B 19 1.08 65.08 13.97
N GLU B 20 0.78 64.35 15.02
CA GLU B 20 1.84 63.78 15.83
C GLU B 20 2.36 62.49 15.26
N VAL B 21 1.60 61.87 14.39
CA VAL B 21 2.06 60.55 13.87
C VAL B 21 3.02 60.70 12.68
N THR B 22 2.76 61.70 11.79
CA THR B 22 3.64 61.99 10.65
C THR B 22 5.03 62.45 11.14
N ALA B 23 5.00 63.37 12.16
CA ALA B 23 6.23 63.91 12.83
C ALA B 23 7.05 62.75 13.61
N LYS B 24 6.11 61.90 14.17
CA LYS B 24 6.60 60.69 14.83
C LYS B 24 7.34 59.77 13.85
N TYR B 25 6.69 59.63 12.62
CA TYR B 25 7.23 58.82 11.50
C TYR B 25 8.49 59.44 10.89
N ALA B 26 8.51 60.77 10.75
CA ALA B 26 9.72 61.48 10.30
C ALA B 26 10.90 61.18 11.24
N GLU B 27 10.62 61.14 12.52
CA GLU B 27 11.56 60.83 13.55
C GLU B 27 12.05 59.41 13.38
N LEU B 28 11.12 58.48 13.26
CA LEU B 28 11.45 57.07 13.01
C LEU B 28 12.40 56.97 11.80
N LYS B 29 12.08 57.72 10.73
CA LYS B 29 12.80 57.68 9.44
C LYS B 29 14.24 58.18 9.55
N ALA B 30 14.42 59.35 10.15
CA ALA B 30 15.72 60.02 10.24
C ALA B 30 16.76 59.24 11.06
N LYS B 31 16.30 58.22 11.78
CA LYS B 31 17.16 57.44 12.66
C LYS B 31 18.00 56.40 11.93
N ASN B 32 17.77 56.27 10.62
CA ASN B 32 18.47 55.28 9.77
C ASN B 32 18.58 53.88 10.38
N LEU B 33 17.45 53.38 10.90
CA LEU B 33 17.42 52.15 11.68
C LEU B 33 17.58 50.90 10.83
N SER B 34 18.13 49.86 11.44
CA SER B 34 18.22 48.54 10.83
C SER B 34 17.73 47.49 11.84
N LEU B 35 16.42 47.57 12.13
CA LEU B 35 15.71 46.71 13.09
C LEU B 35 14.71 45.80 12.37
N ASP B 36 14.35 44.68 12.98
CA ASP B 36 13.25 43.84 12.48
C ASP B 36 12.64 42.85 13.46
N LEU B 37 11.34 42.62 13.25
CA LEU B 37 10.51 41.72 14.04
C LEU B 37 10.11 40.55 13.15
N THR B 38 11.10 40.03 12.45
CA THR B 38 10.92 39.10 11.35
C THR B 38 11.33 37.70 11.81
N ARG B 39 12.27 37.66 12.75
CA ARG B 39 13.01 36.44 13.10
C ARG B 39 12.33 35.67 14.22
N GLY B 40 11.72 34.55 13.89
CA GLY B 40 11.03 33.71 14.87
C GLY B 40 12.01 32.80 15.58
N LYS B 41 13.11 33.37 16.08
CA LYS B 41 14.27 32.62 16.58
C LYS B 41 14.61 33.03 18.00
N PRO B 42 15.21 32.11 18.80
CA PRO B 42 15.66 32.44 20.16
C PRO B 42 16.64 33.61 20.15
N SER B 43 16.58 34.45 21.18
CA SER B 43 17.62 35.44 21.46
C SER B 43 18.93 34.74 21.80
N ALA B 44 20.04 35.49 21.81
CA ALA B 44 21.32 34.96 22.26
C ALA B 44 21.24 34.60 23.74
N GLU B 45 20.57 35.45 24.52
CA GLU B 45 20.25 35.22 25.93
C GLU B 45 19.69 33.81 26.13
N GLN B 46 18.64 33.47 25.37
CA GLN B 46 18.04 32.12 25.38
C GLN B 46 19.04 31.05 24.93
N LEU B 47 19.76 31.32 23.85
CA LEU B 47 20.80 30.39 23.39
C LEU B 47 21.85 30.06 24.46
N ASP B 48 22.17 31.07 25.28
CA ASP B 48 23.10 30.90 26.41
C ASP B 48 22.56 29.91 27.44
N LEU B 49 21.24 29.78 27.55
CA LEU B 49 20.64 28.77 28.47
C LEU B 49 21.20 27.36 28.26
N SER B 50 21.62 27.07 27.04
CA SER B 50 22.02 25.72 26.65
C SER B 50 23.52 25.50 26.42
N ASN B 51 24.34 26.44 26.87
CA ASN B 51 25.76 26.41 26.55
C ASN B 51 26.47 25.13 26.97
N ASP B 52 25.97 24.49 28.02
CA ASP B 52 26.58 23.27 28.56
C ASP B 52 26.51 22.11 27.58
N LEU B 53 25.40 22.07 26.85
CA LEU B 53 25.19 21.12 25.77
C LEU B 53 26.29 21.21 24.71
N LEU B 54 26.83 22.40 24.52
CA LEU B 54 27.93 22.62 23.57
C LEU B 54 29.18 21.79 23.85
N SER B 55 29.31 21.27 25.08
CA SER B 55 30.44 20.40 25.46
C SER B 55 30.06 18.92 25.64
N LEU B 56 28.83 18.57 25.31
CA LEU B 56 28.30 17.21 25.49
C LEU B 56 28.33 16.44 24.15
N PRO B 57 28.47 15.10 24.20
CA PRO B 57 28.52 14.29 25.43
C PRO B 57 29.89 14.22 26.11
N GLY B 58 30.92 14.79 25.49
CA GLY B 58 32.27 14.62 26.00
C GLY B 58 32.63 13.14 25.90
N GLY B 59 33.43 12.66 26.86
CA GLY B 59 33.82 11.24 26.95
C GLY B 59 32.73 10.26 27.40
N ASP B 60 31.56 10.78 27.78
CA ASP B 60 30.41 9.97 28.15
C ASP B 60 29.56 9.69 26.92
N PHE B 61 30.09 8.87 26.02
CA PHE B 61 29.43 8.73 24.73
C PHE B 61 28.60 7.45 24.64
N ARG B 62 28.33 6.82 25.78
CA ARG B 62 27.51 5.62 25.83
C ARG B 62 26.12 5.97 26.36
N THR B 63 25.09 5.34 25.79
CA THR B 63 23.73 5.41 26.37
C THR B 63 23.77 4.85 27.79
N LYS B 64 22.65 4.98 28.52
CA LYS B 64 22.51 4.41 29.86
C LYS B 64 22.65 2.90 29.90
N ASP B 65 22.13 2.21 28.89
CA ASP B 65 22.34 0.75 28.82
C ASP B 65 23.70 0.38 28.19
N GLY B 66 24.53 1.39 27.93
CA GLY B 66 25.93 1.16 27.57
C GLY B 66 26.26 1.02 26.08
N VAL B 67 25.29 1.29 25.21
CA VAL B 67 25.57 1.21 23.79
C VAL B 67 26.41 2.44 23.33
N ASP B 68 27.48 2.15 22.60
CA ASP B 68 28.38 3.15 22.03
C ASP B 68 27.66 3.96 20.93
N CYS B 69 27.38 5.25 21.17
CA CYS B 69 26.74 6.08 20.15
C CYS B 69 27.68 6.60 19.04
N ARG B 70 28.97 6.26 19.12
CA ARG B 70 29.95 6.78 18.20
C ARG B 70 29.88 6.09 16.84
N ASN B 71 29.20 4.93 16.80
CA ASN B 71 29.27 4.09 15.62
C ASN B 71 27.90 3.90 14.93
N TYR B 72 27.90 3.29 13.74
CA TYR B 72 26.67 3.12 12.93
C TYR B 72 25.64 2.24 13.64
N GLY B 73 24.35 2.48 13.36
CA GLY B 73 23.28 1.59 13.80
C GLY B 73 22.08 2.31 14.43
N GLY B 74 20.87 1.75 14.24
CA GLY B 74 19.64 2.33 14.79
C GLY B 74 19.12 3.47 13.91
N LEU B 75 17.91 3.27 13.40
CA LEU B 75 17.35 4.14 12.39
C LEU B 75 16.42 5.14 13.07
N LEU B 76 15.90 4.77 14.23
CA LEU B 76 14.75 5.45 14.83
C LEU B 76 15.11 6.31 16.06
N GLY B 77 16.41 6.38 16.37
CA GLY B 77 16.92 7.16 17.49
C GLY B 77 17.26 6.32 18.70
N ILE B 78 17.93 6.94 19.67
CA ILE B 78 18.31 6.20 20.89
C ILE B 78 17.22 6.22 21.97
N ALA B 79 17.12 5.12 22.71
CA ALA B 79 16.14 4.99 23.81
C ALA B 79 16.09 6.20 24.76
N ASP B 80 17.25 6.70 25.13
CA ASP B 80 17.35 7.73 26.14
C ASP B 80 16.60 9.03 25.78
N ILE B 81 16.71 9.47 24.53
CA ILE B 81 15.98 10.66 24.13
C ILE B 81 14.52 10.37 23.83
N ARG B 82 14.26 9.19 23.29
CA ARG B 82 12.90 8.81 22.87
C ARG B 82 11.99 8.63 24.09
N GLU B 83 12.51 7.95 25.10
CA GLU B 83 11.78 7.69 26.32
C GLU B 83 11.48 9.00 27.08
N LEU B 84 12.48 9.88 27.19
CA LEU B 84 12.33 11.17 27.90
C LEU B 84 11.30 12.04 27.21
N TRP B 85 11.50 12.29 25.91
CA TRP B 85 10.57 13.07 25.14
C TRP B 85 9.14 12.52 25.12
N ALA B 86 8.98 11.20 24.96
CA ALA B 86 7.65 10.60 24.97
C ALA B 86 6.97 10.84 26.30
N GLU B 87 7.74 10.68 27.38
CA GLU B 87 7.25 10.91 28.74
C GLU B 87 6.82 12.36 28.85
N ALA B 88 7.66 13.28 28.36
CA ALA B 88 7.35 14.69 28.37
C ALA B 88 6.05 15.03 27.60
N LEU B 89 5.76 14.30 26.53
CA LEU B 89 4.57 14.56 25.71
C LEU B 89 3.33 13.74 26.09
N GLY B 90 3.50 12.75 26.96
CA GLY B 90 2.39 11.86 27.31
C GLY B 90 2.22 10.70 26.35
N LEU B 91 3.27 10.37 25.60
CA LEU B 91 3.13 9.40 24.51
C LEU B 91 3.86 8.13 24.82
N PRO B 92 3.34 6.99 24.34
CA PRO B 92 4.12 5.75 24.50
C PRO B 92 5.49 5.83 23.78
N ALA B 93 6.56 5.42 24.46
CA ALA B 93 7.91 5.48 23.93
C ALA B 93 8.03 4.80 22.56
N ASP B 94 7.39 3.63 22.40
CA ASP B 94 7.47 2.81 21.17
C ASP B 94 6.90 3.50 19.93
N LEU B 95 6.11 4.55 20.18
CA LEU B 95 5.46 5.29 19.12
C LEU B 95 6.14 6.64 18.86
N VAL B 96 7.32 6.85 19.45
CA VAL B 96 8.16 8.03 19.23
C VAL B 96 9.49 7.69 18.57
N VAL B 97 9.80 8.44 17.51
CA VAL B 97 11.02 8.29 16.70
C VAL B 97 11.81 9.59 16.88
N ALA B 98 13.12 9.49 17.04
CA ALA B 98 13.99 10.65 17.15
C ALA B 98 14.93 10.70 15.97
N GLN B 99 15.01 11.85 15.32
CA GLN B 99 15.84 11.92 14.13
C GLN B 99 16.96 12.94 14.27
N ASP B 100 17.06 13.87 13.31
CA ASP B 100 18.16 14.85 13.28
C ASP B 100 17.76 16.24 13.75
N GLY B 101 18.20 17.28 13.05
CA GLY B 101 18.04 18.65 13.56
C GLY B 101 16.82 19.45 13.19
N SER B 102 15.92 18.88 12.38
CA SER B 102 14.87 19.66 11.76
C SER B 102 13.58 18.84 11.63
N SER B 103 12.49 19.24 12.30
CA SER B 103 11.21 18.54 12.08
C SER B 103 10.65 18.84 10.66
N LEU B 104 10.96 20.00 10.09
CA LEU B 104 10.54 20.30 8.70
C LEU B 104 11.12 19.28 7.71
N ASN B 105 12.36 18.86 7.93
CA ASN B 105 12.97 17.84 7.07
C ASN B 105 12.07 16.60 7.07
N ILE B 106 11.61 16.19 8.25
CA ILE B 106 10.73 15.04 8.34
C ILE B 106 9.38 15.17 7.60
N PHE B 108 8.69 17.16 5.29
CA PHE B 108 8.97 17.17 3.87
C PHE B 108 9.02 15.74 3.38
N ASP B 109 9.71 14.88 4.12
CA ASP B 109 10.00 13.52 3.65
C ASP B 109 8.72 12.70 3.64
N LEU B 110 7.89 12.88 4.65
CA LEU B 110 6.62 12.18 4.75
C LEU B 110 5.73 12.48 3.49
N ILE B 111 5.62 13.77 3.15
CA ILE B 111 4.85 14.22 1.99
C ILE B 111 5.50 13.82 0.69
N SER B 112 6.81 14.00 0.61
CA SER B 112 7.57 13.53 -0.56
C SER B 112 7.42 12.03 -0.81
N TRP B 113 7.53 11.20 0.23
CA TRP B 113 7.52 9.73 -0.04
C TRP B 113 6.08 9.29 -0.30
N SER B 114 5.11 10.02 0.28
CA SER B 114 3.73 9.80 -0.10
C SER B 114 3.43 10.16 -1.55
N TYR B 115 4.05 11.22 -2.03
CA TYR B 115 3.84 11.72 -3.39
C TYR B 115 4.46 10.72 -4.39
N THR B 116 5.61 10.19 -4.04
CA THR B 116 6.33 9.30 -4.94
C THR B 116 5.71 7.91 -4.90
N TRP B 117 5.46 7.40 -3.70
CA TRP B 117 5.17 5.98 -3.51
C TRP B 117 3.81 5.74 -2.86
N GLY B 118 3.16 6.82 -2.42
CA GLY B 118 1.96 6.73 -1.60
C GLY B 118 2.32 6.42 -0.13
N ASN B 119 1.40 6.67 0.79
CA ASN B 119 1.62 6.15 2.14
C ASN B 119 1.08 4.71 2.33
N ASN B 120 1.30 4.14 3.49
CA ASN B 120 0.84 2.79 3.84
C ASN B 120 -0.65 2.56 3.61
N ASP B 121 -1.44 3.62 3.66
CA ASP B 121 -2.86 3.55 3.31
C ASP B 121 -3.24 3.90 1.86
N SER B 122 -2.26 4.19 1.03
CA SER B 122 -2.52 4.64 -0.34
C SER B 122 -2.80 3.52 -1.30
N SER B 123 -3.69 3.75 -2.25
CA SER B 123 -3.73 2.79 -3.36
C SER B 123 -3.02 3.35 -4.60
N ARG B 124 -2.85 4.66 -4.66
CA ARG B 124 -1.90 5.23 -5.61
C ARG B 124 -1.08 6.41 -5.00
N PRO B 125 0.12 6.63 -5.55
CA PRO B 125 1.01 7.70 -5.08
C PRO B 125 0.32 9.03 -5.28
N TRP B 126 0.58 10.03 -4.44
CA TRP B 126 -0.11 11.30 -4.67
C TRP B 126 0.25 12.00 -5.98
N SER B 127 1.43 11.72 -6.51
CA SER B 127 1.79 12.15 -7.86
C SER B 127 0.86 11.70 -8.99
N ALA B 128 0.13 10.59 -8.78
CA ALA B 128 -0.80 10.03 -9.77
C ALA B 128 -2.12 10.76 -9.86
N GLU B 129 -2.42 11.53 -8.82
CA GLU B 129 -3.65 12.33 -8.80
C GLU B 129 -3.63 13.51 -9.79
N GLU B 130 -4.70 13.75 -10.54
CA GLU B 130 -4.74 15.00 -11.35
C GLU B 130 -4.61 16.20 -10.43
N LYS B 131 -5.16 16.06 -9.22
CA LYS B 131 -5.17 17.15 -8.26
C LYS B 131 -5.03 16.61 -6.84
N VAL B 132 -4.17 17.23 -6.05
CA VAL B 132 -4.09 16.98 -4.61
C VAL B 132 -4.50 18.27 -3.88
N LYS B 133 -5.61 18.20 -3.15
CA LYS B 133 -6.05 19.29 -2.32
C LYS B 133 -5.53 19.05 -0.89
N TRP B 134 -5.10 20.13 -0.26
CA TRP B 134 -4.49 20.05 1.08
C TRP B 134 -5.06 21.16 1.94
N LEU B 135 -5.57 20.84 3.13
CA LEU B 135 -6.25 21.87 3.95
C LEU B 135 -5.27 22.71 4.76
N CYS B 136 -5.44 24.03 4.63
CA CYS B 136 -4.57 25.06 5.21
C CYS B 136 -5.34 25.91 6.20
N PRO B 137 -5.36 25.48 7.48
CA PRO B 137 -5.88 26.41 8.45
C PRO B 137 -5.03 27.65 8.45
N VAL B 138 -5.69 28.79 8.58
CA VAL B 138 -5.11 30.09 8.25
C VAL B 138 -5.61 31.13 9.30
N PRO B 139 -4.75 32.09 9.74
CA PRO B 139 -3.28 32.23 9.54
C PRO B 139 -2.49 30.98 9.95
N GLY B 140 -1.47 30.65 9.16
CA GLY B 140 -0.66 29.44 9.37
C GLY B 140 0.81 29.71 9.18
N TYR B 141 1.59 28.65 8.98
CA TYR B 141 3.04 28.71 8.97
C TYR B 141 3.59 28.63 7.56
N ASP B 142 4.29 29.68 7.12
CA ASP B 142 4.75 29.78 5.75
C ASP B 142 5.60 28.60 5.26
N ARG B 143 6.46 28.05 6.13
CA ARG B 143 7.32 26.93 5.71
C ARG B 143 6.54 25.62 5.45
N HIS B 144 5.43 25.44 6.15
CA HIS B 144 4.45 24.37 5.81
C HIS B 144 3.95 24.60 4.38
N PHE B 145 3.35 25.76 4.12
CA PHE B 145 2.71 25.98 2.83
C PHE B 145 3.70 25.96 1.69
N THR B 146 4.92 26.27 2.03
CA THR B 146 5.93 26.27 1.04
C THR B 146 6.16 24.84 0.55
N ILE B 147 6.02 23.86 1.45
CA ILE B 147 6.32 22.44 1.08
C ILE B 147 5.27 21.94 0.07
N THR B 148 4.01 22.24 0.37
CA THR B 148 2.91 21.73 -0.42
C THR B 148 2.81 22.50 -1.71
N GLU B 149 3.17 23.77 -1.68
CA GLU B 149 3.36 24.59 -2.90
C GLU B 149 4.36 23.91 -3.83
N HIS B 150 5.44 23.44 -3.26
CA HIS B 150 6.50 22.84 -4.05
C HIS B 150 6.06 21.59 -4.77
N PHE B 151 5.06 20.90 -4.19
CA PHE B 151 4.57 19.64 -4.75
C PHE B 151 3.37 19.91 -5.63
N GLY B 152 3.05 21.20 -5.81
CA GLY B 152 1.97 21.56 -6.70
C GLY B 152 0.61 21.16 -6.17
N PHE B 153 0.47 21.12 -4.83
CA PHE B 153 -0.83 20.86 -4.22
C PHE B 153 -1.74 22.10 -4.25
N GLU B 154 -3.03 21.86 -4.39
CA GLU B 154 -4.02 22.90 -4.38
C GLU B 154 -4.43 23.19 -2.91
N ILE B 156 -6.36 24.68 0.19
CA ILE B 156 -7.66 25.22 0.56
C ILE B 156 -7.56 25.82 1.94
N ASN B 157 -7.87 27.12 2.03
CA ASN B 157 -7.73 27.86 3.25
C ASN B 157 -8.85 27.43 4.19
N VAL B 158 -8.54 27.13 5.44
CA VAL B 158 -9.63 26.97 6.39
C VAL B 158 -9.48 27.98 7.52
N PRO B 159 -10.59 28.64 7.88
CA PRO B 159 -10.58 29.67 8.93
C PRO B 159 -10.25 29.10 10.32
N THR B 161 -10.57 29.37 14.43
CA THR B 161 -11.30 29.92 15.57
C THR B 161 -10.34 29.79 16.75
N ASP B 162 -10.80 30.16 17.94
CA ASP B 162 -9.98 30.06 19.14
C ASP B 162 -10.03 28.68 19.75
N GLU B 163 -10.71 27.79 19.04
CA GLU B 163 -10.81 26.36 19.38
C GLU B 163 -9.95 25.55 18.41
N GLY B 164 -9.54 26.17 17.31
CA GLY B 164 -8.73 25.49 16.25
C GLY B 164 -9.39 25.66 14.89
N PRO B 165 -9.16 24.71 13.94
CA PRO B 165 -9.76 24.86 12.61
C PRO B 165 -11.27 24.82 12.70
N ASP B 166 -11.93 25.56 11.80
CA ASP B 166 -13.38 25.52 11.72
C ASP B 166 -13.77 24.14 11.19
N GLY B 168 -16.79 22.51 10.88
CA GLY B 168 -17.87 22.40 9.91
C GLY B 168 -17.28 22.54 8.51
N VAL B 169 -16.39 23.50 8.35
CA VAL B 169 -15.68 23.67 7.07
C VAL B 169 -14.85 22.43 6.74
N VAL B 170 -14.08 21.94 7.70
CA VAL B 170 -13.20 20.80 7.48
C VAL B 170 -13.97 19.53 7.09
N ARG B 171 -14.99 19.20 7.88
CA ARG B 171 -15.79 17.99 7.65
C ARG B 171 -16.50 17.95 6.31
N GLU B 172 -16.88 19.12 5.79
CA GLU B 172 -17.40 19.28 4.42
C GLU B 172 -16.30 19.05 3.35
N LEU B 173 -15.11 19.57 3.60
CA LEU B 173 -14.08 19.55 2.59
C LEU B 173 -13.48 18.14 2.39
N VAL B 174 -13.46 17.37 3.47
CA VAL B 174 -12.84 16.03 3.50
C VAL B 174 -13.65 14.93 2.78
N LYS B 175 -14.90 15.25 2.49
CA LYS B 175 -15.75 14.49 1.58
C LYS B 175 -15.31 14.48 0.11
N ASP B 176 -14.39 15.36 -0.25
CA ASP B 176 -13.83 15.32 -1.58
C ASP B 176 -12.64 14.36 -1.55
N PRO B 177 -12.66 13.33 -2.40
CA PRO B 177 -11.62 12.30 -2.50
C PRO B 177 -10.21 12.85 -2.79
N GLN B 178 -10.14 13.98 -3.51
CA GLN B 178 -8.89 14.70 -3.81
C GLN B 178 -8.22 15.36 -2.61
N VAL B 179 -8.93 15.53 -1.49
CA VAL B 179 -8.36 16.11 -0.28
C VAL B 179 -7.51 15.05 0.44
N LYS B 180 -6.20 15.25 0.39
CA LYS B 180 -5.27 14.24 0.92
C LYS B 180 -4.76 14.56 2.36
N GLY B 181 -4.96 15.80 2.84
CA GLY B 181 -4.39 16.17 4.12
C GLY B 181 -4.60 17.59 4.59
N TRP B 183 -2.30 20.73 7.15
CA TRP B 183 -1.27 21.19 8.10
C TRP B 183 -1.96 21.74 9.36
N THR B 184 -1.39 21.41 10.51
CA THR B 184 -1.77 21.94 11.80
C THR B 184 -0.52 22.35 12.65
N VAL B 185 -0.69 23.37 13.49
CA VAL B 185 0.16 23.63 14.69
C VAL B 185 -0.79 23.69 15.87
N PRO B 186 -1.02 22.54 16.52
CA PRO B 186 -2.11 22.36 17.48
C PRO B 186 -1.98 22.96 18.90
N VAL B 187 -0.77 23.38 19.28
CA VAL B 187 -0.55 24.06 20.60
C VAL B 187 0.22 25.35 20.34
N PHE B 188 -0.28 26.47 20.87
CA PHE B 188 0.34 27.79 20.68
C PHE B 188 0.70 28.00 19.22
N GLY B 189 -0.31 27.89 18.34
CA GLY B 189 -0.12 27.94 16.89
C GLY B 189 0.69 29.11 16.38
N ASN B 190 1.60 28.81 15.46
CA ASN B 190 2.31 29.81 14.66
C ASN B 190 1.39 30.23 13.53
N PRO B 191 0.93 31.49 13.52
CA PRO B 191 1.14 32.68 14.35
C PRO B 191 0.04 33.06 15.37
N THR B 192 -1.10 32.37 15.35
CA THR B 192 -2.26 32.84 16.08
C THR B 192 -2.16 32.64 17.59
N GLY B 193 -1.21 31.81 18.01
CA GLY B 193 -1.09 31.41 19.44
C GLY B 193 -2.16 30.44 19.93
N VAL B 194 -3.03 29.99 19.04
CA VAL B 194 -4.17 29.11 19.38
C VAL B 194 -3.76 27.67 19.65
N THR B 195 -4.29 27.10 20.72
CA THR B 195 -4.14 25.66 20.95
C THR B 195 -5.50 24.98 20.76
N PHE B 196 -5.52 23.93 19.95
CA PHE B 196 -6.76 23.23 19.57
C PHE B 196 -7.39 22.63 20.79
N SER B 197 -8.68 22.92 21.00
CA SER B 197 -9.40 22.36 22.14
C SER B 197 -9.36 20.83 22.10
N GLU B 198 -9.71 20.23 23.23
CA GLU B 198 -9.87 18.78 23.29
C GLU B 198 -10.91 18.29 22.28
N GLN B 199 -12.08 18.94 22.26
CA GLN B 199 -13.13 18.52 21.34
C GLN B 199 -12.67 18.58 19.87
N THR B 200 -11.89 19.61 19.53
CA THR B 200 -11.35 19.77 18.16
C THR B 200 -10.43 18.60 17.79
N CYS B 201 -9.57 18.23 18.73
CA CYS B 201 -8.65 17.11 18.57
C CYS B 201 -9.42 15.81 18.36
N ARG B 202 -10.58 15.70 19.03
CA ARG B 202 -11.38 14.48 18.93
C ARG B 202 -12.12 14.39 17.60
N GLU B 203 -12.71 15.51 17.18
CA GLU B 203 -13.39 15.59 15.89
C GLU B 203 -12.46 15.32 14.71
N LEU B 204 -11.19 15.71 14.84
CA LEU B 204 -10.24 15.50 13.76
C LEU B 204 -9.83 14.03 13.64
N ALA B 205 -9.79 13.34 14.78
CA ALA B 205 -9.45 11.92 14.89
C ALA B 205 -10.62 11.03 14.47
N GLU B 206 -11.83 11.50 14.75
CA GLU B 206 -13.05 10.76 14.46
C GLU B 206 -13.71 11.01 13.10
N SER B 208 -14.81 11.05 9.30
CA SER B 208 -14.57 10.18 8.15
C SER B 208 -14.21 11.00 6.90
N THR B 209 -13.12 10.63 6.25
CA THR B 209 -12.67 11.36 5.09
C THR B 209 -12.96 10.50 3.86
N ALA B 210 -13.09 11.15 2.71
CA ALA B 210 -13.31 10.43 1.48
C ALA B 210 -12.01 9.71 1.07
N ALA B 211 -10.87 10.39 1.27
CA ALA B 211 -9.54 9.77 1.02
C ALA B 211 -9.17 8.68 2.02
N PRO B 212 -8.80 7.46 1.55
CA PRO B 212 -8.49 6.46 2.54
C PRO B 212 -7.17 6.75 3.27
N ASP B 213 -6.29 7.50 2.61
CA ASP B 213 -4.93 7.73 3.09
C ASP B 213 -4.69 9.17 3.52
N PHE B 214 -5.77 9.83 3.92
CA PHE B 214 -5.73 11.16 4.54
C PHE B 214 -4.78 11.22 5.73
N ARG B 215 -4.01 12.31 5.76
CA ARG B 215 -3.05 12.54 6.83
C ARG B 215 -3.08 13.95 7.38
N ILE B 216 -3.03 14.05 8.71
CA ILE B 216 -2.91 15.37 9.31
C ILE B 216 -1.49 15.50 9.78
N VAL B 217 -0.81 16.55 9.33
CA VAL B 217 0.48 16.88 9.98
C VAL B 217 0.18 17.64 11.26
N TRP B 218 0.41 16.96 12.39
CA TRP B 218 0.25 17.48 13.73
C TRP B 218 1.61 17.98 14.16
N ASP B 219 1.94 19.17 13.70
CA ASP B 219 3.21 19.83 13.96
C ASP B 219 3.17 20.51 15.31
N ASN B 220 3.39 19.71 16.35
CA ASN B 220 3.37 20.24 17.69
C ASN B 220 4.70 20.93 18.05
N ALA B 221 5.04 21.94 17.26
CA ALA B 221 6.27 22.70 17.46
C ALA B 221 6.38 23.33 18.86
N TYR B 222 5.26 23.67 19.48
CA TYR B 222 5.22 24.47 20.72
C TYR B 222 4.55 23.75 21.90
N ALA B 223 4.68 22.43 21.91
CA ALA B 223 4.01 21.53 22.86
C ALA B 223 4.41 21.70 24.31
N LEU B 224 5.51 22.41 24.57
CA LEU B 224 5.95 22.70 25.94
C LEU B 224 6.28 24.18 26.13
N HIS B 225 6.08 24.98 25.08
CA HIS B 225 6.65 26.34 25.00
C HIS B 225 5.79 27.40 25.65
N THR B 226 5.55 27.20 26.95
CA THR B 226 4.70 28.09 27.70
C THR B 226 5.43 29.40 28.05
N LEU B 227 4.65 30.47 28.17
CA LEU B 227 5.17 31.76 28.63
C LEU B 227 4.95 31.96 30.13
N SER B 228 4.11 31.11 30.73
CA SER B 228 3.82 31.17 32.18
C SER B 228 4.52 30.01 32.91
N ASP B 229 4.02 29.68 34.11
CA ASP B 229 4.51 28.52 34.86
C ASP B 229 3.80 27.20 34.50
N GLU B 230 2.68 27.29 33.79
CA GLU B 230 1.90 26.12 33.48
C GLU B 230 2.04 25.62 32.02
N PHE B 231 2.24 24.31 31.85
CA PHE B 231 2.34 23.63 30.55
C PHE B 231 0.98 23.16 30.05
N PRO B 232 0.70 23.34 28.74
CA PRO B 232 -0.57 22.97 28.14
C PRO B 232 -0.80 21.45 28.04
N ILE B 233 -2.07 21.04 27.97
CA ILE B 233 -2.39 19.64 27.79
C ILE B 233 -2.04 19.20 26.37
N VAL B 234 -1.18 18.20 26.29
CA VAL B 234 -0.82 17.62 25.03
C VAL B 234 -1.75 16.44 24.83
N HIS B 235 -2.83 16.66 24.07
CA HIS B 235 -3.80 15.61 23.75
C HIS B 235 -3.20 14.51 22.88
N ASN B 236 -3.41 13.27 23.27
CA ASN B 236 -2.79 12.15 22.55
C ASN B 236 -3.65 11.69 21.37
N VAL B 237 -3.53 12.43 20.26
CA VAL B 237 -4.29 12.17 19.04
C VAL B 237 -3.95 10.80 18.41
N ILE B 238 -2.77 10.27 18.67
CA ILE B 238 -2.51 8.91 18.19
C ILE B 238 -3.53 7.92 18.83
N GLU B 239 -3.77 8.04 20.13
CA GLU B 239 -4.77 7.22 20.80
C GLU B 239 -6.22 7.67 20.55
N PHE B 240 -6.46 8.97 20.40
CA PHE B 240 -7.75 9.42 19.91
C PHE B 240 -8.07 8.70 18.59
N ALA B 241 -7.08 8.63 17.71
CA ALA B 241 -7.26 8.11 16.36
C ALA B 241 -7.47 6.60 16.34
N GLN B 242 -6.72 5.87 17.18
CA GLN B 242 -6.90 4.42 17.29
C GLN B 242 -8.30 4.05 17.82
N ALA B 243 -8.81 4.81 18.78
CA ALA B 243 -10.11 4.52 19.37
C ALA B 243 -11.26 4.92 18.43
N ALA B 244 -10.95 5.80 17.48
CA ALA B 244 -11.97 6.25 16.52
C ALA B 244 -11.97 5.35 15.28
N GLY B 245 -11.00 4.45 15.18
CA GLY B 245 -10.95 3.58 14.01
C GLY B 245 -10.12 4.20 12.87
N ASN B 246 -9.45 5.32 13.16
CA ASN B 246 -8.68 6.00 12.13
C ASN B 246 -7.18 6.03 12.54
N PRO B 247 -6.62 4.84 12.89
CA PRO B 247 -5.34 4.80 13.61
C PRO B 247 -4.16 5.53 12.95
N ASN B 248 -4.19 5.62 11.63
CA ASN B 248 -3.04 6.16 10.92
C ASN B 248 -3.12 7.63 10.50
N ARG B 249 -4.13 8.33 10.97
CA ARG B 249 -4.36 9.70 10.51
C ARG B 249 -3.30 10.75 10.84
N PHE B 250 -2.69 10.67 12.01
CA PHE B 250 -1.80 11.72 12.48
C PHE B 250 -0.34 11.38 12.40
N TRP B 251 0.36 12.36 11.84
CA TRP B 251 1.81 12.46 11.84
C TRP B 251 2.17 13.55 12.86
N PHE B 252 2.61 13.12 14.04
CA PHE B 252 2.76 13.98 15.21
C PHE B 252 4.24 14.37 15.28
N SER B 254 7.40 17.16 16.56
CA SER B 254 7.92 18.05 17.60
C SER B 254 9.45 18.18 17.45
N SER B 255 10.09 19.10 18.19
CA SER B 255 11.56 19.23 18.13
C SER B 255 12.16 20.09 19.25
N THR B 256 13.47 19.95 19.45
CA THR B 256 14.17 20.78 20.45
C THR B 256 14.71 22.13 19.89
N SER B 257 14.29 22.49 18.68
CA SER B 257 14.80 23.67 17.96
C SER B 257 14.76 25.00 18.71
N LYS B 258 13.65 25.25 19.38
CA LYS B 258 13.49 26.46 20.18
C LYS B 258 13.75 26.17 21.66
N ILE B 259 14.29 24.99 21.92
CA ILE B 259 14.63 24.54 23.27
C ILE B 259 16.13 24.58 23.47
N THR B 260 16.89 23.97 22.55
CA THR B 260 18.35 23.98 22.64
C THR B 260 18.95 24.87 21.53
N HIS B 261 19.53 24.27 20.50
CA HIS B 261 20.22 25.05 19.46
C HIS B 261 19.52 24.93 18.12
N ALA B 262 18.86 26.00 17.70
CA ALA B 262 18.08 26.00 16.46
C ALA B 262 18.94 25.60 15.29
N GLY B 263 18.61 24.45 14.70
CA GLY B 263 19.31 23.92 13.53
C GLY B 263 20.31 22.86 13.90
N SER B 264 20.64 22.80 15.19
CA SER B 264 21.52 21.74 15.70
C SER B 264 20.84 20.92 16.83
N GLY B 265 19.51 20.92 16.81
CA GLY B 265 18.70 20.26 17.86
C GLY B 265 18.32 18.82 17.47
N VAL B 266 17.21 18.33 18.03
CA VAL B 266 16.71 16.97 17.73
C VAL B 266 15.23 17.06 17.41
N SER B 267 14.81 16.34 16.36
CA SER B 267 13.44 16.36 15.87
C SER B 267 12.73 15.04 16.22
N PHE B 268 11.40 15.10 16.37
CA PHE B 268 10.64 13.92 16.77
C PHE B 268 9.45 13.69 15.86
N PHE B 269 9.25 12.42 15.55
CA PHE B 269 8.11 11.95 14.78
C PHE B 269 7.42 10.84 15.54
N ALA B 270 6.18 11.11 15.91
CA ALA B 270 5.36 10.10 16.55
C ALA B 270 4.16 9.79 15.66
N SER B 271 3.77 8.51 15.63
CA SER B 271 2.59 8.13 14.86
C SER B 271 2.25 6.70 15.29
N SER B 272 1.34 6.04 14.56
CA SER B 272 0.96 4.69 14.94
C SER B 272 2.09 3.77 14.46
N LYS B 273 2.12 2.55 14.99
CA LYS B 273 3.21 1.62 14.63
C LYS B 273 3.28 1.38 13.11
N GLU B 274 2.11 1.29 12.48
CA GLU B 274 2.02 1.07 11.05
C GLU B 274 2.64 2.23 10.26
N ASN B 275 2.29 3.46 10.65
CA ASN B 275 2.89 4.64 10.05
C ASN B 275 4.37 4.71 10.29
N ILE B 276 4.80 4.37 11.49
CA ILE B 276 6.22 4.37 11.79
C ILE B 276 6.97 3.32 10.95
N GLU B 277 6.40 2.13 10.80
CA GLU B 277 7.07 1.09 9.98
C GLU B 277 7.09 1.50 8.50
N TRP B 278 6.04 2.18 8.05
CA TRP B 278 6.03 2.73 6.72
C TRP B 278 7.18 3.78 6.59
N TYR B 279 7.21 4.79 7.45
CA TYR B 279 8.37 5.72 7.47
C TYR B 279 9.69 4.96 7.36
N ALA B 280 9.81 3.90 8.15
CA ALA B 280 11.09 3.29 8.35
C ALA B 280 11.53 2.57 7.09
N SER B 281 10.55 2.11 6.29
CA SER B 281 10.86 1.35 5.08
C SER B 281 11.53 2.26 4.05
N HIS B 282 11.16 3.55 4.07
CA HIS B 282 11.84 4.54 3.22
C HIS B 282 13.11 5.13 3.84
N ALA B 283 13.02 5.56 5.10
CA ALA B 283 14.20 6.10 5.81
C ALA B 283 15.39 5.11 5.83
N ASN B 284 15.06 3.83 5.78
CA ASN B 284 16.08 2.79 5.82
C ASN B 284 16.84 2.72 4.50
N VAL B 285 16.23 3.26 3.44
CA VAL B 285 16.83 3.30 2.11
C VAL B 285 17.67 4.57 1.99
N ARG B 286 17.10 5.67 2.53
CA ARG B 286 17.72 6.97 2.55
C ARG B 286 19.03 6.99 3.34
N GLY B 287 19.19 6.09 4.31
CA GLY B 287 20.44 6.02 5.05
C GLY B 287 20.36 5.11 6.25
N ILE B 288 21.39 5.16 7.10
CA ILE B 288 21.53 4.18 8.16
C ILE B 288 20.88 4.64 9.47
N GLY B 289 20.95 5.94 9.73
CA GLY B 289 20.28 6.45 10.92
C GLY B 289 20.70 7.88 11.24
N PRO B 290 20.12 8.44 12.31
CA PRO B 290 20.39 9.84 12.63
C PRO B 290 21.66 10.06 13.50
N ASN B 291 21.92 11.33 13.82
CA ASN B 291 23.00 11.73 14.71
C ASN B 291 22.68 11.34 16.16
N LYS B 292 23.14 10.15 16.56
CA LYS B 292 22.96 9.60 17.89
C LYS B 292 23.72 10.34 19.00
N LEU B 293 24.86 10.92 18.65
CA LEU B 293 25.67 11.62 19.65
C LEU B 293 25.00 12.92 20.07
N ASN B 294 24.33 13.55 19.11
CA ASN B 294 23.55 14.75 19.41
C ASN B 294 22.34 14.44 20.29
N GLN B 295 21.68 13.32 19.98
CA GLN B 295 20.60 12.76 20.78
C GLN B 295 21.04 12.44 22.21
N LEU B 296 22.19 11.78 22.32
CA LEU B 296 22.80 11.51 23.63
C LEU B 296 23.13 12.78 24.43
N ALA B 297 23.75 13.77 23.79
CA ALA B 297 24.04 15.04 24.44
C ALA B 297 22.74 15.71 24.97
N HIS B 298 21.71 15.71 24.17
CA HIS B 298 20.42 16.30 24.58
C HIS B 298 19.76 15.57 25.78
N ALA B 299 19.88 14.25 25.82
CA ALA B 299 19.27 13.46 26.89
C ALA B 299 20.06 13.65 28.20
N GLN B 300 21.38 13.79 28.06
CA GLN B 300 22.26 14.05 29.18
C GLN B 300 22.03 15.45 29.70
N PHE B 301 21.90 16.41 28.78
CA PHE B 301 21.63 17.79 29.15
C PHE B 301 20.35 17.88 29.93
N PHE B 302 19.25 17.37 29.38
CA PHE B 302 17.96 17.41 30.06
C PHE B 302 18.00 16.49 31.28
N GLY B 303 18.60 15.31 31.13
CA GLY B 303 18.66 14.34 32.24
C GLY B 303 17.33 13.64 32.42
N ASP B 304 16.26 14.41 32.65
CA ASP B 304 14.91 13.85 32.82
C ASP B 304 13.85 14.87 32.40
N VAL B 305 12.58 14.47 32.41
CA VAL B 305 11.50 15.40 32.10
C VAL B 305 11.42 16.62 33.04
N ALA B 306 11.62 16.42 34.35
CA ALA B 306 11.72 17.57 35.24
C ALA B 306 12.80 18.57 34.77
N GLY B 307 13.97 18.05 34.42
CA GLY B 307 15.04 18.87 33.86
C GLY B 307 14.64 19.64 32.62
N LEU B 308 13.99 18.95 31.67
CA LEU B 308 13.45 19.55 30.46
C LEU B 308 12.40 20.64 30.79
N LYS B 309 11.45 20.32 31.67
CA LYS B 309 10.43 21.29 32.08
C LYS B 309 11.02 22.54 32.81
N ALA B 310 12.07 22.31 33.60
CA ALA B 310 12.87 23.39 34.21
C ALA B 310 13.58 24.25 33.16
N HIS B 311 14.14 23.60 32.14
CA HIS B 311 14.78 24.32 31.04
C HIS B 311 13.78 25.21 30.32
N LEU B 313 11.00 26.56 31.57
CA LEU B 313 10.65 27.70 32.42
C LEU B 313 11.67 28.83 32.33
N LYS B 314 12.93 28.48 32.06
CA LYS B 314 13.98 29.47 31.90
C LYS B 314 13.78 30.23 30.59
N HIS B 315 13.31 29.52 29.56
CA HIS B 315 12.97 30.17 28.31
C HIS B 315 11.85 31.18 28.49
N ALA B 316 10.81 30.78 29.21
CA ALA B 316 9.69 31.66 29.58
C ALA B 316 10.15 32.94 30.26
N ALA B 317 11.10 32.82 31.18
CA ALA B 317 11.52 33.98 31.98
C ALA B 317 12.24 35.00 31.10
N SER B 318 12.88 34.51 30.03
CA SER B 318 13.48 35.36 29.02
C SER B 318 12.42 35.89 28.02
N LEU B 319 11.49 35.02 27.64
CA LEU B 319 10.46 35.37 26.66
C LEU B 319 9.34 36.25 27.21
N ALA B 320 8.78 35.90 28.36
CA ALA B 320 7.59 36.60 28.89
C ALA B 320 7.64 38.15 29.01
N PRO B 321 8.76 38.73 29.47
CA PRO B 321 8.81 40.19 29.33
C PRO B 321 8.84 40.70 27.88
N LYS B 322 9.35 39.91 26.93
CA LYS B 322 9.36 40.39 25.55
C LYS B 322 7.91 40.50 25.05
N PHE B 323 7.03 39.47 25.48
CA PHE B 323 5.62 39.55 25.07
C PHE B 323 4.87 40.60 25.88
N GLU B 324 5.06 40.61 27.21
CA GLU B 324 4.43 41.59 28.09
C GLU B 324 4.48 43.00 27.44
N ARG B 325 5.71 43.43 27.15
CA ARG B 325 5.94 44.76 26.45
C ARG B 325 5.34 44.89 25.02
N VAL B 326 5.35 43.82 24.20
CA VAL B 326 4.74 43.92 22.86
C VAL B 326 3.24 44.11 22.98
N LEU B 327 2.58 43.22 23.71
CA LEU B 327 1.15 43.38 24.06
C LEU B 327 0.82 44.75 24.69
N GLU B 328 1.64 45.17 25.65
CA GLU B 328 1.52 46.47 26.29
C GLU B 328 1.57 47.64 25.31
N ILE B 329 2.63 47.66 24.47
CA ILE B 329 2.82 48.73 23.50
C ILE B 329 1.65 48.78 22.51
N LEU B 330 1.16 47.61 22.12
CA LEU B 330 0.01 47.48 21.22
C LEU B 330 -1.22 48.15 21.81
N ASP B 331 -1.41 47.92 23.10
CA ASP B 331 -2.51 48.50 23.86
C ASP B 331 -2.33 50.01 24.00
N SER B 332 -1.22 50.41 24.60
CA SER B 332 -0.86 51.81 24.78
C SER B 332 -1.22 52.65 23.55
N ARG B 333 -0.72 52.28 22.40
CA ARG B 333 -0.90 53.10 21.24
C ARG B 333 -1.96 52.74 20.21
N LEU B 334 -2.55 51.55 20.22
CA LEU B 334 -3.59 51.21 19.24
C LEU B 334 -4.99 51.02 19.82
N SER B 335 -5.04 50.45 21.04
CA SER B 335 -6.26 49.87 21.66
C SER B 335 -7.66 50.45 21.36
N GLU B 336 -7.95 51.66 21.81
CA GLU B 336 -9.34 52.08 21.70
C GLU B 336 -9.65 52.84 20.42
N TYR B 337 -8.64 52.94 19.56
CA TYR B 337 -8.71 53.63 18.28
C TYR B 337 -9.15 52.62 17.23
N GLY B 338 -9.10 51.35 17.64
CA GLY B 338 -9.76 50.26 16.92
C GLY B 338 -9.30 49.95 15.51
N VAL B 339 -8.16 50.53 15.11
CA VAL B 339 -7.58 50.24 13.79
C VAL B 339 -6.92 48.86 13.72
N ALA B 340 -6.77 48.20 14.86
CA ALA B 340 -6.22 46.83 14.90
C ALA B 340 -6.66 46.01 16.11
N LYS B 341 -6.78 44.71 15.85
CA LYS B 341 -6.99 43.70 16.86
C LYS B 341 -5.73 42.81 16.85
N TRP B 342 -5.44 42.14 17.96
CA TRP B 342 -4.32 41.17 18.01
C TRP B 342 -4.53 40.09 19.05
N THR B 343 -3.88 38.96 18.82
CA THR B 343 -3.82 37.86 19.78
C THR B 343 -3.03 38.27 21.02
N SER B 344 -3.28 37.54 22.11
CA SER B 344 -2.52 37.67 23.34
C SER B 344 -2.28 36.25 23.80
N PRO B 345 -1.18 35.61 23.32
CA PRO B 345 -0.86 34.20 23.45
C PRO B 345 -0.17 33.87 24.76
N THR B 346 -0.35 32.62 25.19
CA THR B 346 0.12 32.16 26.50
C THR B 346 1.40 31.28 26.33
N GLY B 347 1.82 31.13 25.08
CA GLY B 347 3.06 30.41 24.76
C GLY B 347 3.33 30.58 23.27
N GLY B 348 4.38 29.92 22.79
CA GLY B 348 4.73 29.98 21.38
C GLY B 348 5.58 31.22 21.18
N TYR B 349 5.68 31.66 19.93
CA TYR B 349 6.73 32.56 19.48
C TYR B 349 6.25 33.80 18.74
N PHE B 350 4.94 33.95 18.60
CA PHE B 350 4.37 35.01 17.75
C PHE B 350 3.13 35.68 18.29
N ILE B 351 2.85 36.84 17.72
CA ILE B 351 1.59 37.58 17.94
C ILE B 351 0.98 37.86 16.55
N SER B 352 -0.35 37.72 16.43
CA SER B 352 -1.03 37.86 15.15
C SER B 352 -1.86 39.12 15.24
N VAL B 353 -1.53 40.10 14.40
CA VAL B 353 -2.25 41.38 14.40
C VAL B 353 -3.02 41.41 13.10
N ASP B 354 -4.28 41.81 13.19
CA ASP B 354 -5.08 42.02 12.02
C ASP B 354 -5.44 43.52 12.02
N VAL B 355 -5.04 44.20 10.96
CA VAL B 355 -5.16 45.63 10.87
C VAL B 355 -6.36 45.87 9.96
N VAL B 356 -6.68 47.12 9.68
CA VAL B 356 -7.79 47.40 8.76
C VAL B 356 -7.58 46.64 7.45
N PRO B 357 -8.55 45.80 7.07
CA PRO B 357 -8.41 45.06 5.82
C PRO B 357 -8.20 46.00 4.63
N GLY B 358 -7.21 45.67 3.81
CA GLY B 358 -6.76 46.53 2.72
C GLY B 358 -5.45 47.24 3.06
N THR B 359 -5.06 47.15 4.32
CA THR B 359 -3.99 47.96 4.88
C THR B 359 -2.67 47.26 5.23
N ALA B 360 -2.70 45.94 5.42
CA ALA B 360 -1.49 45.21 5.81
C ALA B 360 -0.25 45.49 4.96
N SER B 361 -0.35 45.41 3.63
CA SER B 361 0.78 45.66 2.74
C SER B 361 1.44 47.01 2.96
N ARG B 362 0.60 48.03 3.11
CA ARG B 362 1.05 49.38 3.30
C ARG B 362 1.86 49.54 4.59
N VAL B 363 1.34 48.99 5.69
CA VAL B 363 2.03 49.01 6.98
C VAL B 363 3.42 48.39 6.85
N VAL B 364 3.51 47.20 6.25
CA VAL B 364 4.82 46.60 6.01
C VAL B 364 5.73 47.58 5.25
N GLU B 365 5.21 48.17 4.18
CA GLU B 365 5.96 49.13 3.37
C GLU B 365 6.42 50.31 4.22
N LEU B 366 5.47 51.00 4.86
CA LEU B 366 5.78 52.08 5.81
C LEU B 366 6.96 51.78 6.72
N ALA B 367 6.94 50.59 7.33
CA ALA B 367 8.00 50.15 8.22
C ALA B 367 9.34 50.01 7.47
N LYS B 368 9.30 49.38 6.28
CA LYS B 368 10.48 49.20 5.43
C LYS B 368 11.20 50.51 5.07
N GLU B 369 10.43 51.56 4.79
CA GLU B 369 10.99 52.89 4.51
C GLU B 369 11.43 53.62 5.80
N ALA B 370 11.04 53.08 6.96
CA ALA B 370 11.42 53.65 8.26
C ALA B 370 12.43 52.78 9.01
N GLY B 371 13.10 51.87 8.29
CA GLY B 371 14.16 51.05 8.87
C GLY B 371 13.72 49.82 9.64
N ILE B 372 12.42 49.50 9.59
CA ILE B 372 11.87 48.38 10.37
C ILE B 372 11.33 47.26 9.47
N ALA B 373 11.99 46.10 9.51
CA ALA B 373 11.49 44.94 8.82
C ALA B 373 10.34 44.29 9.59
N LEU B 374 9.25 44.12 8.86
CA LEU B 374 8.05 43.42 9.31
C LEU B 374 7.92 42.29 8.32
N THR B 375 7.44 41.14 8.76
CA THR B 375 7.18 40.03 7.85
C THR B 375 6.10 40.42 6.83
N GLY B 376 6.40 40.14 5.56
CA GLY B 376 5.55 40.53 4.43
C GLY B 376 4.07 40.25 4.56
N ALA B 377 3.26 41.14 3.99
CA ALA B 377 1.82 40.88 3.90
C ALA B 377 1.60 39.47 3.33
N GLY B 378 0.82 38.68 4.06
CA GLY B 378 0.36 37.39 3.54
C GLY B 378 1.33 36.24 3.72
N SER B 379 2.44 36.47 4.44
CA SER B 379 3.38 35.39 4.67
C SER B 379 2.82 34.26 5.55
N SER B 380 1.70 34.51 6.22
CA SER B 380 1.02 33.43 6.95
C SER B 380 -0.06 32.71 6.12
N PHE B 381 -0.05 32.90 4.79
CA PHE B 381 -1.09 32.33 3.91
C PHE B 381 -0.45 31.55 2.76
N PRO B 382 -1.15 30.50 2.28
CA PRO B 382 -0.69 29.81 1.07
C PRO B 382 -0.47 30.78 -0.08
N LEU B 383 0.58 30.55 -0.85
CA LEU B 383 0.97 31.45 -1.97
C LEU B 383 1.18 32.92 -1.52
N HIS B 384 1.49 33.13 -0.25
CA HIS B 384 1.69 34.46 0.31
C HIS B 384 0.59 35.41 -0.06
N ASN B 385 -0.65 34.92 -0.07
CA ASN B 385 -1.75 35.77 -0.45
C ASN B 385 -2.82 35.76 0.62
N ASP B 386 -2.83 36.80 1.45
CA ASP B 386 -3.92 37.04 2.36
C ASP B 386 -4.95 37.79 1.53
N PRO B 387 -6.12 37.18 1.32
CA PRO B 387 -7.18 37.71 0.44
C PRO B 387 -7.83 38.97 1.05
N ASN B 388 -7.54 39.24 2.32
CA ASN B 388 -8.09 40.42 2.96
C ASN B 388 -7.07 41.55 3.14
N ASN B 389 -5.78 41.24 2.87
CA ASN B 389 -4.69 42.19 3.12
C ASN B 389 -4.82 42.84 4.49
N GLU B 390 -4.96 42.00 5.52
CA GLU B 390 -5.22 42.46 6.91
C GLU B 390 -4.23 41.93 7.94
N ASN B 391 -3.56 40.81 7.64
CA ASN B 391 -2.73 40.14 8.64
C ASN B 391 -1.25 40.55 8.62
N ILE B 392 -0.69 40.69 9.81
CA ILE B 392 0.75 40.92 10.02
C ILE B 392 1.19 40.11 11.25
N ARG B 393 2.20 39.24 11.05
CA ARG B 393 2.83 38.43 12.09
C ARG B 393 3.96 39.21 12.80
N LEU B 394 3.93 39.20 14.14
CA LEU B 394 4.94 39.88 14.94
C LEU B 394 5.83 38.85 15.61
N ALA B 395 7.14 39.06 15.55
CA ALA B 395 8.04 38.12 16.20
C ALA B 395 8.89 38.81 17.28
N PRO B 396 8.53 38.61 18.56
CA PRO B 396 9.25 39.33 19.62
C PRO B 396 10.52 38.68 20.19
N SER B 397 10.78 37.42 19.89
CA SER B 397 11.81 36.64 20.58
C SER B 397 13.25 37.16 20.51
N LEU B 398 13.70 37.58 19.34
CA LEU B 398 15.11 37.88 19.11
C LEU B 398 15.60 39.22 19.66
N PRO B 399 14.98 40.36 19.25
CA PRO B 399 15.59 41.61 19.67
C PRO B 399 15.67 41.72 21.19
N PRO B 400 16.73 42.39 21.71
CA PRO B 400 16.68 42.71 23.13
C PRO B 400 15.56 43.73 23.36
N VAL B 401 15.05 43.79 24.60
CA VAL B 401 13.83 44.57 24.91
C VAL B 401 13.89 46.04 24.48
N ALA B 402 15.08 46.63 24.60
CA ALA B 402 15.29 48.03 24.20
C ALA B 402 14.99 48.24 22.72
N GLU B 403 15.49 47.35 21.86
CA GLU B 403 15.25 47.44 20.43
C GLU B 403 13.77 47.20 20.13
N LEU B 404 13.25 46.12 20.77
CA LEU B 404 11.84 45.71 20.66
C LEU B 404 10.90 46.88 20.84
N GLU B 405 11.16 47.69 21.87
CA GLU B 405 10.30 48.83 22.18
C GLU B 405 10.21 49.81 21.02
N VAL B 406 11.34 50.09 20.35
CA VAL B 406 11.41 51.08 19.28
C VAL B 406 10.80 50.45 18.01
N ALA B 407 11.16 49.18 17.70
CA ALA B 407 10.54 48.43 16.61
C ALA B 407 9.01 48.34 16.78
N ASP B 409 6.77 50.27 18.83
CA ASP B 409 5.99 51.50 18.71
C ASP B 409 6.02 51.96 17.23
N GLY B 410 7.37 51.94 16.66
CA GLY B 410 7.52 52.11 15.21
C GLY B 410 6.49 51.33 14.39
N PHE B 411 6.18 50.09 14.84
CA PHE B 411 5.10 49.31 14.22
C PHE B 411 3.78 50.08 14.34
N ALA B 412 3.52 50.53 15.59
CA ALA B 412 2.27 51.23 15.92
C ALA B 412 2.10 52.47 15.05
N THR B 413 3.21 53.16 14.78
CA THR B 413 3.19 54.42 14.00
C THR B 413 2.77 54.15 12.56
N CYS B 414 3.21 53.00 12.05
CA CYS B 414 2.92 52.57 10.70
C CYS B 414 1.46 52.14 10.55
N VAL B 415 1.05 51.13 11.38
CA VAL B 415 -0.35 50.68 11.41
C VAL B 415 -1.33 51.84 11.46
N LEU B 416 -0.94 52.90 12.19
CA LEU B 416 -1.79 54.08 12.40
C LEU B 416 -1.83 54.90 11.18
N ALA B 418 -1.03 53.78 7.99
CA ALA B 418 -1.69 53.03 6.91
C ALA B 418 -3.22 53.12 7.06
N ALA B 419 -3.70 53.03 8.29
CA ALA B 419 -5.11 53.26 8.60
C ALA B 419 -5.55 54.70 8.33
N LEU B 420 -4.63 55.64 8.52
CA LEU B 420 -4.91 57.07 8.28
C LEU B 420 -4.95 57.41 6.79
N GLU B 421 -4.27 56.65 5.95
CA GLU B 421 -4.30 56.88 4.51
C GLU B 421 -5.67 56.50 3.90
N VAL B 422 -6.64 56.30 4.75
CA VAL B 422 -8.04 56.01 4.37
C VAL B 422 -8.40 56.48 2.94
N ASP C 10 14.73 -42.07 -38.30
CA ASP C 10 13.25 -41.89 -37.95
C ASP C 10 12.39 -41.60 -39.18
N ALA C 11 12.84 -40.64 -40.00
CA ALA C 11 12.10 -40.25 -41.21
C ALA C 11 12.29 -41.23 -42.37
N ALA C 12 13.18 -42.21 -42.18
CA ALA C 12 13.46 -43.22 -43.19
C ALA C 12 12.41 -44.33 -43.25
N ARG C 13 12.10 -44.92 -42.09
CA ARG C 13 11.12 -46.00 -42.02
C ARG C 13 9.69 -45.44 -42.00
N LEU C 14 9.56 -44.20 -41.55
CA LEU C 14 8.25 -43.56 -41.48
C LEU C 14 7.61 -43.45 -42.86
N ALA C 15 8.44 -43.24 -43.88
CA ALA C 15 7.96 -43.12 -45.25
C ALA C 15 7.49 -44.46 -45.80
N GLN C 16 8.25 -45.52 -45.50
CA GLN C 16 7.93 -46.85 -45.97
C GLN C 16 6.52 -47.25 -45.55
N VAL C 17 6.00 -46.60 -44.52
CA VAL C 17 4.66 -46.89 -44.01
C VAL C 17 3.62 -46.03 -44.78
N ARG C 18 3.97 -45.72 -46.01
CA ARG C 18 3.22 -44.75 -46.77
C ARG C 18 1.80 -45.13 -47.16
N GLU C 19 1.58 -46.17 -47.91
CA GLU C 19 0.24 -46.45 -48.38
C GLU C 19 -0.57 -46.93 -47.22
N GLU C 20 0.05 -47.76 -46.39
CA GLU C 20 -0.65 -48.29 -45.22
C GLU C 20 -1.35 -47.22 -44.34
N VAL C 21 -0.70 -46.06 -44.19
CA VAL C 21 -1.26 -44.94 -43.39
C VAL C 21 -2.40 -44.26 -44.16
N THR C 22 -2.22 -44.09 -45.48
CA THR C 22 -3.24 -43.49 -46.33
C THR C 22 -4.56 -44.27 -46.15
N ALA C 23 -4.38 -45.56 -45.90
CA ALA C 23 -5.46 -46.50 -45.69
C ALA C 23 -6.10 -46.28 -44.34
N LYS C 24 -5.33 -46.52 -43.30
CA LYS C 24 -5.86 -46.28 -41.93
C LYS C 24 -6.85 -45.08 -41.97
N TYR C 25 -6.40 -43.95 -42.55
CA TYR C 25 -7.22 -42.74 -42.68
C TYR C 25 -8.39 -42.92 -43.58
N ALA C 26 -8.15 -43.54 -44.71
CA ALA C 26 -9.19 -43.95 -45.57
C ALA C 26 -10.13 -44.64 -44.67
N GLU C 27 -9.73 -45.77 -44.12
CA GLU C 27 -10.70 -46.53 -43.29
C GLU C 27 -11.40 -45.67 -42.21
N LEU C 28 -10.65 -44.77 -41.59
CA LEU C 28 -11.12 -44.02 -40.40
C LEU C 28 -12.17 -42.99 -40.73
N LYS C 29 -11.99 -42.37 -41.86
CA LYS C 29 -12.98 -41.46 -42.31
C LYS C 29 -14.30 -42.19 -42.58
N ALA C 30 -14.23 -43.43 -43.08
CA ALA C 30 -15.39 -44.24 -43.42
C ALA C 30 -16.30 -44.51 -42.22
N LYS C 31 -15.65 -44.74 -41.04
CA LYS C 31 -16.44 -45.07 -39.84
C LYS C 31 -17.47 -44.00 -39.44
N ASN C 32 -17.32 -42.80 -40.02
CA ASN C 32 -18.26 -41.67 -39.81
C ASN C 32 -18.36 -41.23 -38.33
N LEU C 33 -17.20 -40.97 -37.75
CA LEU C 33 -17.08 -40.69 -36.31
C LEU C 33 -17.63 -39.32 -35.89
N SER C 34 -17.94 -39.23 -34.60
CA SER C 34 -18.23 -37.95 -33.94
C SER C 34 -17.69 -37.88 -32.50
N LEU C 35 -16.40 -38.12 -32.33
CA LEU C 35 -15.75 -38.19 -30.99
C LEU C 35 -15.04 -36.87 -30.62
N ASP C 36 -14.56 -36.79 -29.38
CA ASP C 36 -14.10 -35.53 -28.78
C ASP C 36 -13.07 -35.79 -27.68
N LEU C 37 -11.86 -35.24 -27.87
CA LEU C 37 -10.77 -35.31 -26.89
C LEU C 37 -10.44 -33.93 -26.31
N THR C 38 -11.48 -33.10 -26.20
CA THR C 38 -11.37 -31.66 -25.97
C THR C 38 -11.61 -31.23 -24.50
N ARG C 39 -12.34 -32.06 -23.77
CA ARG C 39 -12.96 -31.63 -22.50
C ARG C 39 -12.16 -32.02 -21.25
N GLY C 40 -11.67 -31.02 -20.52
CA GLY C 40 -11.01 -31.24 -19.23
C GLY C 40 -11.99 -31.35 -18.07
N LYS C 41 -13.10 -32.06 -18.28
CA LYS C 41 -14.20 -32.26 -17.34
C LYS C 41 -14.20 -33.71 -16.82
N PRO C 42 -14.69 -33.92 -15.58
CA PRO C 42 -14.94 -35.27 -15.06
C PRO C 42 -16.04 -36.03 -15.84
N SER C 43 -15.92 -37.35 -15.93
CA SER C 43 -16.92 -38.20 -16.56
C SER C 43 -18.14 -38.32 -15.66
N ALA C 44 -19.27 -38.81 -16.20
CA ALA C 44 -20.49 -38.98 -15.42
C ALA C 44 -20.25 -39.96 -14.27
N GLU C 45 -19.47 -41.00 -14.56
CA GLU C 45 -19.01 -41.99 -13.60
C GLU C 45 -18.20 -41.35 -12.46
N GLN C 46 -17.38 -40.36 -12.78
CA GLN C 46 -16.70 -39.61 -11.72
C GLN C 46 -17.68 -38.76 -10.91
N LEU C 47 -18.56 -38.06 -11.62
CA LEU C 47 -19.55 -37.20 -10.97
C LEU C 47 -20.41 -37.98 -9.98
N ASP C 48 -20.82 -39.20 -10.39
CA ASP C 48 -21.63 -40.11 -9.56
C ASP C 48 -21.02 -40.33 -8.17
N LEU C 49 -19.69 -40.46 -8.09
CA LEU C 49 -18.97 -40.59 -6.81
C LEU C 49 -19.40 -39.57 -5.75
N SER C 50 -19.85 -38.40 -6.18
CA SER C 50 -20.22 -37.32 -5.27
C SER C 50 -21.74 -37.13 -5.09
N ASN C 51 -22.53 -38.06 -5.62
CA ASN C 51 -23.99 -37.92 -5.51
C ASN C 51 -24.51 -37.70 -4.06
N ASP C 52 -23.90 -38.33 -3.05
CA ASP C 52 -24.31 -38.12 -1.65
C ASP C 52 -24.32 -36.62 -1.27
N LEU C 53 -23.38 -35.86 -1.83
CA LEU C 53 -23.24 -34.43 -1.53
C LEU C 53 -24.45 -33.59 -1.99
N LEU C 54 -25.16 -34.10 -2.98
CA LEU C 54 -26.34 -33.44 -3.54
C LEU C 54 -27.49 -33.24 -2.53
N SER C 55 -27.56 -34.11 -1.53
CA SER C 55 -28.59 -34.03 -0.50
C SER C 55 -28.17 -33.35 0.81
N LEU C 56 -26.91 -32.92 0.88
CA LEU C 56 -26.36 -32.26 2.06
C LEU C 56 -26.48 -30.73 1.98
N PRO C 57 -26.49 -30.05 3.14
CA PRO C 57 -26.42 -30.54 4.52
C PRO C 57 -27.75 -31.06 5.08
N GLY C 58 -28.86 -30.82 4.38
CA GLY C 58 -30.16 -31.27 4.86
C GLY C 58 -30.46 -30.56 6.16
N GLY C 59 -30.98 -31.28 7.14
CA GLY C 59 -31.32 -30.69 8.44
C GLY C 59 -30.16 -30.34 9.35
N ASP C 60 -28.95 -30.68 8.92
CA ASP C 60 -27.72 -30.45 9.63
C ASP C 60 -27.11 -29.13 9.20
N PHE C 61 -27.73 -28.01 9.52
CA PHE C 61 -27.30 -26.73 8.94
C PHE C 61 -26.27 -25.91 9.76
N ARG C 62 -25.83 -26.44 10.89
CA ARG C 62 -24.87 -25.72 11.71
C ARG C 62 -23.46 -26.27 11.57
N THR C 63 -22.48 -25.38 11.71
CA THR C 63 -21.10 -25.82 11.81
C THR C 63 -20.93 -26.58 13.11
N LYS C 64 -19.76 -27.19 13.24
CA LYS C 64 -19.39 -27.97 14.39
C LYS C 64 -19.40 -27.10 15.64
N ASP C 65 -18.92 -25.86 15.52
CA ASP C 65 -18.99 -24.89 16.63
C ASP C 65 -20.41 -24.35 16.85
N GLY C 66 -21.33 -24.71 15.97
CA GLY C 66 -22.75 -24.44 16.18
C GLY C 66 -23.23 -23.17 15.50
N VAL C 67 -22.50 -22.68 14.51
CA VAL C 67 -22.96 -21.49 13.82
C VAL C 67 -23.91 -21.88 12.67
N ASP C 68 -25.02 -21.17 12.64
CA ASP C 68 -26.09 -21.33 11.66
C ASP C 68 -25.57 -20.87 10.29
N CYS C 69 -25.31 -21.83 9.39
CA CYS C 69 -24.82 -21.47 8.07
C CYS C 69 -25.87 -20.91 7.12
N ARG C 70 -27.13 -20.84 7.58
CA ARG C 70 -28.22 -20.33 6.73
C ARG C 70 -28.30 -18.80 6.61
N ASN C 71 -27.65 -18.07 7.52
CA ASN C 71 -27.78 -16.59 7.58
C ASN C 71 -26.47 -15.87 7.19
N TYR C 72 -26.56 -14.55 7.06
CA TYR C 72 -25.40 -13.75 6.62
C TYR C 72 -24.22 -13.87 7.58
N GLY C 73 -23.02 -13.61 7.07
CA GLY C 73 -21.85 -13.40 7.92
C GLY C 73 -20.76 -14.39 7.63
N GLY C 74 -19.50 -13.97 7.81
CA GLY C 74 -18.37 -14.85 7.55
C GLY C 74 -17.85 -14.55 6.16
N LEU C 75 -16.70 -13.87 6.08
CA LEU C 75 -16.15 -13.45 4.79
C LEU C 75 -15.20 -14.50 4.23
N LEU C 76 -14.47 -15.18 5.11
CA LEU C 76 -13.34 -16.01 4.64
C LEU C 76 -13.60 -17.53 4.60
N GLY C 77 -14.83 -17.92 4.87
CA GLY C 77 -15.24 -19.32 4.75
C GLY C 77 -15.37 -19.94 6.12
N ILE C 78 -16.24 -20.94 6.25
CA ILE C 78 -16.46 -21.61 7.54
C ILE C 78 -15.24 -22.41 7.97
N ALA C 79 -15.03 -22.50 9.30
CA ALA C 79 -13.89 -23.17 9.90
C ALA C 79 -13.82 -24.63 9.48
N ASP C 80 -14.98 -25.27 9.40
CA ASP C 80 -15.04 -26.68 9.11
C ASP C 80 -14.35 -27.01 7.81
N ILE C 81 -14.60 -26.20 6.79
CA ILE C 81 -13.94 -26.49 5.53
C ILE C 81 -12.50 -25.97 5.47
N ARG C 82 -12.25 -24.79 6.05
CA ARG C 82 -10.90 -24.24 6.10
C ARG C 82 -9.94 -25.20 6.80
N GLU C 83 -10.37 -25.68 7.97
CA GLU C 83 -9.58 -26.54 8.78
C GLU C 83 -9.26 -27.84 8.06
N LEU C 84 -10.26 -28.36 7.34
CA LEU C 84 -10.13 -29.64 6.69
C LEU C 84 -9.20 -29.51 5.46
N TRP C 85 -9.45 -28.50 4.65
CA TRP C 85 -8.65 -28.28 3.45
C TRP C 85 -7.19 -27.96 3.79
N ALA C 86 -7.01 -27.08 4.79
CA ALA C 86 -5.70 -26.71 5.31
C ALA C 86 -4.92 -27.96 5.76
N GLU C 87 -5.57 -28.83 6.55
CA GLU C 87 -4.98 -30.09 6.97
C GLU C 87 -4.60 -30.95 5.78
N ALA C 88 -5.49 -31.04 4.79
CA ALA C 88 -5.24 -31.82 3.58
C ALA C 88 -4.01 -31.33 2.82
N LEU C 89 -3.86 -30.00 2.73
CA LEU C 89 -2.69 -29.41 2.04
C LEU C 89 -1.42 -29.21 2.90
N GLY C 90 -1.53 -29.49 4.20
CA GLY C 90 -0.47 -29.25 5.15
C GLY C 90 -0.16 -27.79 5.44
N LEU C 91 -1.20 -26.97 5.44
CA LEU C 91 -1.05 -25.53 5.58
C LEU C 91 -1.71 -25.12 6.90
N PRO C 92 -1.38 -23.94 7.44
CA PRO C 92 -2.09 -23.39 8.58
C PRO C 92 -3.51 -22.98 8.20
N ALA C 93 -4.53 -23.44 8.92
CA ALA C 93 -5.93 -23.07 8.60
C ALA C 93 -6.20 -21.56 8.63
N ASP C 94 -5.42 -20.80 9.41
CA ASP C 94 -5.62 -19.34 9.45
C ASP C 94 -5.10 -18.64 8.16
N LEU C 95 -4.29 -19.36 7.39
CA LEU C 95 -3.78 -18.86 6.11
C LEU C 95 -4.57 -19.41 4.90
N VAL C 96 -5.66 -20.11 5.18
CA VAL C 96 -6.49 -20.68 4.14
C VAL C 96 -7.86 -20.03 4.18
N VAL C 97 -8.29 -19.62 3.01
CA VAL C 97 -9.51 -18.90 2.77
C VAL C 97 -10.30 -19.81 1.81
N ALA C 98 -11.61 -19.91 2.04
CA ALA C 98 -12.47 -20.75 1.21
C ALA C 98 -13.62 -19.86 0.72
N GLN C 99 -13.88 -19.90 -0.60
CA GLN C 99 -14.82 -18.96 -1.24
C GLN C 99 -15.83 -19.73 -2.07
N ASP C 100 -16.35 -19.17 -3.15
CA ASP C 100 -17.40 -19.85 -3.91
C ASP C 100 -16.92 -20.98 -4.83
N GLY C 101 -17.52 -21.10 -6.01
CA GLY C 101 -17.34 -22.31 -6.82
C GLY C 101 -16.16 -22.39 -7.78
N SER C 102 -15.43 -21.30 -7.90
CA SER C 102 -14.42 -21.19 -8.94
C SER C 102 -13.16 -20.51 -8.41
N SER C 103 -12.00 -21.18 -8.51
CA SER C 103 -10.76 -20.52 -8.08
C SER C 103 -10.23 -19.59 -9.16
N LEU C 104 -10.62 -19.85 -10.41
CA LEU C 104 -10.39 -18.92 -11.51
C LEU C 104 -10.99 -17.55 -11.19
N ASN C 105 -12.21 -17.51 -10.65
CA ASN C 105 -12.79 -16.22 -10.17
C ASN C 105 -11.82 -15.49 -9.21
N ILE C 106 -11.27 -16.21 -8.22
CA ILE C 106 -10.35 -15.57 -7.24
C ILE C 106 -9.06 -15.11 -7.89
N PHE C 108 -8.75 -14.20 -11.00
CA PHE C 108 -9.18 -12.99 -11.68
C PHE C 108 -9.25 -11.82 -10.69
N ASP C 109 -9.95 -12.00 -9.57
CA ASP C 109 -10.04 -10.96 -8.52
C ASP C 109 -8.68 -10.48 -7.99
N LEU C 110 -7.75 -11.40 -7.72
CA LEU C 110 -6.39 -11.05 -7.26
C LEU C 110 -5.74 -10.09 -8.27
N ILE C 111 -5.72 -10.52 -9.53
CA ILE C 111 -5.09 -9.73 -10.58
C ILE C 111 -5.86 -8.43 -10.78
N SER C 112 -7.19 -8.52 -10.84
CA SER C 112 -8.01 -7.33 -10.97
C SER C 112 -7.80 -6.27 -9.92
N TRP C 113 -7.65 -6.70 -8.65
CA TRP C 113 -7.55 -5.76 -7.54
C TRP C 113 -6.17 -5.16 -7.50
N SER C 114 -5.18 -5.96 -7.85
CA SER C 114 -3.82 -5.47 -8.04
C SER C 114 -3.70 -4.48 -9.22
N TYR C 115 -4.54 -4.64 -10.26
CA TYR C 115 -4.56 -3.72 -11.40
C TYR C 115 -5.24 -2.42 -10.98
N THR C 116 -6.30 -2.54 -10.16
CA THR C 116 -7.03 -1.33 -9.79
C THR C 116 -6.35 -0.52 -8.67
N TRP C 117 -6.01 -1.19 -7.57
CA TRP C 117 -5.53 -0.53 -6.39
C TRP C 117 -4.12 -0.94 -5.98
N GLY C 118 -3.47 -1.77 -6.76
CA GLY C 118 -2.18 -2.40 -6.39
C GLY C 118 -2.38 -3.49 -5.34
N ASN C 119 -1.38 -4.35 -5.14
CA ASN C 119 -1.43 -5.24 -4.01
C ASN C 119 -0.76 -4.65 -2.80
N ASN C 120 -0.77 -5.37 -1.68
CA ASN C 120 -0.21 -4.79 -0.43
C ASN C 120 1.25 -4.41 -0.50
N ASP C 121 1.93 -4.82 -1.56
CA ASP C 121 3.33 -4.47 -1.70
C ASP C 121 3.55 -3.46 -2.81
N SER C 122 2.48 -3.02 -3.47
CA SER C 122 2.63 -2.11 -4.61
C SER C 122 2.84 -0.68 -4.13
N SER C 123 3.63 0.08 -4.88
CA SER C 123 3.64 1.52 -4.69
C SER C 123 2.70 2.16 -5.66
N ARG C 124 2.38 1.49 -6.75
CA ARG C 124 1.27 1.96 -7.59
C ARG C 124 0.50 0.81 -8.20
N PRO C 125 -0.77 1.07 -8.54
CA PRO C 125 -1.58 0.00 -9.12
C PRO C 125 -1.02 -0.41 -10.47
N TRP C 126 -1.20 -1.66 -10.83
CA TRP C 126 -0.72 -2.13 -12.14
C TRP C 126 -1.34 -1.42 -13.36
N SER C 127 -2.50 -0.76 -13.21
CA SER C 127 -3.11 0.02 -14.28
C SER C 127 -2.31 1.29 -14.62
N ALA C 128 -1.53 1.76 -13.65
CA ALA C 128 -0.77 2.97 -13.86
C ALA C 128 0.55 2.65 -14.59
N GLU C 129 0.87 1.37 -14.76
CA GLU C 129 2.12 1.05 -15.48
C GLU C 129 2.02 1.22 -17.00
N GLU C 130 3.12 1.69 -17.62
CA GLU C 130 3.17 1.75 -19.09
C GLU C 130 3.10 0.32 -19.69
N LYS C 131 3.87 -0.60 -19.13
CA LYS C 131 3.77 -2.00 -19.50
C LYS C 131 3.77 -2.82 -18.25
N VAL C 132 2.90 -3.83 -18.23
CA VAL C 132 3.08 -4.94 -17.30
C VAL C 132 3.35 -6.28 -17.98
N LYS C 133 4.49 -6.82 -17.57
CA LYS C 133 5.00 -8.06 -18.09
C LYS C 133 4.67 -9.21 -17.13
N TRP C 134 4.31 -10.36 -17.71
CA TRP C 134 3.82 -11.51 -16.96
C TRP C 134 4.44 -12.79 -17.51
N LEU C 135 5.04 -13.58 -16.61
CA LEU C 135 5.75 -14.77 -16.97
C LEU C 135 4.83 -15.95 -17.19
N CYS C 136 4.89 -16.53 -18.38
CA CYS C 136 4.00 -17.61 -18.76
C CYS C 136 4.78 -18.89 -19.13
N PRO C 137 4.99 -19.76 -18.14
CA PRO C 137 5.54 -21.11 -18.48
C PRO C 137 4.61 -21.81 -19.48
N VAL C 138 5.21 -22.36 -20.55
CA VAL C 138 4.50 -23.00 -21.64
C VAL C 138 5.10 -24.39 -21.96
N PRO C 139 4.28 -25.34 -22.42
CA PRO C 139 2.80 -25.24 -22.53
C PRO C 139 2.13 -25.02 -21.15
N GLY C 140 1.07 -24.20 -21.14
CA GLY C 140 0.35 -23.88 -19.92
C GLY C 140 -1.15 -23.88 -20.18
N TYR C 141 -1.86 -23.10 -19.38
CA TYR C 141 -3.30 -23.22 -19.28
C TYR C 141 -3.97 -22.01 -19.89
N ASP C 142 -4.84 -22.24 -20.88
CA ASP C 142 -5.47 -21.16 -21.64
C ASP C 142 -6.31 -20.17 -20.83
N ARG C 143 -7.00 -20.65 -19.80
CA ARG C 143 -7.81 -19.72 -18.97
C ARG C 143 -6.96 -18.77 -18.12
N HIS C 144 -5.74 -19.19 -17.78
CA HIS C 144 -4.77 -18.30 -17.14
C HIS C 144 -4.44 -17.17 -18.12
N PHE C 145 -3.96 -17.58 -19.29
CA PHE C 145 -3.43 -16.67 -20.29
C PHE C 145 -4.47 -15.68 -20.77
N THR C 146 -5.72 -16.13 -20.78
CA THR C 146 -6.84 -15.28 -21.19
C THR C 146 -7.06 -14.16 -20.20
N ILE C 147 -6.85 -14.40 -18.91
CA ILE C 147 -6.97 -13.38 -17.88
C ILE C 147 -5.97 -12.23 -18.08
N THR C 148 -4.71 -12.57 -18.26
CA THR C 148 -3.66 -11.57 -18.44
C THR C 148 -3.75 -10.90 -19.83
N GLU C 149 -4.21 -11.64 -20.84
CA GLU C 149 -4.56 -11.03 -22.15
C GLU C 149 -5.63 -9.96 -21.95
N HIS C 150 -6.68 -10.31 -21.23
CA HIS C 150 -7.77 -9.40 -20.90
C HIS C 150 -7.33 -8.10 -20.23
N PHE C 151 -6.32 -8.16 -19.36
CA PHE C 151 -5.79 -6.97 -18.70
C PHE C 151 -4.72 -6.26 -19.49
N GLY C 152 -4.38 -6.82 -20.64
CA GLY C 152 -3.47 -6.22 -21.59
C GLY C 152 -2.02 -6.39 -21.15
N PHE C 153 -1.74 -7.41 -20.35
CA PHE C 153 -0.35 -7.69 -19.96
C PHE C 153 0.41 -8.25 -21.14
N GLU C 154 1.71 -7.96 -21.17
CA GLU C 154 2.64 -8.45 -22.13
C GLU C 154 3.22 -9.79 -21.62
N ILE C 156 5.27 -13.20 -21.44
CA ILE C 156 6.49 -13.76 -21.96
C ILE C 156 6.62 -15.23 -21.61
N ASN C 157 6.83 -16.02 -22.64
CA ASN C 157 6.88 -17.48 -22.52
C ASN C 157 8.17 -17.86 -21.85
N VAL C 158 8.07 -18.85 -20.96
CA VAL C 158 9.20 -19.43 -20.28
C VAL C 158 9.20 -20.92 -20.59
N PRO C 159 10.34 -21.46 -21.04
CA PRO C 159 10.45 -22.91 -21.25
C PRO C 159 10.15 -23.73 -19.97
N THR C 161 10.51 -27.41 -17.97
CA THR C 161 11.44 -28.55 -17.95
C THR C 161 10.77 -29.67 -17.18
N ASP C 162 11.35 -30.89 -17.23
CA ASP C 162 10.84 -32.02 -16.44
C ASP C 162 10.49 -31.67 -14.98
N GLU C 163 11.13 -30.63 -14.43
CA GLU C 163 10.83 -30.26 -13.04
C GLU C 163 10.37 -28.85 -12.79
N GLY C 164 9.74 -28.24 -13.78
CA GLY C 164 9.25 -26.89 -13.63
C GLY C 164 9.88 -25.95 -14.63
N PRO C 165 9.59 -24.65 -14.47
CA PRO C 165 10.06 -23.63 -15.40
C PRO C 165 11.58 -23.58 -15.41
N ASP C 166 12.14 -23.18 -16.55
CA ASP C 166 13.55 -22.96 -16.71
C ASP C 166 13.90 -21.77 -15.81
N GLY C 168 16.83 -20.45 -14.91
CA GLY C 168 17.84 -19.53 -15.44
C GLY C 168 17.18 -18.43 -16.25
N VAL C 169 16.16 -18.82 -17.02
CA VAL C 169 15.32 -17.88 -17.73
C VAL C 169 14.50 -17.01 -16.74
N VAL C 170 13.78 -17.62 -15.80
CA VAL C 170 12.93 -16.86 -14.86
C VAL C 170 13.78 -15.83 -14.10
N ARG C 171 14.95 -16.24 -13.62
CA ARG C 171 15.83 -15.37 -12.85
C ARG C 171 16.39 -14.19 -13.61
N GLU C 172 16.59 -14.35 -14.92
CA GLU C 172 17.04 -13.22 -15.73
C GLU C 172 15.89 -12.25 -15.96
N LEU C 173 14.73 -12.81 -16.30
CA LEU C 173 13.56 -12.02 -16.64
C LEU C 173 13.08 -11.14 -15.51
N VAL C 174 13.07 -11.65 -14.29
CA VAL C 174 12.51 -10.90 -13.13
C VAL C 174 13.34 -9.69 -12.69
N LYS C 175 14.55 -9.58 -13.25
CA LYS C 175 15.43 -8.41 -13.10
C LYS C 175 14.82 -7.15 -13.77
N ASP C 176 13.74 -7.36 -14.52
CA ASP C 176 13.07 -6.28 -15.22
C ASP C 176 11.92 -5.86 -14.32
N PRO C 177 11.92 -4.59 -13.87
CA PRO C 177 10.88 -4.11 -12.93
C PRO C 177 9.46 -4.08 -13.48
N GLN C 178 9.34 -4.25 -14.79
CA GLN C 178 8.01 -4.29 -15.44
C GLN C 178 7.34 -5.65 -15.27
N VAL C 179 8.15 -6.71 -15.03
CA VAL C 179 7.63 -8.05 -14.72
C VAL C 179 6.98 -8.13 -13.34
N LYS C 180 5.67 -8.33 -13.36
CA LYS C 180 4.86 -8.22 -12.17
C LYS C 180 4.47 -9.57 -11.56
N GLY C 181 4.57 -10.64 -12.34
CA GLY C 181 4.10 -11.92 -11.85
C GLY C 181 4.21 -13.06 -12.81
N TRP C 183 2.31 -17.16 -13.95
CA TRP C 183 1.30 -18.21 -13.85
C TRP C 183 2.03 -19.53 -13.66
N THR C 184 1.62 -20.36 -12.71
CA THR C 184 2.18 -21.71 -12.57
C THR C 184 1.05 -22.68 -12.26
N VAL C 185 1.23 -23.94 -12.65
CA VAL C 185 0.38 -25.03 -12.18
C VAL C 185 1.36 -26.06 -11.65
N PRO C 186 1.66 -25.98 -10.34
CA PRO C 186 2.87 -26.60 -9.81
C PRO C 186 2.79 -28.09 -9.53
N VAL C 187 1.59 -28.67 -9.50
CA VAL C 187 1.46 -30.12 -9.31
C VAL C 187 0.64 -30.76 -10.44
N PHE C 188 1.16 -31.83 -11.07
CA PHE C 188 0.51 -32.45 -12.23
C PHE C 188 -0.04 -31.36 -13.18
N GLY C 189 0.87 -30.50 -13.65
CA GLY C 189 0.51 -29.28 -14.36
C GLY C 189 -0.34 -29.48 -15.60
N ASN C 190 -1.33 -28.61 -15.76
CA ASN C 190 -2.12 -28.52 -16.97
C ASN C 190 -1.31 -27.69 -17.97
N PRO C 191 -0.92 -28.30 -19.11
CA PRO C 191 -1.25 -29.61 -19.62
C PRO C 191 -0.10 -30.61 -19.55
N THR C 192 1.00 -30.22 -18.94
CA THR C 192 2.28 -30.89 -19.14
C THR C 192 2.45 -32.13 -18.21
N GLY C 193 1.66 -32.19 -17.15
CA GLY C 193 1.75 -33.26 -16.17
C GLY C 193 2.85 -33.08 -15.14
N VAL C 194 3.78 -32.16 -15.40
CA VAL C 194 4.93 -32.03 -14.49
C VAL C 194 4.54 -31.40 -13.15
N THR C 195 5.23 -31.86 -12.12
CA THR C 195 5.14 -31.25 -10.81
C THR C 195 6.49 -30.60 -10.51
N PHE C 196 6.42 -29.35 -10.07
CA PHE C 196 7.62 -28.56 -9.79
C PHE C 196 8.34 -29.28 -8.68
N SER C 197 9.64 -29.48 -8.87
CA SER C 197 10.44 -30.14 -7.86
C SER C 197 10.61 -29.23 -6.63
N GLU C 198 10.99 -29.83 -5.50
CA GLU C 198 11.25 -29.04 -4.29
C GLU C 198 12.23 -27.91 -4.55
N GLN C 199 13.38 -28.24 -5.16
CA GLN C 199 14.43 -27.29 -5.52
C GLN C 199 13.88 -26.10 -6.29
N THR C 200 13.08 -26.37 -7.33
CA THR C 200 12.42 -25.33 -8.14
C THR C 200 11.46 -24.45 -7.31
N CYS C 201 10.68 -25.10 -6.43
CA CYS C 201 9.82 -24.40 -5.46
C CYS C 201 10.64 -23.47 -4.55
N ARG C 202 11.77 -23.98 -4.08
CA ARG C 202 12.67 -23.18 -3.28
C ARG C 202 13.31 -22.01 -4.04
N GLU C 203 13.67 -22.22 -5.30
CA GLU C 203 14.29 -21.14 -6.08
C GLU C 203 13.28 -20.03 -6.38
N LEU C 204 12.03 -20.43 -6.59
CA LEU C 204 10.98 -19.49 -6.86
C LEU C 204 10.73 -18.53 -5.68
N ALA C 205 10.77 -19.03 -4.46
CA ALA C 205 10.55 -18.20 -3.27
C ALA C 205 11.77 -17.40 -2.82
N GLU C 206 12.97 -17.92 -3.12
CA GLU C 206 14.27 -17.36 -2.75
C GLU C 206 14.78 -16.28 -3.73
N SER C 208 15.44 -13.03 -5.98
CA SER C 208 15.06 -11.61 -5.83
C SER C 208 14.53 -11.08 -7.15
N THR C 209 13.44 -10.35 -7.07
CA THR C 209 12.83 -9.76 -8.26
C THR C 209 12.96 -8.22 -8.20
N ALA C 210 13.03 -7.58 -9.36
CA ALA C 210 13.10 -6.14 -9.41
C ALA C 210 11.81 -5.51 -8.90
N ALA C 211 10.66 -6.10 -9.24
CA ALA C 211 9.39 -5.64 -8.76
C ALA C 211 9.21 -6.02 -7.28
N PRO C 212 8.84 -5.02 -6.43
CA PRO C 212 8.74 -5.30 -4.99
C PRO C 212 7.42 -6.00 -4.70
N ASP C 213 6.52 -6.00 -5.69
CA ASP C 213 5.16 -6.51 -5.55
C ASP C 213 4.85 -7.70 -6.48
N PHE C 214 5.90 -8.44 -6.86
CA PHE C 214 5.85 -9.60 -7.76
C PHE C 214 5.03 -10.71 -7.14
N ARG C 215 4.14 -11.28 -7.93
CA ARG C 215 3.26 -12.33 -7.39
C ARG C 215 3.31 -13.56 -8.28
N ILE C 216 3.45 -14.72 -7.65
CA ILE C 216 3.33 -15.96 -8.38
C ILE C 216 1.97 -16.56 -8.11
N VAL C 217 1.20 -16.79 -9.18
CA VAL C 217 -0.02 -17.59 -9.05
C VAL C 217 0.33 -19.06 -9.02
N TRP C 218 0.23 -19.59 -7.80
CA TRP C 218 0.55 -20.96 -7.51
C TRP C 218 -0.75 -21.73 -7.60
N ASP C 219 -1.17 -22.01 -8.83
CA ASP C 219 -2.50 -22.57 -9.06
C ASP C 219 -2.44 -24.07 -8.90
N ASN C 220 -2.69 -24.51 -7.67
CA ASN C 220 -2.55 -25.92 -7.31
C ASN C 220 -3.91 -26.61 -7.47
N ALA C 221 -4.37 -26.57 -8.72
CA ALA C 221 -5.63 -27.18 -9.13
C ALA C 221 -5.62 -28.69 -9.00
N TYR C 222 -4.43 -29.31 -8.99
CA TYR C 222 -4.32 -30.79 -9.04
C TYR C 222 -3.49 -31.31 -7.85
N ALA C 223 -3.51 -30.55 -6.74
CA ALA C 223 -2.71 -30.82 -5.54
C ALA C 223 -2.80 -32.25 -4.99
N LEU C 224 -3.92 -32.94 -5.27
CA LEU C 224 -4.20 -34.26 -4.72
C LEU C 224 -4.66 -35.23 -5.80
N HIS C 225 -4.61 -34.81 -7.07
CA HIS C 225 -5.33 -35.53 -8.10
C HIS C 225 -4.43 -36.56 -8.76
N THR C 226 -4.09 -37.60 -7.98
CA THR C 226 -3.12 -38.58 -8.43
C THR C 226 -3.79 -39.66 -9.30
N LEU C 227 -3.04 -40.30 -10.20
CA LEU C 227 -3.60 -41.39 -10.97
C LEU C 227 -3.24 -42.74 -10.37
N SER C 228 -2.40 -42.71 -9.34
CA SER C 228 -1.95 -43.92 -8.66
C SER C 228 -2.49 -43.96 -7.23
N ASP C 229 -1.85 -44.76 -6.38
CA ASP C 229 -2.19 -44.88 -4.96
C ASP C 229 -1.37 -43.93 -4.05
N GLU C 230 -0.41 -43.23 -4.65
CA GLU C 230 0.49 -42.32 -3.91
C GLU C 230 0.16 -40.86 -4.15
N PHE C 231 0.11 -40.07 -3.08
CA PHE C 231 -0.14 -38.63 -3.24
C PHE C 231 1.17 -37.82 -3.41
N PRO C 232 1.12 -36.78 -4.27
CA PRO C 232 2.29 -35.91 -4.41
C PRO C 232 2.54 -35.06 -3.15
N ILE C 233 3.82 -34.70 -2.92
CA ILE C 233 4.17 -33.70 -1.91
C ILE C 233 3.65 -32.30 -2.28
N VAL C 234 2.94 -31.69 -1.32
CA VAL C 234 2.40 -30.31 -1.44
C VAL C 234 3.37 -29.42 -0.69
N HIS C 235 4.38 -28.93 -1.39
CA HIS C 235 5.47 -28.15 -0.78
C HIS C 235 4.85 -26.85 -0.30
N ASN C 236 5.04 -26.52 0.98
CA ASN C 236 4.48 -25.30 1.56
C ASN C 236 5.26 -24.07 1.12
N VAL C 237 4.91 -23.53 -0.05
CA VAL C 237 5.61 -22.37 -0.60
C VAL C 237 5.40 -21.09 0.21
N ILE C 238 4.30 -21.01 0.96
CA ILE C 238 4.07 -19.88 1.86
C ILE C 238 5.16 -19.87 2.98
N GLU C 239 5.51 -21.06 3.45
CA GLU C 239 6.56 -21.19 4.45
C GLU C 239 7.93 -20.89 3.85
N PHE C 240 8.23 -21.51 2.71
CA PHE C 240 9.45 -21.23 1.92
C PHE C 240 9.68 -19.73 1.76
N ALA C 241 8.66 -19.06 1.22
CA ALA C 241 8.66 -17.61 1.02
C ALA C 241 8.95 -16.83 2.30
N GLN C 242 8.30 -17.22 3.41
CA GLN C 242 8.52 -16.63 4.75
C GLN C 242 10.01 -16.78 5.11
N ALA C 243 10.50 -18.02 5.14
CA ALA C 243 11.90 -18.27 5.42
C ALA C 243 12.88 -17.57 4.46
N ALA C 244 12.50 -17.38 3.20
CA ALA C 244 13.37 -16.68 2.24
C ALA C 244 13.28 -15.16 2.33
N GLY C 245 12.41 -14.66 3.19
CA GLY C 245 12.21 -13.21 3.35
C GLY C 245 11.46 -12.60 2.18
N ASN C 246 10.69 -13.41 1.48
CA ASN C 246 9.76 -12.92 0.43
C ASN C 246 8.35 -13.39 0.74
N PRO C 247 7.82 -13.03 1.93
CA PRO C 247 6.64 -13.71 2.46
C PRO C 247 5.37 -13.56 1.62
N ASN C 248 5.28 -12.52 0.80
CA ASN C 248 4.02 -12.28 0.11
C ASN C 248 4.00 -12.68 -1.36
N ARG C 249 5.03 -13.39 -1.79
CA ARG C 249 5.16 -13.79 -3.18
C ARG C 249 4.02 -14.66 -3.73
N PHE C 250 3.54 -15.62 -2.95
CA PHE C 250 2.62 -16.65 -3.49
C PHE C 250 1.16 -16.47 -3.18
N TRP C 251 0.37 -16.58 -4.24
CA TRP C 251 -1.05 -16.75 -4.12
C TRP C 251 -1.31 -18.20 -4.50
N PHE C 252 -1.59 -19.01 -3.49
CA PHE C 252 -1.69 -20.46 -3.57
C PHE C 252 -3.18 -20.80 -3.77
N SER C 254 -6.42 -23.49 -4.93
CA SER C 254 -6.89 -24.87 -5.07
C SER C 254 -8.42 -24.89 -5.14
N SER C 255 -9.00 -26.06 -5.44
CA SER C 255 -10.40 -26.14 -5.79
C SER C 255 -10.91 -27.58 -5.63
N THR C 256 -12.20 -27.72 -5.38
CA THR C 256 -12.82 -29.07 -5.43
C THR C 256 -13.46 -29.37 -6.80
N SER C 257 -13.19 -28.54 -7.81
CA SER C 257 -13.91 -28.67 -9.08
C SER C 257 -13.84 -30.05 -9.76
N LYS C 258 -12.67 -30.68 -9.74
CA LYS C 258 -12.50 -32.04 -10.29
C LYS C 258 -12.58 -33.13 -9.19
N ILE C 259 -12.95 -32.70 -7.98
CA ILE C 259 -13.11 -33.57 -6.81
C ILE C 259 -14.59 -33.85 -6.54
N THR C 260 -15.41 -32.80 -6.50
CA THR C 260 -16.86 -32.97 -6.33
C THR C 260 -17.63 -32.63 -7.62
N HIS C 261 -18.28 -31.48 -7.68
CA HIS C 261 -19.08 -31.12 -8.87
C HIS C 261 -18.47 -29.94 -9.57
N ALA C 262 -18.07 -30.10 -10.83
CA ALA C 262 -17.35 -29.02 -11.51
C ALA C 262 -18.25 -27.82 -11.75
N GLY C 263 -17.98 -26.75 -11.00
CA GLY C 263 -18.68 -25.48 -11.16
C GLY C 263 -19.57 -25.16 -9.97
N SER C 264 -19.85 -26.20 -9.18
CA SER C 264 -20.62 -26.05 -7.94
C SER C 264 -19.80 -26.45 -6.70
N GLY C 265 -18.48 -26.36 -6.80
CA GLY C 265 -17.63 -26.81 -5.70
C GLY C 265 -17.26 -25.66 -4.78
N VAL C 266 -16.11 -25.79 -4.13
CA VAL C 266 -15.59 -24.68 -3.34
C VAL C 266 -14.13 -24.43 -3.69
N SER C 267 -13.78 -23.15 -3.74
CA SER C 267 -12.44 -22.71 -4.05
C SER C 267 -11.73 -22.19 -2.81
N PHE C 268 -10.41 -22.30 -2.84
CA PHE C 268 -9.53 -21.89 -1.75
C PHE C 268 -8.43 -20.96 -2.25
N PHE C 269 -8.17 -19.94 -1.45
CA PHE C 269 -7.03 -19.05 -1.63
C PHE C 269 -6.22 -19.12 -0.34
N ALA C 270 -4.95 -19.53 -0.46
CA ALA C 270 -4.04 -19.52 0.68
C ALA C 270 -2.82 -18.58 0.43
N SER C 271 -2.38 -17.87 1.48
CA SER C 271 -1.28 -16.91 1.37
C SER C 271 -0.70 -16.50 2.70
N SER C 272 0.35 -15.66 2.68
CA SER C 272 0.74 -15.02 3.92
C SER C 272 -0.48 -14.30 4.54
N LYS C 273 -0.43 -14.14 5.86
CA LYS C 273 -1.45 -13.32 6.57
C LYS C 273 -1.64 -11.94 5.95
N GLU C 274 -0.54 -11.23 5.72
CA GLU C 274 -0.59 -9.92 5.04
C GLU C 274 -1.36 -9.98 3.70
N ASN C 275 -1.09 -11.00 2.86
CA ASN C 275 -1.85 -11.12 1.61
C ASN C 275 -3.36 -11.39 1.83
N ILE C 276 -3.72 -12.12 2.90
CA ILE C 276 -5.13 -12.41 3.16
C ILE C 276 -5.88 -11.18 3.67
N GLU C 277 -5.25 -10.45 4.56
CA GLU C 277 -5.82 -9.15 5.03
C GLU C 277 -6.08 -8.17 3.88
N TRP C 278 -5.14 -8.09 2.95
CA TRP C 278 -5.31 -7.29 1.76
C TRP C 278 -6.46 -7.81 0.90
N TYR C 279 -6.45 -9.10 0.63
CA TYR C 279 -7.56 -9.73 -0.11
C TYR C 279 -8.89 -9.41 0.58
N ALA C 280 -8.92 -9.54 1.92
CA ALA C 280 -10.14 -9.29 2.70
C ALA C 280 -10.62 -7.85 2.65
N SER C 281 -9.72 -6.86 2.67
CA SER C 281 -10.18 -5.45 2.55
C SER C 281 -10.99 -5.15 1.26
N HIS C 282 -10.65 -5.80 0.15
CA HIS C 282 -11.46 -5.67 -1.09
C HIS C 282 -12.68 -6.60 -1.11
N ALA C 283 -12.50 -7.86 -0.69
CA ALA C 283 -13.59 -8.86 -0.70
C ALA C 283 -14.67 -8.45 0.27
N ASN C 284 -14.27 -7.74 1.33
CA ASN C 284 -15.24 -7.13 2.26
C ASN C 284 -16.17 -6.07 1.64
N VAL C 285 -15.69 -5.40 0.60
CA VAL C 285 -16.46 -4.37 -0.11
C VAL C 285 -17.36 -5.02 -1.18
N ARG C 286 -16.80 -6.03 -1.84
CA ARG C 286 -17.51 -6.87 -2.84
C ARG C 286 -18.72 -7.63 -2.31
N GLY C 287 -18.65 -8.14 -1.09
CA GLY C 287 -19.78 -8.88 -0.50
C GLY C 287 -19.64 -9.15 0.98
N ILE C 288 -20.72 -9.68 1.57
CA ILE C 288 -20.70 -10.18 2.96
C ILE C 288 -19.95 -11.49 3.08
N GLY C 289 -19.97 -12.30 2.02
CA GLY C 289 -19.20 -13.53 2.06
C GLY C 289 -19.78 -14.63 1.21
N PRO C 290 -19.06 -15.76 1.17
CA PRO C 290 -19.37 -16.85 0.25
C PRO C 290 -20.53 -17.73 0.70
N ASN C 291 -20.82 -18.74 -0.10
CA ASN C 291 -21.93 -19.65 0.16
C ASN C 291 -21.47 -20.65 1.23
N LYS C 292 -21.90 -20.42 2.46
CA LYS C 292 -21.48 -21.22 3.61
C LYS C 292 -22.08 -22.61 3.62
N LEU C 293 -23.33 -22.69 3.20
CA LEU C 293 -24.05 -23.98 3.17
C LEU C 293 -23.39 -24.99 2.21
N ASN C 294 -22.93 -24.53 1.06
CA ASN C 294 -22.19 -25.42 0.20
C ASN C 294 -20.83 -25.84 0.78
N GLN C 295 -20.18 -24.89 1.47
CA GLN C 295 -18.99 -25.26 2.25
C GLN C 295 -19.32 -26.28 3.34
N LEU C 296 -20.42 -26.09 4.05
CA LEU C 296 -20.82 -27.09 5.05
C LEU C 296 -21.12 -28.45 4.43
N ALA C 297 -21.81 -28.48 3.30
CA ALA C 297 -22.12 -29.75 2.67
C ALA C 297 -20.83 -30.47 2.29
N HIS C 298 -19.86 -29.73 1.73
CA HIS C 298 -18.58 -30.37 1.36
C HIS C 298 -17.86 -30.91 2.61
N ALA C 299 -17.93 -30.17 3.71
CA ALA C 299 -17.23 -30.58 4.94
C ALA C 299 -17.82 -31.82 5.53
N GLN C 300 -19.14 -31.94 5.49
CA GLN C 300 -19.83 -33.14 5.97
C GLN C 300 -19.60 -34.33 5.03
N PHE C 301 -19.56 -34.07 3.73
CA PHE C 301 -19.35 -35.12 2.72
C PHE C 301 -17.99 -35.79 2.90
N PHE C 302 -16.92 -35.00 2.87
CA PHE C 302 -15.56 -35.50 3.08
C PHE C 302 -15.38 -36.03 4.50
N GLY C 303 -15.91 -35.29 5.49
CA GLY C 303 -15.82 -35.67 6.89
C GLY C 303 -14.45 -35.41 7.47
N ASP C 304 -13.41 -36.04 6.94
CA ASP C 304 -12.04 -35.71 7.31
C ASP C 304 -11.04 -35.83 6.16
N VAL C 305 -9.76 -35.60 6.43
CA VAL C 305 -8.76 -35.71 5.37
C VAL C 305 -8.74 -37.11 4.77
N ALA C 306 -8.84 -38.12 5.64
CA ALA C 306 -8.87 -39.50 5.20
C ALA C 306 -10.03 -39.75 4.25
N GLY C 307 -11.17 -39.10 4.53
CA GLY C 307 -12.37 -39.25 3.69
C GLY C 307 -12.15 -38.59 2.34
N LEU C 308 -11.50 -37.42 2.35
CA LEU C 308 -11.14 -36.72 1.14
C LEU C 308 -10.18 -37.55 0.28
N LYS C 309 -9.09 -38.02 0.88
CA LYS C 309 -8.10 -38.82 0.15
C LYS C 309 -8.64 -40.17 -0.35
N ALA C 310 -9.54 -40.78 0.42
CA ALA C 310 -10.21 -42.00 -0.06
C ALA C 310 -10.99 -41.74 -1.36
N HIS C 311 -11.64 -40.57 -1.44
CA HIS C 311 -12.46 -40.18 -2.58
C HIS C 311 -11.60 -39.84 -3.82
N LEU C 313 -8.83 -41.29 -4.44
CA LEU C 313 -8.42 -42.58 -4.92
C LEU C 313 -9.50 -43.26 -5.76
N LYS C 314 -10.77 -42.96 -5.50
CA LYS C 314 -11.88 -43.40 -6.36
C LYS C 314 -11.82 -42.68 -7.71
N HIS C 315 -11.44 -41.40 -7.70
CA HIS C 315 -11.22 -40.71 -8.93
C HIS C 315 -10.05 -41.37 -9.68
N ALA C 316 -8.96 -41.65 -8.96
CA ALA C 316 -7.82 -42.33 -9.56
C ALA C 316 -8.27 -43.62 -10.24
N ALA C 317 -9.09 -44.41 -9.56
CA ALA C 317 -9.66 -45.67 -10.08
C ALA C 317 -10.33 -45.53 -11.45
N SER C 318 -11.20 -44.54 -11.58
CA SER C 318 -11.89 -44.23 -12.82
C SER C 318 -10.95 -43.70 -13.92
N LEU C 319 -9.96 -42.88 -13.55
CA LEU C 319 -9.10 -42.23 -14.56
C LEU C 319 -7.93 -43.07 -15.03
N ALA C 320 -7.30 -43.83 -14.12
CA ALA C 320 -6.09 -44.58 -14.48
C ALA C 320 -6.16 -45.45 -15.72
N PRO C 321 -7.28 -46.21 -15.94
CA PRO C 321 -7.28 -47.11 -17.13
C PRO C 321 -7.39 -46.31 -18.43
N LYS C 322 -8.01 -45.13 -18.35
CA LYS C 322 -8.11 -44.24 -19.49
C LYS C 322 -6.75 -43.65 -19.87
N PHE C 323 -5.98 -43.18 -18.90
CA PHE C 323 -4.66 -42.64 -19.19
C PHE C 323 -3.73 -43.75 -19.68
N GLU C 324 -3.77 -44.89 -19.00
CA GLU C 324 -2.98 -46.06 -19.39
C GLU C 324 -3.22 -46.46 -20.84
N ARG C 325 -4.43 -46.35 -21.27
CA ARG C 325 -4.82 -46.73 -22.58
C ARG C 325 -4.20 -45.76 -23.60
N VAL C 326 -4.47 -44.45 -23.46
CA VAL C 326 -3.91 -43.53 -24.47
C VAL C 326 -2.37 -43.64 -24.59
N LEU C 327 -1.69 -43.81 -23.45
CA LEU C 327 -0.24 -43.94 -23.42
C LEU C 327 0.32 -45.21 -24.09
N GLU C 328 -0.42 -46.31 -24.05
CA GLU C 328 0.00 -47.48 -24.83
C GLU C 328 -0.37 -47.34 -26.31
N ILE C 329 -1.49 -46.66 -26.58
CA ILE C 329 -1.89 -46.35 -27.96
C ILE C 329 -0.86 -45.45 -28.67
N LEU C 330 -0.31 -44.47 -27.97
CA LEU C 330 0.74 -43.64 -28.54
C LEU C 330 2.05 -44.41 -28.70
N ASP C 331 2.52 -45.05 -27.63
CA ASP C 331 3.79 -45.78 -27.68
C ASP C 331 3.76 -46.88 -28.75
N SER C 332 2.76 -47.75 -28.69
CA SER C 332 2.68 -48.89 -29.60
C SER C 332 2.33 -48.45 -31.02
N ARG C 333 1.97 -47.20 -31.17
CA ARG C 333 1.41 -46.75 -32.43
C ARG C 333 2.02 -45.50 -33.04
N LEU C 334 3.01 -44.90 -32.38
CA LEU C 334 3.75 -43.76 -32.94
C LEU C 334 5.25 -43.77 -32.64
N SER C 335 5.65 -44.56 -31.62
CA SER C 335 7.00 -44.45 -31.06
C SER C 335 8.14 -44.71 -32.05
N GLU C 336 7.94 -45.70 -32.92
CA GLU C 336 8.96 -46.12 -33.88
C GLU C 336 9.30 -45.06 -34.93
N TYR C 337 8.37 -44.11 -35.11
CA TYR C 337 8.46 -43.17 -36.23
C TYR C 337 9.12 -41.86 -35.85
N GLY C 338 9.42 -41.69 -34.56
CA GLY C 338 10.01 -40.46 -34.03
C GLY C 338 9.26 -39.18 -34.38
N VAL C 339 7.94 -39.26 -34.49
CA VAL C 339 7.13 -38.19 -35.07
C VAL C 339 6.48 -37.34 -33.99
N ALA C 340 6.16 -38.00 -32.86
CA ALA C 340 5.58 -37.30 -31.73
C ALA C 340 6.32 -37.67 -30.46
N LYS C 341 6.41 -36.69 -29.55
CA LYS C 341 6.89 -36.91 -28.19
C LYS C 341 5.69 -36.55 -27.32
N TRP C 342 5.56 -37.19 -26.15
CA TRP C 342 4.41 -36.99 -25.27
C TRP C 342 4.74 -37.23 -23.80
N THR C 343 4.03 -36.52 -22.94
CA THR C 343 4.22 -36.62 -21.51
C THR C 343 3.59 -37.90 -21.00
N SER C 344 4.19 -38.47 -19.95
CA SER C 344 3.62 -39.63 -19.27
C SER C 344 3.31 -39.24 -17.83
N PRO C 345 2.15 -38.57 -17.60
CA PRO C 345 1.79 -38.00 -16.30
C PRO C 345 1.26 -39.05 -15.32
N THR C 346 1.63 -38.92 -14.05
CA THR C 346 1.14 -39.80 -12.99
C THR C 346 0.01 -39.13 -12.15
N GLY C 347 -0.69 -38.17 -12.75
CA GLY C 347 -1.77 -37.42 -12.10
C GLY C 347 -2.24 -36.25 -12.96
N GLY C 348 -3.26 -35.52 -12.50
CA GLY C 348 -3.80 -34.43 -13.32
C GLY C 348 -4.78 -34.96 -14.39
N TYR C 349 -4.99 -34.17 -15.43
CA TYR C 349 -6.11 -34.38 -16.36
C TYR C 349 -5.77 -34.47 -17.86
N PHE C 350 -4.51 -34.23 -18.19
CA PHE C 350 -4.11 -34.05 -19.57
C PHE C 350 -2.81 -34.74 -19.91
N ILE C 351 -2.64 -34.95 -21.20
CA ILE C 351 -1.40 -35.36 -21.81
C ILE C 351 -1.05 -34.34 -22.90
N SER C 352 0.19 -33.87 -22.89
CA SER C 352 0.66 -32.88 -23.84
C SER C 352 1.57 -33.59 -24.86
N VAL C 353 1.18 -33.52 -26.13
CA VAL C 353 1.94 -34.17 -27.22
C VAL C 353 2.56 -33.10 -28.10
N ASP C 354 3.87 -33.22 -28.33
CA ASP C 354 4.57 -32.35 -29.25
C ASP C 354 4.86 -33.16 -30.48
N VAL C 355 4.10 -32.86 -31.55
CA VAL C 355 4.27 -33.54 -32.80
C VAL C 355 5.40 -32.82 -33.54
N VAL C 356 5.68 -33.26 -34.76
CA VAL C 356 6.68 -32.59 -35.58
C VAL C 356 6.33 -31.13 -35.79
N PRO C 357 7.33 -30.24 -35.53
CA PRO C 357 7.17 -28.79 -35.66
C PRO C 357 6.58 -28.41 -37.02
N GLY C 358 5.48 -27.68 -37.00
CA GLY C 358 4.84 -27.18 -38.19
C GLY C 358 3.66 -28.00 -38.67
N THR C 359 3.35 -29.08 -37.96
CA THR C 359 2.28 -29.99 -38.38
C THR C 359 1.10 -30.07 -37.40
N ALA C 360 1.25 -29.49 -36.20
CA ALA C 360 0.19 -29.49 -35.19
C ALA C 360 -1.16 -29.06 -35.75
N SER C 361 -1.23 -27.88 -36.36
CA SER C 361 -2.48 -27.41 -36.95
C SER C 361 -3.05 -28.37 -37.96
N ARG C 362 -2.16 -28.96 -38.77
CA ARG C 362 -2.55 -29.94 -39.79
C ARG C 362 -3.15 -31.20 -39.16
N VAL C 363 -2.56 -31.66 -38.05
CA VAL C 363 -3.07 -32.82 -37.28
C VAL C 363 -4.49 -32.57 -36.76
N VAL C 364 -4.71 -31.38 -36.20
CA VAL C 364 -6.01 -31.01 -35.65
C VAL C 364 -7.05 -31.01 -36.77
N GLU C 365 -6.63 -30.50 -37.93
CA GLU C 365 -7.47 -30.40 -39.11
C GLU C 365 -7.90 -31.77 -39.63
N LEU C 366 -6.91 -32.62 -39.92
CA LEU C 366 -7.13 -33.99 -40.40
C LEU C 366 -8.08 -34.75 -39.46
N ALA C 367 -7.84 -34.66 -38.17
CA ALA C 367 -8.71 -35.25 -37.16
C ALA C 367 -10.16 -34.74 -37.24
N LYS C 368 -10.34 -33.42 -37.34
CA LYS C 368 -11.66 -32.80 -37.45
C LYS C 368 -12.42 -33.32 -38.67
N GLU C 369 -11.71 -33.49 -39.78
CA GLU C 369 -12.31 -33.99 -41.02
C GLU C 369 -12.76 -35.44 -40.84
N ALA C 370 -11.94 -36.23 -40.12
CA ALA C 370 -12.28 -37.62 -39.82
C ALA C 370 -13.25 -37.79 -38.65
N GLY C 371 -13.71 -36.59 -38.08
CA GLY C 371 -14.78 -36.59 -37.07
C GLY C 371 -14.32 -36.76 -35.62
N ILE C 372 -13.17 -36.16 -35.30
CA ILE C 372 -12.59 -36.22 -33.96
C ILE C 372 -12.20 -34.79 -33.53
N ALA C 373 -12.73 -34.34 -32.40
CA ALA C 373 -12.43 -33.00 -31.89
C ALA C 373 -11.14 -33.02 -31.06
N LEU C 374 -10.14 -32.26 -31.53
CA LEU C 374 -8.90 -32.08 -30.81
C LEU C 374 -8.85 -30.61 -30.43
N THR C 375 -8.33 -30.35 -29.24
CA THR C 375 -8.06 -29.00 -28.75
C THR C 375 -7.25 -28.23 -29.78
N GLY C 376 -7.72 -27.03 -30.08
CA GLY C 376 -7.04 -26.13 -31.03
C GLY C 376 -5.54 -26.04 -30.84
N ALA C 377 -4.82 -26.11 -31.96
CA ALA C 377 -3.38 -25.93 -31.95
C ALA C 377 -3.08 -24.54 -31.40
N GLY C 378 -2.10 -24.46 -30.49
CA GLY C 378 -1.68 -23.22 -29.87
C GLY C 378 -2.38 -22.81 -28.60
N SER C 379 -3.44 -23.55 -28.24
CA SER C 379 -4.32 -23.16 -27.15
C SER C 379 -3.69 -23.28 -25.75
N SER C 380 -2.58 -24.01 -25.65
CA SER C 380 -1.77 -23.99 -24.43
C SER C 380 -0.74 -22.82 -24.40
N PHE C 381 -0.86 -21.86 -25.30
CA PHE C 381 0.14 -20.75 -25.39
C PHE C 381 -0.54 -19.41 -25.29
N PRO C 382 0.13 -18.41 -24.71
CA PRO C 382 -0.44 -17.07 -24.73
C PRO C 382 -0.79 -16.62 -26.14
N LEU C 383 -1.98 -16.01 -26.26
CA LEU C 383 -2.51 -15.52 -27.52
C LEU C 383 -2.68 -16.66 -28.52
N HIS C 384 -2.87 -17.88 -28.00
CA HIS C 384 -3.01 -19.10 -28.86
C HIS C 384 -1.94 -19.23 -29.93
N ASN C 385 -0.74 -18.78 -29.61
CA ASN C 385 0.37 -18.83 -30.54
C ASN C 385 1.48 -19.78 -30.11
N ASP C 386 1.50 -20.97 -30.71
CA ASP C 386 2.58 -21.89 -30.49
C ASP C 386 3.54 -21.57 -31.62
N PRO C 387 4.71 -21.00 -31.28
CA PRO C 387 5.58 -20.49 -32.32
C PRO C 387 6.26 -21.60 -33.15
N ASN C 388 6.33 -22.83 -32.63
CA ASN C 388 6.80 -24.00 -33.38
C ASN C 388 5.69 -24.86 -34.03
N ASN C 389 4.42 -24.50 -33.79
CA ASN C 389 3.24 -25.21 -34.31
C ASN C 389 3.40 -26.73 -34.11
N GLU C 390 3.51 -27.16 -32.86
CA GLU C 390 3.93 -28.54 -32.59
C GLU C 390 3.12 -29.25 -31.51
N ASN C 391 2.51 -28.46 -30.62
CA ASN C 391 1.86 -28.97 -29.43
C ASN C 391 0.36 -29.24 -29.56
N ILE C 392 -0.08 -30.42 -29.11
CA ILE C 392 -1.50 -30.66 -28.95
C ILE C 392 -1.79 -31.21 -27.55
N ARG C 393 -2.88 -30.72 -26.98
CA ARG C 393 -3.37 -31.16 -25.68
C ARG C 393 -4.43 -32.26 -25.87
N LEU C 394 -4.22 -33.40 -25.21
CA LEU C 394 -5.22 -34.46 -25.12
C LEU C 394 -5.93 -34.47 -23.76
N ALA C 395 -7.23 -34.74 -23.80
CA ALA C 395 -8.04 -34.71 -22.60
C ALA C 395 -8.82 -36.04 -22.44
N PRO C 396 -8.18 -37.06 -21.83
CA PRO C 396 -8.76 -38.40 -21.71
C PRO C 396 -9.86 -38.60 -20.65
N SER C 397 -10.14 -37.59 -19.84
CA SER C 397 -10.99 -37.83 -18.64
C SER C 397 -12.43 -38.25 -18.92
N LEU C 398 -13.06 -37.64 -19.93
CA LEU C 398 -14.50 -37.78 -20.07
C LEU C 398 -14.97 -39.05 -20.81
N PRO C 399 -14.42 -39.32 -22.03
CA PRO C 399 -14.90 -40.45 -22.80
C PRO C 399 -14.72 -41.80 -22.09
N PRO C 400 -15.61 -42.77 -22.38
CA PRO C 400 -15.46 -44.15 -21.98
C PRO C 400 -14.29 -44.77 -22.72
N VAL C 401 -13.63 -45.75 -22.10
CA VAL C 401 -12.41 -46.30 -22.67
C VAL C 401 -12.63 -46.82 -24.11
N ALA C 402 -13.87 -47.20 -24.44
CA ALA C 402 -14.23 -47.60 -25.79
C ALA C 402 -14.11 -46.45 -26.81
N GLU C 403 -14.73 -45.31 -26.52
CA GLU C 403 -14.64 -44.13 -27.40
C GLU C 403 -13.21 -43.60 -27.50
N LEU C 404 -12.51 -43.59 -26.36
CA LEU C 404 -11.15 -43.07 -26.23
C LEU C 404 -10.17 -43.83 -27.12
N GLU C 405 -10.33 -45.15 -27.14
CA GLU C 405 -9.44 -46.06 -27.83
C GLU C 405 -9.48 -45.92 -29.37
N VAL C 406 -10.68 -45.69 -29.92
CA VAL C 406 -10.80 -45.41 -31.37
C VAL C 406 -10.27 -44.02 -31.68
N ALA C 407 -10.57 -43.07 -30.80
CA ALA C 407 -10.11 -41.68 -30.93
C ALA C 407 -8.59 -41.63 -30.96
N ASP C 409 -6.52 -44.02 -31.62
CA ASP C 409 -5.95 -44.66 -32.76
C ASP C 409 -6.11 -43.72 -33.96
N GLY C 410 -7.29 -43.13 -34.14
CA GLY C 410 -7.48 -42.10 -35.20
C GLY C 410 -6.48 -40.95 -35.13
N PHE C 411 -6.35 -40.34 -33.97
CA PHE C 411 -5.37 -39.28 -33.71
C PHE C 411 -3.98 -39.68 -34.21
N ALA C 412 -3.48 -40.84 -33.73
CA ALA C 412 -2.14 -41.33 -34.10
C ALA C 412 -2.00 -41.48 -35.62
N THR C 413 -3.18 -41.68 -36.29
CA THR C 413 -3.19 -41.78 -37.75
C THR C 413 -2.95 -40.40 -38.36
N CYS C 414 -3.60 -39.40 -37.77
CA CYS C 414 -3.51 -38.01 -38.20
C CYS C 414 -2.07 -37.46 -38.10
N VAL C 415 -1.40 -37.79 -37.00
CA VAL C 415 0.04 -37.48 -36.84
C VAL C 415 0.87 -38.15 -37.99
N LEU C 416 0.55 -39.40 -38.32
CA LEU C 416 1.31 -40.11 -39.30
C LEU C 416 1.06 -39.57 -40.72
N ALA C 418 -0.05 -36.39 -41.47
CA ALA C 418 0.50 -35.06 -41.55
C ALA C 418 2.03 -35.07 -41.69
N ALA C 419 2.70 -36.02 -41.06
CA ALA C 419 4.14 -36.16 -41.24
C ALA C 419 4.57 -36.51 -42.66
N LEU C 420 3.80 -37.38 -43.32
CA LEU C 420 4.02 -37.73 -44.71
C LEU C 420 3.70 -36.51 -45.62
N GLU C 421 3.17 -35.42 -45.01
CA GLU C 421 2.82 -34.19 -45.77
C GLU C 421 3.91 -33.10 -45.82
N VAL C 422 4.76 -33.05 -44.75
CA VAL C 422 5.81 -32.05 -44.71
C VAL C 422 6.93 -32.38 -45.72
N ALA D 11 -43.52 26.89 31.51
CA ALA D 11 -42.85 25.57 31.26
C ALA D 11 -42.57 24.80 32.56
N ALA D 12 -43.57 24.78 33.44
CA ALA D 12 -43.54 23.94 34.65
C ALA D 12 -43.79 22.47 34.29
N ARG D 13 -44.26 22.23 33.07
CA ARG D 13 -44.52 20.90 32.52
C ARG D 13 -43.24 20.29 31.97
N LEU D 14 -42.30 21.14 31.57
CA LEU D 14 -41.00 20.71 31.08
C LEU D 14 -40.20 20.06 32.20
N ALA D 15 -40.19 20.71 33.36
CA ALA D 15 -39.54 20.21 34.56
C ALA D 15 -40.20 18.93 35.08
N GLN D 16 -41.46 18.72 34.70
CA GLN D 16 -42.22 17.54 35.09
C GLN D 16 -41.98 16.39 34.10
N VAL D 17 -42.02 16.70 32.80
CA VAL D 17 -41.78 15.71 31.76
C VAL D 17 -40.35 15.14 31.78
N ARG D 18 -39.36 16.00 32.01
CA ARG D 18 -37.96 15.52 32.08
C ARG D 18 -37.72 14.71 33.34
N GLU D 19 -38.52 14.98 34.37
CA GLU D 19 -38.48 14.18 35.58
C GLU D 19 -39.08 12.78 35.37
N GLU D 20 -40.22 12.70 34.68
CA GLU D 20 -40.87 11.42 34.42
C GLU D 20 -40.17 10.62 33.33
N VAL D 21 -39.51 11.34 32.43
CA VAL D 21 -38.70 10.73 31.39
C VAL D 21 -37.39 10.20 32.02
N THR D 22 -36.78 10.98 32.91
CA THR D 22 -35.57 10.57 33.65
C THR D 22 -35.85 9.31 34.49
N ALA D 23 -37.03 9.29 35.10
CA ALA D 23 -37.49 8.13 35.85
C ALA D 23 -37.67 6.89 34.99
N LYS D 24 -38.21 7.06 33.77
CA LYS D 24 -38.33 5.98 32.78
C LYS D 24 -36.97 5.49 32.25
N TYR D 25 -36.03 6.41 32.08
CA TYR D 25 -34.68 6.02 31.71
C TYR D 25 -33.98 5.24 32.84
N ALA D 26 -34.22 5.65 34.07
CA ALA D 26 -33.66 4.93 35.22
C ALA D 26 -34.31 3.53 35.37
N GLU D 27 -35.63 3.48 35.19
CA GLU D 27 -36.37 2.22 35.14
C GLU D 27 -35.90 1.32 34.01
N LEU D 28 -35.52 1.92 32.87
CA LEU D 28 -34.97 1.17 31.73
C LEU D 28 -33.58 0.62 32.02
N LYS D 29 -32.73 1.44 32.62
CA LYS D 29 -31.39 0.98 32.98
C LYS D 29 -31.52 -0.22 33.96
N ALA D 30 -32.46 -0.11 34.90
CA ALA D 30 -32.70 -1.14 35.92
C ALA D 30 -33.16 -2.51 35.41
N LYS D 31 -33.81 -2.55 34.25
CA LYS D 31 -34.15 -3.82 33.59
C LYS D 31 -32.95 -4.63 33.14
N ASN D 32 -31.77 -3.99 33.10
CA ASN D 32 -30.50 -4.68 32.77
C ASN D 32 -30.65 -5.47 31.47
N LEU D 33 -30.93 -4.74 30.39
CA LEU D 33 -31.27 -5.34 29.12
C LEU D 33 -30.03 -5.76 28.34
N SER D 34 -30.23 -6.68 27.40
CA SER D 34 -29.29 -6.91 26.34
C SER D 34 -30.09 -7.21 25.08
N LEU D 35 -30.42 -6.15 24.33
CA LEU D 35 -31.22 -6.28 23.12
C LEU D 35 -30.59 -5.50 21.99
N ASP D 36 -30.84 -5.91 20.73
CA ASP D 36 -30.42 -5.10 19.59
C ASP D 36 -31.35 -5.07 18.42
N LEU D 37 -31.55 -3.86 17.93
CA LEU D 37 -32.39 -3.53 16.79
C LEU D 37 -31.53 -3.24 15.54
N THR D 38 -30.58 -4.14 15.31
CA THR D 38 -29.43 -3.87 14.49
C THR D 38 -29.39 -4.79 13.25
N ARG D 39 -29.94 -5.99 13.37
CA ARG D 39 -29.69 -7.05 12.38
C ARG D 39 -30.75 -7.13 11.27
N GLY D 40 -30.45 -6.53 10.13
CA GLY D 40 -31.38 -6.54 8.99
C GLY D 40 -31.44 -7.86 8.23
N LYS D 41 -31.59 -8.96 8.96
CA LYS D 41 -31.61 -10.30 8.39
C LYS D 41 -32.84 -11.09 8.85
N PRO D 42 -33.18 -12.18 8.13
CA PRO D 42 -34.29 -13.05 8.52
C PRO D 42 -34.11 -13.68 9.90
N SER D 43 -35.20 -13.81 10.65
CA SER D 43 -35.21 -14.59 11.87
C SER D 43 -35.06 -16.07 11.57
N ALA D 44 -34.73 -16.85 12.60
CA ALA D 44 -34.69 -18.31 12.48
C ALA D 44 -36.01 -18.89 12.02
N GLU D 45 -37.12 -18.22 12.36
CA GLU D 45 -38.44 -18.64 11.94
C GLU D 45 -38.58 -18.58 10.42
N GLN D 46 -38.20 -17.43 9.84
CA GLN D 46 -38.16 -17.22 8.41
C GLN D 46 -37.22 -18.21 7.73
N LEU D 47 -36.04 -18.39 8.30
CA LEU D 47 -35.08 -19.34 7.72
C LEU D 47 -35.64 -20.77 7.65
N ASP D 48 -36.31 -21.19 8.72
CA ASP D 48 -36.94 -22.52 8.80
C ASP D 48 -37.91 -22.82 7.64
N LEU D 49 -38.45 -21.77 7.03
CA LEU D 49 -39.39 -21.93 5.90
C LEU D 49 -38.73 -22.54 4.67
N SER D 50 -37.41 -22.41 4.57
CA SER D 50 -36.68 -22.99 3.45
C SER D 50 -35.92 -24.27 3.79
N ASN D 51 -36.32 -24.97 4.87
CA ASN D 51 -35.55 -26.14 5.29
C ASN D 51 -35.48 -27.24 4.22
N ASP D 52 -36.52 -27.33 3.37
CA ASP D 52 -36.59 -28.33 2.29
C ASP D 52 -35.51 -28.11 1.22
N LEU D 53 -35.18 -26.85 0.98
CA LEU D 53 -34.12 -26.50 0.04
C LEU D 53 -32.76 -27.10 0.44
N LEU D 54 -32.55 -27.36 1.72
CA LEU D 54 -31.27 -27.89 2.22
C LEU D 54 -30.93 -29.32 1.74
N SER D 55 -31.94 -30.04 1.28
CA SER D 55 -31.78 -31.43 0.82
C SER D 55 -31.79 -31.56 -0.72
N LEU D 56 -31.92 -30.42 -1.41
CA LEU D 56 -32.09 -30.37 -2.86
C LEU D 56 -30.76 -30.03 -3.54
N PRO D 57 -30.59 -30.44 -4.82
CA PRO D 57 -31.57 -31.17 -5.63
C PRO D 57 -31.58 -32.72 -5.50
N GLY D 58 -30.66 -33.28 -4.72
CA GLY D 58 -30.56 -34.73 -4.58
C GLY D 58 -30.18 -35.40 -5.90
N GLY D 59 -30.76 -36.58 -6.17
CA GLY D 59 -30.52 -37.28 -7.44
C GLY D 59 -31.25 -36.70 -8.63
N ASP D 60 -31.93 -35.57 -8.39
CA ASP D 60 -32.65 -34.83 -9.41
C ASP D 60 -31.74 -33.66 -9.84
N PHE D 61 -30.53 -34.00 -10.28
CA PHE D 61 -29.49 -33.01 -10.59
C PHE D 61 -29.52 -32.51 -12.03
N ARG D 62 -30.55 -32.88 -12.78
CA ARG D 62 -30.72 -32.37 -14.15
C ARG D 62 -31.78 -31.28 -14.22
N THR D 63 -31.54 -30.29 -15.07
CA THR D 63 -32.55 -29.28 -15.40
C THR D 63 -33.74 -29.93 -16.15
N LYS D 64 -34.86 -29.22 -16.27
CA LYS D 64 -36.00 -29.70 -17.11
C LYS D 64 -35.54 -30.21 -18.47
N ASP D 65 -34.71 -29.41 -19.13
CA ASP D 65 -34.20 -29.68 -20.48
C ASP D 65 -33.27 -30.90 -20.56
N GLY D 66 -32.86 -31.43 -19.41
CA GLY D 66 -32.03 -32.64 -19.34
C GLY D 66 -30.54 -32.46 -19.04
N VAL D 67 -30.09 -31.22 -18.89
CA VAL D 67 -28.66 -30.94 -18.65
C VAL D 67 -28.18 -31.22 -17.20
N ASP D 68 -27.18 -32.10 -17.12
CA ASP D 68 -26.37 -32.37 -15.94
C ASP D 68 -25.76 -31.10 -15.34
N CYS D 69 -26.33 -30.67 -14.22
CA CYS D 69 -25.86 -29.47 -13.53
C CYS D 69 -24.62 -29.71 -12.68
N ARG D 70 -24.16 -30.95 -12.64
CA ARG D 70 -23.00 -31.28 -11.83
C ARG D 70 -21.67 -30.91 -12.53
N ASN D 71 -21.76 -30.50 -13.79
CA ASN D 71 -20.56 -30.32 -14.61
C ASN D 71 -20.41 -28.88 -15.09
N TYR D 72 -19.24 -28.55 -15.61
CA TYR D 72 -18.90 -27.18 -16.05
C TYR D 72 -19.83 -26.69 -17.16
N GLY D 73 -19.91 -25.38 -17.33
CA GLY D 73 -20.55 -24.80 -18.53
C GLY D 73 -21.79 -23.99 -18.21
N GLY D 74 -22.01 -22.95 -19.00
CA GLY D 74 -23.18 -22.06 -18.83
C GLY D 74 -22.81 -20.88 -17.95
N LEU D 75 -22.74 -19.71 -18.55
CA LEU D 75 -22.15 -18.52 -17.91
C LEU D 75 -23.20 -17.63 -17.22
N LEU D 76 -24.43 -17.69 -17.73
CA LEU D 76 -25.48 -16.74 -17.35
C LEU D 76 -26.60 -17.32 -16.50
N GLY D 77 -26.42 -18.55 -16.03
CA GLY D 77 -27.39 -19.19 -15.16
C GLY D 77 -28.29 -20.12 -15.96
N ILE D 78 -28.94 -21.03 -15.25
CA ILE D 78 -29.80 -22.01 -15.88
C ILE D 78 -31.18 -21.43 -16.18
N ALA D 79 -31.75 -21.85 -17.31
CA ALA D 79 -33.08 -21.42 -17.76
C ALA D 79 -34.19 -21.64 -16.74
N ASP D 80 -34.13 -22.76 -16.01
CA ASP D 80 -35.17 -23.10 -15.02
C ASP D 80 -35.41 -21.96 -14.03
N ILE D 81 -34.33 -21.48 -13.41
CA ILE D 81 -34.42 -20.39 -12.44
C ILE D 81 -34.59 -19.01 -13.09
N ARG D 82 -33.92 -18.79 -14.22
CA ARG D 82 -34.01 -17.53 -14.91
C ARG D 82 -35.45 -17.29 -15.42
N GLU D 83 -36.11 -18.33 -15.93
CA GLU D 83 -37.47 -18.18 -16.45
C GLU D 83 -38.45 -17.93 -15.31
N LEU D 84 -38.34 -18.74 -14.25
CA LEU D 84 -39.19 -18.58 -13.07
C LEU D 84 -39.09 -17.13 -12.58
N TRP D 85 -37.87 -16.70 -12.28
CA TRP D 85 -37.61 -15.38 -11.71
C TRP D 85 -38.03 -14.21 -12.60
N ALA D 86 -37.67 -14.27 -13.89
CA ALA D 86 -38.12 -13.25 -14.85
C ALA D 86 -39.65 -13.11 -14.91
N GLU D 87 -40.38 -14.21 -14.83
CA GLU D 87 -41.86 -14.16 -14.85
C GLU D 87 -42.37 -13.46 -13.59
N ALA D 88 -41.79 -13.80 -12.45
CA ALA D 88 -42.17 -13.22 -11.16
C ALA D 88 -41.96 -11.72 -11.12
N LEU D 89 -40.87 -11.26 -11.75
CA LEU D 89 -40.59 -9.82 -11.87
C LEU D 89 -41.28 -9.15 -13.06
N GLY D 90 -41.86 -9.94 -13.96
CA GLY D 90 -42.51 -9.41 -15.16
C GLY D 90 -41.55 -9.00 -16.28
N LEU D 91 -40.37 -9.62 -16.33
CA LEU D 91 -39.32 -9.31 -17.30
C LEU D 91 -39.16 -10.45 -18.30
N PRO D 92 -38.62 -10.17 -19.50
CA PRO D 92 -38.35 -11.29 -20.41
C PRO D 92 -37.14 -12.08 -19.92
N ALA D 93 -37.18 -13.39 -20.12
CA ALA D 93 -36.18 -14.30 -19.56
C ALA D 93 -34.77 -14.04 -20.09
N ASP D 94 -34.66 -13.71 -21.38
CA ASP D 94 -33.35 -13.40 -22.01
C ASP D 94 -32.69 -12.09 -21.53
N LEU D 95 -33.43 -11.30 -20.75
CA LEU D 95 -32.89 -10.09 -20.18
C LEU D 95 -32.43 -10.30 -18.73
N VAL D 96 -32.61 -11.52 -18.23
CA VAL D 96 -32.29 -11.87 -16.84
C VAL D 96 -31.20 -12.93 -16.76
N VAL D 97 -30.16 -12.62 -15.98
CA VAL D 97 -28.97 -13.43 -15.74
C VAL D 97 -28.97 -13.95 -14.28
N ALA D 98 -28.65 -15.22 -14.07
CA ALA D 98 -28.61 -15.80 -12.71
C ALA D 98 -27.19 -16.20 -12.34
N GLN D 99 -26.75 -15.73 -11.17
CA GLN D 99 -25.35 -15.89 -10.79
C GLN D 99 -25.25 -16.63 -9.44
N ASP D 100 -24.24 -16.29 -8.64
CA ASP D 100 -24.06 -16.94 -7.33
C ASP D 100 -24.88 -16.32 -6.19
N GLY D 101 -24.39 -16.34 -4.95
CA GLY D 101 -25.24 -16.00 -3.81
C GLY D 101 -25.29 -14.55 -3.37
N SER D 102 -24.71 -13.64 -4.14
CA SER D 102 -24.70 -12.24 -3.75
C SER D 102 -24.89 -11.28 -4.93
N SER D 103 -25.95 -10.47 -4.90
CA SER D 103 -26.12 -9.43 -5.91
C SER D 103 -25.15 -8.25 -5.66
N LEU D 104 -24.72 -8.10 -4.40
CA LEU D 104 -23.67 -7.13 -4.09
C LEU D 104 -22.41 -7.45 -4.87
N ASN D 105 -22.06 -8.73 -4.95
CA ASN D 105 -20.92 -9.17 -5.75
C ASN D 105 -21.05 -8.65 -7.19
N ILE D 106 -22.25 -8.79 -7.77
CA ILE D 106 -22.47 -8.37 -9.17
C ILE D 106 -22.35 -6.85 -9.34
N PHE D 108 -20.70 -4.69 -7.47
CA PHE D 108 -19.26 -4.38 -7.40
C PHE D 108 -18.57 -4.66 -8.76
N ASP D 109 -18.80 -5.84 -9.34
CA ASP D 109 -18.17 -6.17 -10.62
C ASP D 109 -18.57 -5.22 -11.74
N LEU D 110 -19.84 -4.82 -11.71
CA LEU D 110 -20.33 -3.92 -12.73
C LEU D 110 -19.58 -2.60 -12.65
N ILE D 111 -19.40 -2.09 -11.43
CA ILE D 111 -18.64 -0.83 -11.27
C ILE D 111 -17.15 -1.07 -11.50
N SER D 112 -16.62 -2.13 -10.92
CA SER D 112 -15.22 -2.47 -11.15
C SER D 112 -14.85 -2.53 -12.62
N TRP D 113 -15.68 -3.17 -13.43
CA TRP D 113 -15.42 -3.32 -14.84
C TRP D 113 -15.63 -2.06 -15.64
N SER D 114 -16.61 -1.22 -15.26
CA SER D 114 -16.73 0.10 -15.86
C SER D 114 -15.44 0.94 -15.59
N TYR D 115 -14.94 0.82 -14.38
CA TYR D 115 -13.79 1.55 -13.92
C TYR D 115 -12.60 1.11 -14.69
N THR D 116 -12.44 -0.19 -14.87
CA THR D 116 -11.21 -0.73 -15.48
C THR D 116 -11.19 -0.57 -17.01
N TRP D 117 -12.34 -0.85 -17.63
CA TRP D 117 -12.42 -1.00 -19.09
C TRP D 117 -13.40 -0.05 -19.71
N GLY D 118 -14.26 0.55 -18.88
CA GLY D 118 -15.37 1.36 -19.40
C GLY D 118 -16.53 0.40 -19.62
N ASN D 119 -17.76 0.91 -19.52
CA ASN D 119 -18.88 0.10 -19.96
C ASN D 119 -19.13 0.26 -21.45
N ASN D 120 -20.13 -0.43 -21.98
CA ASN D 120 -20.34 -0.51 -23.44
C ASN D 120 -20.73 0.84 -24.05
N ASP D 121 -21.11 1.80 -23.21
CA ASP D 121 -21.36 3.16 -23.68
C ASP D 121 -20.20 4.15 -23.42
N SER D 122 -19.15 3.70 -22.74
CA SER D 122 -18.01 4.59 -22.39
C SER D 122 -17.11 4.90 -23.59
N SER D 123 -16.64 6.15 -23.66
CA SER D 123 -15.51 6.53 -24.55
C SER D 123 -14.15 6.20 -23.92
N ARG D 124 -14.12 6.03 -22.60
CA ARG D 124 -12.89 5.76 -21.87
C ARG D 124 -13.22 5.12 -20.51
N PRO D 125 -12.30 4.30 -19.97
CA PRO D 125 -12.61 3.63 -18.69
C PRO D 125 -12.86 4.70 -17.64
N TRP D 126 -13.76 4.45 -16.67
CA TRP D 126 -13.97 5.48 -15.64
C TRP D 126 -12.69 5.83 -14.85
N SER D 127 -11.74 4.89 -14.78
CA SER D 127 -10.44 5.19 -14.16
C SER D 127 -9.67 6.31 -14.88
N ALA D 128 -9.95 6.53 -16.17
CA ALA D 128 -9.24 7.56 -16.93
C ALA D 128 -9.80 8.98 -16.70
N GLU D 129 -10.94 9.06 -16.02
CA GLU D 129 -11.54 10.38 -15.71
C GLU D 129 -10.81 11.10 -14.60
N GLU D 130 -10.82 12.44 -14.66
CA GLU D 130 -10.27 13.32 -13.64
C GLU D 130 -10.89 13.04 -12.27
N LYS D 131 -12.22 13.02 -12.26
CA LYS D 131 -13.04 12.76 -11.07
C LYS D 131 -14.30 11.99 -11.49
N VAL D 132 -14.79 11.09 -10.64
CA VAL D 132 -16.06 10.40 -10.87
C VAL D 132 -17.02 10.77 -9.74
N LYS D 133 -18.18 11.27 -10.09
CA LYS D 133 -19.18 11.59 -9.10
C LYS D 133 -20.30 10.55 -9.17
N TRP D 134 -21.02 10.39 -8.07
CA TRP D 134 -22.03 9.34 -7.97
C TRP D 134 -23.17 9.83 -7.06
N LEU D 135 -24.41 9.69 -7.55
CA LEU D 135 -25.54 10.18 -6.79
C LEU D 135 -25.98 9.16 -5.72
N CYS D 136 -26.29 9.67 -4.53
CA CYS D 136 -26.55 8.86 -3.35
C CYS D 136 -27.83 9.36 -2.64
N PRO D 137 -29.00 8.91 -3.10
CA PRO D 137 -30.28 9.14 -2.42
C PRO D 137 -30.16 8.67 -0.96
N VAL D 138 -30.51 9.57 -0.02
CA VAL D 138 -30.31 9.31 1.42
C VAL D 138 -31.59 9.53 2.20
N PRO D 139 -31.77 8.76 3.30
CA PRO D 139 -30.97 7.64 3.84
C PRO D 139 -30.92 6.49 2.87
N GLY D 140 -29.77 5.83 2.76
CA GLY D 140 -29.65 4.68 1.89
C GLY D 140 -28.87 3.55 2.51
N TYR D 141 -28.34 2.69 1.66
CA TYR D 141 -27.82 1.42 2.09
C TYR D 141 -26.32 1.62 2.23
N ASP D 142 -25.82 1.47 3.44
CA ASP D 142 -24.37 1.59 3.70
C ASP D 142 -23.49 0.72 2.77
N ARG D 143 -23.95 -0.48 2.44
CA ARG D 143 -23.11 -1.36 1.58
C ARG D 143 -22.94 -0.83 0.12
N HIS D 144 -23.94 -0.10 -0.35
CA HIS D 144 -23.86 0.66 -1.59
C HIS D 144 -22.73 1.70 -1.51
N PHE D 145 -22.84 2.57 -0.54
CA PHE D 145 -21.92 3.68 -0.36
C PHE D 145 -20.48 3.20 -0.16
N THR D 146 -20.33 2.08 0.53
CA THR D 146 -19.00 1.49 0.75
C THR D 146 -18.27 1.15 -0.59
N ILE D 147 -19.03 0.73 -1.60
CA ILE D 147 -18.46 0.41 -2.93
C ILE D 147 -17.95 1.68 -3.61
N THR D 148 -18.79 2.69 -3.69
CA THR D 148 -18.38 3.91 -4.37
C THR D 148 -17.28 4.64 -3.57
N GLU D 149 -17.38 4.67 -2.23
CA GLU D 149 -16.22 5.12 -1.42
C GLU D 149 -14.91 4.37 -1.75
N HIS D 150 -15.00 3.05 -1.86
CA HIS D 150 -13.81 2.23 -2.14
C HIS D 150 -13.23 2.55 -3.49
N PHE D 151 -14.11 2.86 -4.45
CA PHE D 151 -13.64 3.28 -5.78
C PHE D 151 -13.12 4.73 -5.84
N GLY D 152 -13.28 5.45 -4.74
CA GLY D 152 -12.86 6.86 -4.68
C GLY D 152 -13.79 7.76 -5.50
N PHE D 153 -15.05 7.38 -5.65
CA PHE D 153 -16.01 8.26 -6.31
C PHE D 153 -16.49 9.32 -5.33
N GLU D 154 -16.65 10.55 -5.81
CA GLU D 154 -17.17 11.61 -4.97
C GLU D 154 -18.66 11.45 -4.90
N ILE D 156 -22.47 12.34 -3.97
CA ILE D 156 -23.34 13.50 -3.79
C ILE D 156 -24.72 13.03 -3.27
N ASN D 157 -25.10 13.51 -2.09
CA ASN D 157 -26.34 13.11 -1.46
C ASN D 157 -27.51 13.71 -2.20
N VAL D 158 -28.59 12.93 -2.33
CA VAL D 158 -29.85 13.34 -2.97
C VAL D 158 -30.98 13.03 -2.00
N PRO D 159 -31.84 14.03 -1.73
CA PRO D 159 -32.97 13.81 -0.84
C PRO D 159 -33.91 12.73 -1.34
N THR D 161 -37.79 11.65 -1.38
CA THR D 161 -39.17 12.04 -1.13
C THR D 161 -40.01 10.77 -0.90
N ASP D 162 -41.30 10.95 -0.66
CA ASP D 162 -42.23 9.85 -0.42
C ASP D 162 -42.54 9.00 -1.66
N GLU D 163 -42.19 9.50 -2.83
CA GLU D 163 -42.40 8.77 -4.07
C GLU D 163 -41.09 8.50 -4.83
N GLY D 164 -39.98 8.73 -4.15
CA GLY D 164 -38.67 8.44 -4.68
C GLY D 164 -37.72 9.60 -4.47
N PRO D 165 -36.59 9.60 -5.20
CA PRO D 165 -35.60 10.66 -4.99
C PRO D 165 -36.12 11.99 -5.52
N ASP D 166 -35.64 13.09 -4.94
CA ASP D 166 -35.92 14.42 -5.42
C ASP D 166 -35.50 14.57 -6.88
N GLY D 168 -36.02 17.05 -9.06
CA GLY D 168 -35.43 18.36 -9.38
C GLY D 168 -33.93 18.39 -9.10
N VAL D 169 -33.50 17.72 -8.03
CA VAL D 169 -32.08 17.55 -7.73
C VAL D 169 -31.40 16.60 -8.75
N VAL D 170 -31.94 15.39 -8.91
CA VAL D 170 -31.38 14.44 -9.87
C VAL D 170 -31.16 15.05 -11.27
N ARG D 171 -32.19 15.73 -11.78
CA ARG D 171 -32.15 16.34 -13.10
C ARG D 171 -31.01 17.37 -13.22
N GLU D 172 -30.85 18.24 -12.22
CA GLU D 172 -29.79 19.27 -12.26
C GLU D 172 -28.39 18.65 -12.15
N LEU D 173 -28.26 17.68 -11.27
CA LEU D 173 -26.98 17.07 -10.93
C LEU D 173 -26.43 16.25 -12.08
N VAL D 174 -27.33 15.66 -12.84
CA VAL D 174 -26.98 14.68 -13.86
C VAL D 174 -26.46 15.40 -15.11
N LYS D 175 -26.70 16.72 -15.15
CA LYS D 175 -26.07 17.65 -16.14
C LYS D 175 -24.54 17.75 -16.04
N ASP D 176 -24.00 17.26 -14.94
CA ASP D 176 -22.57 17.25 -14.71
C ASP D 176 -22.04 15.96 -15.33
N PRO D 177 -21.16 16.04 -16.34
CA PRO D 177 -20.66 14.84 -17.04
C PRO D 177 -19.71 13.95 -16.19
N GLN D 178 -19.19 14.49 -15.10
CA GLN D 178 -18.50 13.68 -14.14
C GLN D 178 -19.42 12.74 -13.33
N VAL D 179 -20.74 12.98 -13.36
CA VAL D 179 -21.69 12.10 -12.67
C VAL D 179 -21.97 10.86 -13.52
N LYS D 180 -21.42 9.74 -13.05
CA LYS D 180 -21.46 8.48 -13.79
C LYS D 180 -22.60 7.53 -13.47
N GLY D 181 -23.27 7.73 -12.34
CA GLY D 181 -24.30 6.81 -11.94
C GLY D 181 -25.00 7.20 -10.64
N TRP D 183 -27.09 5.09 -7.04
CA TRP D 183 -27.59 3.94 -6.29
C TRP D 183 -29.05 4.19 -6.03
N THR D 184 -29.89 3.18 -6.26
CA THR D 184 -31.30 3.23 -5.85
C THR D 184 -31.71 1.90 -5.22
N VAL D 185 -32.63 1.95 -4.25
CA VAL D 185 -33.43 0.79 -3.81
C VAL D 185 -34.91 1.13 -4.07
N PRO D 186 -35.44 0.72 -5.25
CA PRO D 186 -36.68 1.28 -5.78
C PRO D 186 -37.98 0.69 -5.27
N VAL D 187 -37.92 -0.44 -4.58
CA VAL D 187 -39.11 -1.04 -3.98
C VAL D 187 -38.80 -1.35 -2.52
N PHE D 188 -39.69 -0.89 -1.63
CA PHE D 188 -39.55 -1.11 -0.19
C PHE D 188 -38.12 -0.81 0.26
N GLY D 189 -37.67 0.40 -0.09
CA GLY D 189 -36.27 0.79 0.00
C GLY D 189 -35.61 0.76 1.35
N ASN D 190 -34.41 0.20 1.38
CA ASN D 190 -33.57 0.27 2.57
C ASN D 190 -32.92 1.65 2.75
N PRO D 191 -33.22 2.34 3.87
CA PRO D 191 -34.06 1.90 4.97
C PRO D 191 -35.44 2.57 5.01
N THR D 192 -35.75 3.40 4.01
CA THR D 192 -36.89 4.28 4.08
C THR D 192 -38.25 3.58 3.83
N GLY D 193 -38.25 2.44 3.16
CA GLY D 193 -39.50 1.74 2.84
C GLY D 193 -40.22 2.22 1.57
N VAL D 194 -39.82 3.37 1.03
CA VAL D 194 -40.54 3.90 -0.12
C VAL D 194 -40.26 3.07 -1.37
N THR D 195 -41.25 3.05 -2.23
CA THR D 195 -41.27 2.37 -3.51
C THR D 195 -41.41 3.53 -4.47
N PHE D 196 -40.51 3.63 -5.44
CA PHE D 196 -40.53 4.75 -6.38
C PHE D 196 -41.83 4.72 -7.20
N SER D 197 -42.46 5.88 -7.39
CA SER D 197 -43.66 5.95 -8.21
C SER D 197 -43.30 5.63 -9.66
N GLU D 198 -44.32 5.23 -10.42
CA GLU D 198 -44.20 5.04 -11.86
C GLU D 198 -43.66 6.31 -12.50
N GLN D 199 -44.14 7.46 -12.02
CA GLN D 199 -43.71 8.75 -12.53
C GLN D 199 -42.19 8.83 -12.39
N THR D 200 -41.69 8.52 -11.20
CA THR D 200 -40.29 8.64 -10.89
C THR D 200 -39.46 7.67 -11.73
N CYS D 201 -39.94 6.42 -11.79
CA CYS D 201 -39.36 5.40 -12.66
C CYS D 201 -39.23 5.87 -14.13
N ARG D 202 -40.29 6.50 -14.66
CA ARG D 202 -40.32 6.98 -16.03
C ARG D 202 -39.36 8.15 -16.27
N GLU D 203 -39.35 9.12 -15.35
CA GLU D 203 -38.38 10.22 -15.42
C GLU D 203 -36.93 9.71 -15.45
N LEU D 204 -36.61 8.77 -14.57
CA LEU D 204 -35.21 8.26 -14.51
C LEU D 204 -34.80 7.56 -15.82
N ALA D 205 -35.77 6.97 -16.52
CA ALA D 205 -35.53 6.31 -17.80
C ALA D 205 -35.44 7.31 -18.95
N GLU D 206 -36.21 8.40 -18.83
CA GLU D 206 -36.37 9.37 -19.92
C GLU D 206 -35.28 10.46 -19.94
N SER D 208 -32.24 13.21 -19.83
CA SER D 208 -30.90 13.31 -20.40
C SER D 208 -29.87 13.37 -19.29
N THR D 209 -28.79 12.63 -19.50
CA THR D 209 -27.62 12.71 -18.64
C THR D 209 -26.44 13.23 -19.48
N ALA D 210 -25.52 14.00 -18.87
CA ALA D 210 -24.39 14.55 -19.62
C ALA D 210 -23.42 13.40 -19.93
N ALA D 211 -23.26 12.50 -18.97
CA ALA D 211 -22.40 11.32 -19.18
C ALA D 211 -23.08 10.40 -20.19
N PRO D 212 -22.35 9.98 -21.25
CA PRO D 212 -22.96 9.06 -22.23
C PRO D 212 -23.13 7.63 -21.70
N ASP D 213 -22.45 7.29 -20.61
CA ASP D 213 -22.43 5.92 -20.07
C ASP D 213 -22.94 5.83 -18.63
N PHE D 214 -23.71 6.83 -18.24
CA PHE D 214 -24.43 6.87 -16.99
C PHE D 214 -25.20 5.57 -16.75
N ARG D 215 -25.01 5.00 -15.55
CA ARG D 215 -25.70 3.78 -15.15
C ARG D 215 -26.48 4.00 -13.85
N ILE D 216 -27.71 3.52 -13.78
CA ILE D 216 -28.46 3.51 -12.50
C ILE D 216 -28.48 2.09 -11.98
N VAL D 217 -27.90 1.87 -10.79
CA VAL D 217 -28.05 0.57 -10.12
C VAL D 217 -29.44 0.54 -9.49
N TRP D 218 -30.34 -0.21 -10.15
CA TRP D 218 -31.70 -0.43 -9.76
C TRP D 218 -31.70 -1.63 -8.84
N ASP D 219 -31.24 -1.44 -7.60
CA ASP D 219 -31.06 -2.56 -6.70
C ASP D 219 -32.39 -3.00 -6.14
N ASN D 220 -33.06 -3.87 -6.87
CA ASN D 220 -34.39 -4.29 -6.51
C ASN D 220 -34.42 -5.46 -5.51
N ALA D 221 -33.78 -5.21 -4.36
CA ALA D 221 -33.64 -6.20 -3.29
C ALA D 221 -34.95 -6.67 -2.70
N TYR D 222 -35.99 -5.84 -2.78
CA TYR D 222 -37.22 -6.14 -2.06
C TYR D 222 -38.38 -6.17 -3.02
N ALA D 223 -38.09 -6.56 -4.26
CA ALA D 223 -39.07 -6.55 -5.36
C ALA D 223 -40.34 -7.35 -5.06
N LEU D 224 -40.23 -8.37 -4.22
CA LEU D 224 -41.36 -9.25 -3.92
C LEU D 224 -41.75 -9.19 -2.44
N HIS D 225 -41.08 -8.31 -1.68
CA HIS D 225 -40.97 -8.44 -0.23
C HIS D 225 -42.02 -7.72 0.60
N THR D 226 -43.30 -7.99 0.30
CA THR D 226 -44.44 -7.35 0.97
C THR D 226 -44.61 -7.76 2.46
N LEU D 227 -45.27 -6.90 3.24
CA LEU D 227 -45.73 -7.24 4.59
C LEU D 227 -47.18 -7.64 4.60
N SER D 228 -47.90 -7.29 3.53
CA SER D 228 -49.34 -7.56 3.37
C SER D 228 -49.64 -8.74 2.45
N ASP D 229 -50.82 -8.74 1.86
CA ASP D 229 -51.26 -9.80 0.97
C ASP D 229 -50.90 -9.44 -0.47
N GLU D 230 -50.47 -8.20 -0.66
CA GLU D 230 -50.33 -7.68 -2.00
C GLU D 230 -48.89 -7.34 -2.36
N PHE D 231 -48.56 -7.65 -3.59
CA PHE D 231 -47.23 -7.46 -4.12
C PHE D 231 -47.15 -6.10 -4.80
N PRO D 232 -45.99 -5.45 -4.75
CA PRO D 232 -45.84 -4.17 -5.42
C PRO D 232 -45.73 -4.39 -6.93
N ILE D 233 -46.09 -3.40 -7.73
CA ILE D 233 -45.73 -3.51 -9.13
C ILE D 233 -44.21 -3.34 -9.32
N VAL D 234 -43.64 -4.27 -10.05
CA VAL D 234 -42.29 -4.10 -10.52
C VAL D 234 -42.35 -3.39 -11.88
N HIS D 235 -42.00 -2.11 -11.88
CA HIS D 235 -41.93 -1.29 -13.10
C HIS D 235 -40.77 -1.78 -13.96
N ASN D 236 -41.06 -2.17 -15.20
CA ASN D 236 -40.01 -2.63 -16.12
C ASN D 236 -39.21 -1.41 -16.57
N VAL D 237 -38.30 -0.92 -15.72
CA VAL D 237 -37.52 0.24 -16.10
C VAL D 237 -36.65 -0.02 -17.34
N ILE D 238 -36.26 -1.27 -17.58
CA ILE D 238 -35.45 -1.59 -18.76
C ILE D 238 -36.20 -1.28 -20.06
N GLU D 239 -37.46 -1.64 -20.09
CA GLU D 239 -38.23 -1.33 -21.26
C GLU D 239 -38.65 0.15 -21.26
N PHE D 240 -38.76 0.80 -20.10
CA PHE D 240 -38.91 2.27 -20.16
C PHE D 240 -37.66 2.85 -20.80
N ALA D 241 -36.48 2.37 -20.38
CA ALA D 241 -35.23 2.87 -20.91
C ALA D 241 -35.23 2.70 -22.44
N GLN D 242 -35.44 1.48 -22.92
CA GLN D 242 -35.45 1.18 -24.38
C GLN D 242 -36.37 2.09 -25.17
N ALA D 243 -37.61 2.22 -24.70
CA ALA D 243 -38.62 3.05 -25.33
C ALA D 243 -38.36 4.55 -25.25
N ALA D 244 -37.40 4.93 -24.42
CA ALA D 244 -37.08 6.35 -24.21
C ALA D 244 -35.80 6.73 -24.93
N GLY D 245 -35.11 5.74 -25.51
CA GLY D 245 -33.87 5.99 -26.24
C GLY D 245 -32.62 5.83 -25.39
N ASN D 246 -32.81 5.33 -24.18
CA ASN D 246 -31.71 5.14 -23.22
C ASN D 246 -31.63 3.68 -22.76
N PRO D 247 -31.47 2.72 -23.70
CA PRO D 247 -31.74 1.31 -23.40
C PRO D 247 -30.84 0.71 -22.35
N ASN D 248 -29.64 1.27 -22.23
CA ASN D 248 -28.59 0.69 -21.40
C ASN D 248 -28.50 1.32 -20.00
N ARG D 249 -29.44 2.19 -19.65
CA ARG D 249 -29.36 2.97 -18.44
C ARG D 249 -29.42 2.22 -17.10
N PHE D 250 -30.18 1.13 -17.02
CA PHE D 250 -30.41 0.38 -15.77
C PHE D 250 -29.71 -0.97 -15.71
N TRP D 251 -28.93 -1.11 -14.64
CA TRP D 251 -28.56 -2.40 -14.07
C TRP D 251 -29.53 -2.80 -12.97
N PHE D 252 -30.35 -3.82 -13.27
CA PHE D 252 -31.50 -4.26 -12.47
C PHE D 252 -31.11 -5.48 -11.63
N SER D 254 -31.60 -8.11 -8.27
CA SER D 254 -32.51 -8.77 -7.32
C SER D 254 -31.79 -10.01 -6.82
N SER D 255 -32.32 -10.66 -5.76
CA SER D 255 -31.68 -11.84 -5.21
C SER D 255 -32.62 -12.58 -4.27
N THR D 256 -32.29 -13.83 -3.97
CA THR D 256 -33.13 -14.61 -3.00
C THR D 256 -32.59 -14.58 -1.55
N SER D 257 -31.65 -13.68 -1.26
CA SER D 257 -30.97 -13.68 0.09
C SER D 257 -31.92 -13.71 1.30
N LYS D 258 -32.98 -12.91 1.22
CA LYS D 258 -34.00 -12.82 2.28
C LYS D 258 -35.25 -13.57 1.87
N ILE D 259 -35.09 -14.48 0.93
CA ILE D 259 -36.21 -15.31 0.49
C ILE D 259 -35.89 -16.72 0.94
N THR D 260 -34.65 -17.12 0.73
CA THR D 260 -34.24 -18.44 1.14
C THR D 260 -33.23 -18.37 2.29
N HIS D 261 -31.97 -18.62 1.95
CA HIS D 261 -30.90 -18.55 2.91
C HIS D 261 -29.98 -17.37 2.59
N ALA D 262 -29.98 -16.35 3.47
CA ALA D 262 -29.18 -15.15 3.27
C ALA D 262 -27.72 -15.55 3.19
N GLY D 263 -27.14 -15.49 2.00
CA GLY D 263 -25.74 -15.90 1.77
C GLY D 263 -25.50 -17.10 0.84
N SER D 264 -26.50 -17.96 0.73
CA SER D 264 -26.37 -19.18 -0.08
C SER D 264 -27.53 -19.23 -1.02
N GLY D 265 -27.97 -18.04 -1.41
CA GLY D 265 -29.09 -17.91 -2.35
C GLY D 265 -28.60 -17.76 -3.77
N VAL D 266 -29.48 -17.22 -4.61
CA VAL D 266 -29.22 -16.97 -6.03
C VAL D 266 -29.36 -15.47 -6.28
N SER D 267 -28.38 -14.90 -6.98
CA SER D 267 -28.42 -13.49 -7.36
C SER D 267 -28.86 -13.27 -8.82
N PHE D 268 -29.56 -12.17 -9.08
CA PHE D 268 -29.97 -11.85 -10.46
C PHE D 268 -29.57 -10.48 -10.99
N PHE D 269 -29.05 -10.49 -12.21
CA PHE D 269 -28.74 -9.28 -12.95
C PHE D 269 -29.60 -9.23 -14.21
N ALA D 270 -30.38 -8.17 -14.34
CA ALA D 270 -31.21 -7.97 -15.52
C ALA D 270 -30.88 -6.62 -16.16
N SER D 271 -30.81 -6.57 -17.48
CA SER D 271 -30.42 -5.33 -18.18
C SER D 271 -30.71 -5.46 -19.68
N SER D 272 -30.33 -4.46 -20.46
CA SER D 272 -30.51 -4.50 -21.88
C SER D 272 -29.58 -5.55 -22.44
N LYS D 273 -29.83 -5.94 -23.68
CA LYS D 273 -29.03 -6.92 -24.40
C LYS D 273 -27.57 -6.56 -24.52
N GLU D 274 -27.32 -5.31 -24.86
CA GLU D 274 -25.97 -4.76 -24.96
C GLU D 274 -25.27 -4.74 -23.59
N ASN D 275 -26.00 -4.45 -22.51
CA ASN D 275 -25.36 -4.53 -21.17
C ASN D 275 -25.04 -5.94 -20.74
N ILE D 276 -25.92 -6.87 -21.09
CA ILE D 276 -25.72 -8.27 -20.73
C ILE D 276 -24.54 -8.85 -21.51
N GLU D 277 -24.45 -8.54 -22.81
CA GLU D 277 -23.29 -8.95 -23.62
C GLU D 277 -21.96 -8.32 -23.12
N TRP D 278 -21.98 -7.05 -22.75
CA TRP D 278 -20.81 -6.39 -22.14
C TRP D 278 -20.37 -7.15 -20.84
N TYR D 279 -21.32 -7.35 -19.93
CA TYR D 279 -21.13 -8.12 -18.69
C TYR D 279 -20.50 -9.49 -18.93
N ALA D 280 -21.07 -10.24 -19.87
CA ALA D 280 -20.62 -11.56 -20.23
C ALA D 280 -19.20 -11.59 -20.79
N SER D 281 -18.84 -10.59 -21.60
CA SER D 281 -17.48 -10.49 -22.16
C SER D 281 -16.42 -10.39 -21.06
N HIS D 282 -16.77 -9.81 -19.90
CA HIS D 282 -15.83 -9.80 -18.76
C HIS D 282 -15.96 -11.06 -17.89
N ALA D 283 -17.20 -11.39 -17.54
CA ALA D 283 -17.52 -12.59 -16.73
C ALA D 283 -16.92 -13.87 -17.35
N ASN D 284 -16.91 -13.91 -18.68
CA ASN D 284 -16.39 -15.03 -19.42
C ASN D 284 -14.91 -15.27 -19.11
N VAL D 285 -14.22 -14.17 -18.80
CA VAL D 285 -12.79 -14.18 -18.47
C VAL D 285 -12.56 -14.54 -17.00
N ARG D 286 -13.41 -13.96 -16.14
CA ARG D 286 -13.38 -14.20 -14.70
C ARG D 286 -13.64 -15.68 -14.34
N GLY D 287 -14.47 -16.35 -15.12
CA GLY D 287 -14.85 -17.69 -14.76
C GLY D 287 -15.62 -18.40 -15.83
N ILE D 288 -15.81 -19.70 -15.61
CA ILE D 288 -16.58 -20.56 -16.52
C ILE D 288 -18.09 -20.35 -16.29
N GLY D 289 -18.47 -20.00 -15.06
CA GLY D 289 -19.85 -19.67 -14.72
C GLY D 289 -20.26 -20.01 -13.30
N PRO D 290 -21.54 -19.73 -12.94
CA PRO D 290 -21.92 -19.83 -11.53
C PRO D 290 -22.22 -21.24 -11.04
N ASN D 291 -22.69 -21.33 -9.79
CA ASN D 291 -23.06 -22.59 -9.18
C ASN D 291 -24.46 -22.97 -9.71
N LYS D 292 -24.47 -23.90 -10.66
CA LYS D 292 -25.70 -24.39 -11.27
C LYS D 292 -26.52 -25.31 -10.37
N LEU D 293 -25.88 -26.03 -9.45
CA LEU D 293 -26.63 -26.96 -8.57
C LEU D 293 -27.49 -26.22 -7.56
N ASN D 294 -27.00 -25.09 -7.07
CA ASN D 294 -27.79 -24.19 -6.21
C ASN D 294 -28.98 -23.55 -6.91
N GLN D 295 -28.77 -23.08 -8.15
CA GLN D 295 -29.88 -22.55 -8.97
C GLN D 295 -31.01 -23.55 -9.20
N LEU D 296 -30.62 -24.78 -9.51
CA LEU D 296 -31.54 -25.89 -9.69
C LEU D 296 -32.38 -26.16 -8.44
N ALA D 297 -31.70 -26.33 -7.31
CA ALA D 297 -32.33 -26.50 -6.01
C ALA D 297 -33.37 -25.42 -5.77
N HIS D 298 -33.02 -24.17 -6.06
CA HIS D 298 -33.93 -23.02 -5.89
C HIS D 298 -35.14 -23.12 -6.83
N ALA D 299 -34.88 -23.48 -8.08
CA ALA D 299 -35.92 -23.62 -9.08
C ALA D 299 -36.86 -24.76 -8.70
N GLN D 300 -36.30 -25.85 -8.19
CA GLN D 300 -37.12 -26.97 -7.74
C GLN D 300 -37.95 -26.60 -6.53
N PHE D 301 -37.35 -25.85 -5.62
CA PHE D 301 -38.01 -25.46 -4.39
C PHE D 301 -39.20 -24.53 -4.61
N PHE D 302 -39.05 -23.51 -5.45
CA PHE D 302 -40.15 -22.59 -5.68
C PHE D 302 -41.25 -23.26 -6.52
N GLY D 303 -40.83 -24.12 -7.45
CA GLY D 303 -41.75 -24.82 -8.34
C GLY D 303 -42.10 -23.89 -9.48
N ASP D 304 -42.76 -22.79 -9.14
CA ASP D 304 -43.25 -21.86 -10.14
C ASP D 304 -43.40 -20.51 -9.49
N VAL D 305 -43.86 -19.50 -10.24
CA VAL D 305 -44.08 -18.18 -9.66
C VAL D 305 -45.07 -18.26 -8.50
N ALA D 306 -46.14 -19.05 -8.67
CA ALA D 306 -47.17 -19.25 -7.63
C ALA D 306 -46.58 -19.74 -6.29
N GLY D 307 -45.52 -20.56 -6.37
CA GLY D 307 -44.91 -21.16 -5.20
C GLY D 307 -43.97 -20.19 -4.54
N LEU D 308 -43.19 -19.49 -5.36
CA LEU D 308 -42.43 -18.33 -4.91
C LEU D 308 -43.29 -17.31 -4.13
N LYS D 309 -44.42 -16.89 -4.70
CA LYS D 309 -45.29 -15.92 -4.04
C LYS D 309 -45.91 -16.47 -2.75
N ALA D 310 -46.31 -17.76 -2.76
CA ALA D 310 -46.78 -18.44 -1.55
C ALA D 310 -45.74 -18.34 -0.43
N HIS D 311 -44.48 -18.58 -0.80
CA HIS D 311 -43.36 -18.56 0.12
C HIS D 311 -43.12 -17.15 0.63
N LEU D 313 -45.46 -14.96 1.07
CA LEU D 313 -46.54 -14.61 2.01
C LEU D 313 -46.33 -15.20 3.41
N LYS D 314 -45.60 -16.32 3.50
CA LYS D 314 -45.17 -16.87 4.80
C LYS D 314 -44.17 -15.94 5.49
N HIS D 315 -43.24 -15.36 4.72
CA HIS D 315 -42.32 -14.35 5.24
C HIS D 315 -43.14 -13.17 5.76
N ALA D 316 -44.05 -12.71 4.92
CA ALA D 316 -45.02 -11.68 5.30
C ALA D 316 -45.65 -11.95 6.65
N ALA D 317 -46.18 -13.17 6.84
CA ALA D 317 -46.86 -13.57 8.08
C ALA D 317 -45.96 -13.47 9.30
N SER D 318 -44.71 -13.91 9.13
CA SER D 318 -43.72 -13.91 10.20
C SER D 318 -43.32 -12.48 10.56
N LEU D 319 -43.19 -11.64 9.54
CA LEU D 319 -42.66 -10.28 9.71
C LEU D 319 -43.74 -9.30 10.11
N ALA D 320 -44.92 -9.38 9.49
CA ALA D 320 -45.99 -8.40 9.70
C ALA D 320 -46.31 -8.05 11.17
N PRO D 321 -46.40 -9.06 12.08
CA PRO D 321 -46.73 -8.71 13.48
C PRO D 321 -45.60 -7.89 14.13
N LYS D 322 -44.36 -8.13 13.71
CA LYS D 322 -43.21 -7.41 14.24
C LYS D 322 -43.23 -5.93 13.87
N PHE D 323 -43.53 -5.61 12.62
CA PHE D 323 -43.57 -4.22 12.18
C PHE D 323 -44.75 -3.49 12.80
N GLU D 324 -45.89 -4.16 12.90
CA GLU D 324 -47.12 -3.59 13.52
C GLU D 324 -46.90 -3.16 14.98
N ARG D 325 -46.40 -4.08 15.81
CA ARG D 325 -45.99 -3.78 17.19
C ARG D 325 -45.04 -2.59 17.29
N VAL D 326 -43.98 -2.62 16.48
CA VAL D 326 -43.00 -1.54 16.48
C VAL D 326 -43.68 -0.20 16.21
N LEU D 327 -44.51 -0.17 15.16
CA LEU D 327 -45.18 1.07 14.74
C LEU D 327 -46.17 1.58 15.77
N GLU D 328 -46.84 0.68 16.50
CA GLU D 328 -47.80 1.13 17.53
C GLU D 328 -47.09 1.74 18.74
N ILE D 329 -45.96 1.15 19.12
CA ILE D 329 -45.15 1.68 20.20
C ILE D 329 -44.56 3.03 19.80
N LEU D 330 -44.03 3.16 18.58
CA LEU D 330 -43.54 4.45 18.13
C LEU D 330 -44.64 5.51 18.30
N ASP D 331 -45.80 5.24 17.71
CA ASP D 331 -46.97 6.11 17.78
C ASP D 331 -47.34 6.41 19.24
N SER D 332 -47.70 5.37 20.00
CA SER D 332 -48.17 5.56 21.38
C SER D 332 -47.16 6.27 22.26
N ARG D 333 -45.87 5.98 22.08
CA ARG D 333 -44.83 6.50 22.97
C ARG D 333 -44.21 7.85 22.56
N LEU D 334 -44.22 8.16 21.27
CA LEU D 334 -43.55 9.36 20.73
C LEU D 334 -44.46 10.43 20.13
N SER D 335 -45.68 10.03 19.74
CA SER D 335 -46.53 10.88 18.89
C SER D 335 -46.82 12.26 19.41
N GLU D 336 -47.54 12.35 20.54
CA GLU D 336 -47.92 13.62 21.14
C GLU D 336 -46.74 14.58 21.35
N TYR D 337 -45.53 14.04 21.42
CA TYR D 337 -44.38 14.86 21.80
C TYR D 337 -43.81 15.79 20.73
N GLY D 338 -43.88 15.39 19.46
CA GLY D 338 -43.34 16.20 18.36
C GLY D 338 -41.83 16.17 18.47
N VAL D 339 -41.27 14.98 18.27
CA VAL D 339 -39.94 14.65 18.71
C VAL D 339 -39.33 13.74 17.63
N ALA D 340 -40.18 12.94 17.01
CA ALA D 340 -39.75 12.00 15.99
C ALA D 340 -40.74 11.91 14.85
N LYS D 341 -40.21 11.67 13.65
CA LYS D 341 -40.99 11.13 12.56
C LYS D 341 -40.34 9.83 12.11
N TRP D 342 -41.16 8.93 11.59
CA TRP D 342 -40.70 7.62 11.14
C TRP D 342 -41.46 7.14 9.91
N THR D 343 -40.87 6.20 9.19
CA THR D 343 -41.54 5.63 8.03
C THR D 343 -42.54 4.55 8.47
N SER D 344 -43.62 4.40 7.72
CA SER D 344 -44.55 3.31 7.94
C SER D 344 -44.49 2.39 6.73
N PRO D 345 -43.47 1.51 6.70
CA PRO D 345 -43.33 0.76 5.47
C PRO D 345 -44.39 -0.34 5.37
N THR D 346 -44.72 -0.69 4.14
CA THR D 346 -45.68 -1.73 3.87
C THR D 346 -44.94 -2.98 3.31
N GLY D 347 -43.63 -2.96 3.44
CA GLY D 347 -42.78 -4.03 2.92
C GLY D 347 -41.36 -3.71 3.30
N GLY D 348 -40.44 -4.60 2.93
CA GLY D 348 -39.06 -4.37 3.25
C GLY D 348 -38.71 -4.89 4.63
N TYR D 349 -37.59 -4.40 5.14
CA TYR D 349 -36.96 -4.94 6.33
C TYR D 349 -36.67 -3.88 7.37
N PHE D 350 -37.07 -2.63 7.09
CA PHE D 350 -36.67 -1.49 7.89
C PHE D 350 -37.72 -0.42 8.18
N ILE D 351 -37.45 0.28 9.28
CA ILE D 351 -38.08 1.57 9.60
C ILE D 351 -36.98 2.62 9.76
N SER D 352 -37.21 3.79 9.18
CA SER D 352 -36.27 4.91 9.25
C SER D 352 -36.87 5.94 10.17
N VAL D 353 -36.12 6.33 11.20
CA VAL D 353 -36.63 7.28 12.16
C VAL D 353 -35.78 8.53 12.10
N ASP D 354 -36.44 9.70 12.06
CA ASP D 354 -35.74 10.96 12.20
C ASP D 354 -36.10 11.58 13.55
N VAL D 355 -35.08 11.85 14.37
CA VAL D 355 -35.25 12.40 15.70
C VAL D 355 -34.91 13.89 15.75
N VAL D 356 -34.92 14.49 16.95
CA VAL D 356 -34.54 15.89 17.06
C VAL D 356 -33.16 16.02 16.43
N PRO D 357 -33.02 16.90 15.40
CA PRO D 357 -31.71 17.05 14.77
C PRO D 357 -30.62 17.40 15.78
N GLY D 358 -29.47 16.76 15.66
CA GLY D 358 -28.37 16.97 16.60
C GLY D 358 -28.33 15.98 17.75
N THR D 359 -29.29 15.06 17.78
CA THR D 359 -29.44 14.12 18.91
C THR D 359 -29.34 12.63 18.56
N ALA D 360 -29.40 12.30 17.28
CA ALA D 360 -29.35 10.89 16.85
C ALA D 360 -28.23 10.12 17.53
N SER D 361 -27.02 10.68 17.48
CA SER D 361 -25.86 10.14 18.19
C SER D 361 -26.09 9.91 19.69
N ARG D 362 -26.73 10.87 20.35
CA ARG D 362 -26.99 10.75 21.77
C ARG D 362 -28.03 9.65 22.07
N VAL D 363 -29.05 9.55 21.22
CA VAL D 363 -30.04 8.47 21.33
C VAL D 363 -29.38 7.09 21.28
N VAL D 364 -28.49 6.89 20.31
CA VAL D 364 -27.79 5.62 20.18
C VAL D 364 -26.92 5.34 21.43
N GLU D 365 -26.20 6.37 21.89
CA GLU D 365 -25.32 6.23 23.05
C GLU D 365 -26.16 5.94 24.30
N LEU D 366 -27.28 6.65 24.43
CA LEU D 366 -28.18 6.45 25.55
C LEU D 366 -28.78 5.03 25.57
N ALA D 367 -28.98 4.46 24.38
CA ALA D 367 -29.56 3.13 24.27
C ALA D 367 -28.50 2.11 24.66
N LYS D 368 -27.30 2.25 24.10
CA LYS D 368 -26.17 1.36 24.41
C LYS D 368 -25.99 1.26 25.94
N GLU D 369 -25.94 2.42 26.61
CA GLU D 369 -25.78 2.49 28.07
C GLU D 369 -26.92 1.85 28.84
N ALA D 370 -28.09 1.73 28.21
CA ALA D 370 -29.21 1.01 28.79
C ALA D 370 -29.35 -0.38 28.15
N GLY D 371 -28.28 -0.86 27.51
CA GLY D 371 -28.23 -2.21 26.99
C GLY D 371 -29.11 -2.50 25.78
N ILE D 372 -29.42 -1.47 25.01
CA ILE D 372 -30.06 -1.63 23.70
C ILE D 372 -29.13 -1.21 22.58
N ALA D 373 -28.91 -2.13 21.65
CA ALA D 373 -28.03 -1.86 20.52
C ALA D 373 -28.81 -1.36 19.31
N LEU D 374 -28.46 -0.13 18.92
CA LEU D 374 -29.04 0.60 17.79
C LEU D 374 -27.96 0.83 16.73
N THR D 375 -28.37 0.93 15.47
CA THR D 375 -27.42 1.16 14.41
C THR D 375 -26.80 2.56 14.55
N GLY D 376 -25.50 2.65 14.29
CA GLY D 376 -24.73 3.87 14.55
C GLY D 376 -25.37 4.97 13.73
N ALA D 377 -25.67 6.09 14.39
CA ALA D 377 -26.23 7.25 13.68
C ALA D 377 -25.41 7.59 12.43
N GLY D 378 -26.08 7.81 11.30
CA GLY D 378 -25.39 8.27 10.10
C GLY D 378 -24.96 7.13 9.20
N SER D 379 -25.19 5.90 9.65
CA SER D 379 -24.86 4.73 8.87
C SER D 379 -25.70 4.59 7.58
N SER D 380 -26.77 5.38 7.43
CA SER D 380 -27.51 5.36 6.17
C SER D 380 -26.96 6.36 5.16
N PHE D 381 -25.76 6.90 5.42
CA PHE D 381 -25.23 8.04 4.63
C PHE D 381 -23.81 7.77 4.14
N PRO D 382 -23.45 8.38 2.99
CA PRO D 382 -22.07 8.27 2.54
C PRO D 382 -21.13 8.77 3.60
N LEU D 383 -20.00 8.06 3.69
CA LEU D 383 -18.97 8.25 4.70
C LEU D 383 -19.52 8.22 6.14
N HIS D 384 -20.67 7.60 6.33
CA HIS D 384 -21.34 7.57 7.63
C HIS D 384 -21.62 8.95 8.22
N ASN D 385 -21.84 9.94 7.37
CA ASN D 385 -22.15 11.30 7.83
C ASN D 385 -23.55 11.81 7.54
N ASP D 386 -24.37 11.89 8.58
CA ASP D 386 -25.71 12.49 8.48
C ASP D 386 -25.56 13.95 8.88
N PRO D 387 -25.66 14.87 7.91
CA PRO D 387 -25.39 16.28 8.19
C PRO D 387 -26.25 16.91 9.29
N ASN D 388 -27.46 16.38 9.50
CA ASN D 388 -28.37 16.88 10.51
C ASN D 388 -28.38 16.10 11.83
N ASN D 389 -27.60 15.01 11.87
CA ASN D 389 -27.55 14.11 13.03
C ASN D 389 -28.95 13.77 13.58
N GLU D 390 -29.86 13.35 12.69
CA GLU D 390 -31.25 13.06 13.05
C GLU D 390 -31.73 11.61 12.83
N ASN D 391 -31.09 10.88 11.92
CA ASN D 391 -31.63 9.63 11.42
C ASN D 391 -31.11 8.39 12.16
N ILE D 392 -32.02 7.44 12.42
CA ILE D 392 -31.70 6.14 13.02
C ILE D 392 -32.51 5.07 12.28
N ARG D 393 -31.82 4.05 11.78
CA ARG D 393 -32.45 2.91 11.12
C ARG D 393 -32.84 1.88 12.20
N LEU D 394 -34.03 1.30 12.08
CA LEU D 394 -34.49 0.24 12.98
C LEU D 394 -34.62 -1.05 12.19
N ALA D 395 -34.18 -2.18 12.77
CA ALA D 395 -34.23 -3.46 12.06
C ALA D 395 -34.94 -4.56 12.87
N PRO D 396 -36.26 -4.71 12.67
CA PRO D 396 -37.12 -5.55 13.51
C PRO D 396 -37.37 -6.99 13.04
N SER D 397 -36.68 -7.44 11.99
CA SER D 397 -36.93 -8.77 11.42
C SER D 397 -36.55 -9.94 12.35
N LEU D 398 -35.42 -9.80 13.07
CA LEU D 398 -34.87 -10.91 13.84
C LEU D 398 -35.61 -11.16 15.18
N PRO D 399 -35.68 -10.15 16.06
CA PRO D 399 -36.17 -10.44 17.43
C PRO D 399 -37.63 -10.85 17.53
N PRO D 400 -37.97 -11.69 18.53
CA PRO D 400 -39.36 -11.97 18.89
C PRO D 400 -40.10 -10.70 19.30
N VAL D 401 -41.40 -10.70 19.08
CA VAL D 401 -42.20 -9.52 19.34
C VAL D 401 -42.06 -9.05 20.81
N ALA D 402 -41.95 -9.99 21.74
CA ALA D 402 -41.77 -9.66 23.17
C ALA D 402 -40.51 -8.82 23.40
N GLU D 403 -39.42 -9.15 22.73
CA GLU D 403 -38.17 -8.38 22.80
C GLU D 403 -38.33 -7.00 22.12
N LEU D 404 -38.98 -7.01 20.95
CA LEU D 404 -39.24 -5.78 20.20
C LEU D 404 -40.00 -4.79 21.04
N GLU D 405 -40.98 -5.27 21.79
CA GLU D 405 -41.75 -4.42 22.69
C GLU D 405 -40.88 -3.70 23.70
N VAL D 406 -39.95 -4.42 24.29
CA VAL D 406 -39.11 -3.86 25.36
C VAL D 406 -38.10 -2.91 24.75
N ALA D 407 -37.34 -3.40 23.75
CA ALA D 407 -36.41 -2.60 22.98
C ALA D 407 -37.02 -1.32 22.43
N ASP D 409 -39.87 0.24 23.55
CA ASP D 409 -40.16 1.07 24.73
C ASP D 409 -38.95 1.91 25.06
N GLY D 410 -37.78 1.26 25.10
CA GLY D 410 -36.57 1.90 25.57
C GLY D 410 -36.09 2.89 24.55
N PHE D 411 -36.13 2.48 23.29
CA PHE D 411 -35.75 3.37 22.18
C PHE D 411 -36.51 4.68 22.30
N ALA D 412 -37.83 4.60 22.42
CA ALA D 412 -38.72 5.75 22.73
C ALA D 412 -38.31 6.56 23.97
N THR D 413 -37.87 5.88 25.02
CA THR D 413 -37.36 6.57 26.21
C THR D 413 -36.07 7.33 25.89
N CYS D 414 -35.17 6.69 25.15
CA CYS D 414 -33.90 7.28 24.76
C CYS D 414 -34.11 8.51 23.86
N VAL D 415 -35.06 8.38 22.93
CA VAL D 415 -35.39 9.45 22.00
C VAL D 415 -35.81 10.67 22.79
N LEU D 416 -36.64 10.45 23.81
CA LEU D 416 -37.19 11.54 24.63
C LEU D 416 -36.13 12.15 25.57
N ALA D 418 -32.86 12.24 25.07
CA ALA D 418 -31.98 13.04 24.20
C ALA D 418 -32.59 14.40 23.87
N ALA D 419 -33.87 14.36 23.52
CA ALA D 419 -34.69 15.53 23.22
C ALA D 419 -34.76 16.52 24.37
N LEU D 420 -34.72 16.02 25.60
CA LEU D 420 -34.94 16.82 26.80
C LEU D 420 -33.64 17.17 27.52
N GLU D 421 -32.53 16.96 26.83
CA GLU D 421 -31.20 17.23 27.36
C GLU D 421 -30.55 18.47 26.74
N VAL D 422 -31.35 19.29 26.07
CA VAL D 422 -30.82 20.44 25.32
C VAL D 422 -31.65 21.73 25.49
#